data_6XSK
#
_entry.id   6XSK
#
_cell.length_a   1.00
_cell.length_b   1.00
_cell.length_c   1.00
_cell.angle_alpha   90.00
_cell.angle_beta   90.00
_cell.angle_gamma   90.00
#
_symmetry.space_group_name_H-M   'P 1'
#
loop_
_entity.id
_entity.type
_entity.pdbx_description
1 polymer '789-203-3C12 Fab Light Chain'
2 polymer '789-203-3C12 Fab Heavy Chain'
3 polymer 'Hemagglutinin HA1 chain'
4 polymer 'Hemagglutinin HA2 chain'
5 branched beta-D-mannopyranose-(1-4)-2-acetamido-2-deoxy-beta-D-glucopyranose-(1-4)-2-acetamido-2-deoxy-beta-D-glucopyranose
6 branched 2-acetamido-2-deoxy-beta-D-glucopyranose-(1-4)-2-acetamido-2-deoxy-beta-D-glucopyranose
7 non-polymer 2-acetamido-2-deoxy-beta-D-glucopyranose
#
loop_
_entity_poly.entity_id
_entity_poly.type
_entity_poly.pdbx_seq_one_letter_code
_entity_poly.pdbx_strand_id
1 'polypeptide(L)'
;DIQMTQSPSSLSASVGDTVTITCRASQSISSWLAWYQQKPGKAPNLLIYRASTLQSGVPSRFSGSGSGTDFTLTISSLQS
EDFATYFCQQSTSSPFTFGPGTKLDIKRTVAAPSVFIFPPSDEQLKSGTASVVCLLNNFYPREAKVQWKVDNALQSGNSQ
ESVTEQDSKDSTYSLSSTLTLSKADYEKHKVYACEVTHQGLSSPVTKSFNRGEC
;
L,J,K
2 'polypeptide(L)'
;QVQLQESGPGLVKPSEILSLTCAVSGGSFSSYCWGWIRQPPGKGLEWIGSICGSGGSNYLNPSLKSRVTLSVDTSKNQFS
LILNSVTAADTAVYYCAREGITIFGVVIPRVLDSWGQGAVVTVSSASTKGPSVFPLAPSSKSTSGGTAALGCLVKDYFPE
PVTVSWNSGALTSGVHTFPAVLQSSGLYSLSSVVTVPSSSLGTQTYICNVNHKPSNTKVDKKVEPKSCDKTHTCPPCPAP
ELLGGPSVFLFPPKPKDTLMISRTPEVTCVVVDVSHEDPEVKFNWYVDGVEVHNAKTKPREEQYNSTYRVVSVLTVLHQD
WLNGKEYKCKVSNKALPAPIEKTISKAKGQPREPQVYTLPPSRDELTKNQVSLTCLVKGFYPSDIAVEWESNGQPENNYK
TTPPVLDSDGSFFLYSKLTVDKSRWQQGNVFSCSVMHEALHNHYTQKSLSLSPGK
;
H,G,I
3 'polypeptide(L)'
;MKVKLLVLLCTFTATYADTICIGYHANNSTDTVDTVCEKNVTVTHSVNLLEDSHNGKLCLLKGIAPLQLGNCSVAGWILG
NPECELLISRESWSYIVEKPNPENGTCYPGHFADYEELREQLSSVSSFERFEIFPKESSWPNHTTTGVSASCSHNGESSF
YKNLLWLTGKNGLYPNLSKSYANNKEKEVLVLWGVHHPPNIGDQRALYHKENAYVSVVSSHYSRKFTPEIAKRPKVRDQE
GRINYYWTLLEPGDTIIFEANGNLIAPRYAFALSRGFGSGIINSNAPMDECDAKCQTPQGAINSSLPFQNVHPVTIGECP
KYVRSAKLRMVTGLRNIPSIQSR
;
A,C,E
4 'polypeptide(L)'
;GLFGAIAGFIEGGWTGMVDGWYGYHHQNEQGSGYAADQKSTQNAINCITNKVNSVIEKMNTQFTAVGKEFNKLERRMENL
NKKVDDGFIDIWTYNAELLVLLENERTLDFHDSNVKNLYEKVKSQLKNNAKEIGNGCFEFYHKCNDECMESVKNGTYDYP
KYSEESKLNREKIDGVSGRLVPRGSPGSGYIPEAPRDGQAYVRKDGEWVLLSTFLGHHHHHH
;
B,D,F
#
# COMPACT_ATOMS: atom_id res chain seq x y z
N ASP A 1 35.07 30.47 8.99
CA ASP A 1 36.27 29.66 9.16
C ASP A 1 35.96 28.39 9.94
N ILE A 2 36.45 27.27 9.45
CA ILE A 2 36.26 25.96 10.08
C ILE A 2 37.60 25.46 10.58
N GLN A 3 37.73 25.30 11.88
CA GLN A 3 38.98 24.82 12.47
C GLN A 3 39.13 23.32 12.21
N MET A 4 40.34 22.91 11.85
CA MET A 4 40.64 21.53 11.49
C MET A 4 41.68 20.96 12.44
N THR A 5 41.38 19.80 13.01
CA THR A 5 42.32 19.08 13.87
C THR A 5 42.32 17.60 13.50
N GLN A 6 43.51 17.01 13.42
CA GLN A 6 43.67 15.58 13.19
C GLN A 6 44.51 14.97 14.31
N SER A 7 44.06 13.84 14.84
CA SER A 7 44.76 13.15 15.90
C SER A 7 44.87 11.66 15.56
N PRO A 8 46.03 11.03 15.82
CA PRO A 8 47.26 11.62 16.34
C PRO A 8 48.09 12.31 15.27
N SER A 9 49.11 13.06 15.68
CA SER A 9 49.99 13.72 14.71
C SER A 9 50.83 12.70 13.95
N SER A 10 51.36 11.70 14.65
CA SER A 10 52.17 10.66 14.03
C SER A 10 51.76 9.31 14.60
N LEU A 11 51.61 8.32 13.72
CA LEU A 11 51.25 6.97 14.11
C LEU A 11 52.03 5.99 13.25
N SER A 12 52.52 4.91 13.86
CA SER A 12 53.22 3.85 13.16
C SER A 12 52.62 2.52 13.52
N ALA A 13 52.44 1.64 12.52
CA ALA A 13 51.87 0.33 12.74
C ALA A 13 52.43 -0.64 11.69
N SER A 14 52.39 -1.92 12.03
CA SER A 14 52.88 -2.95 11.11
C SER A 14 51.86 -3.21 10.01
N VAL A 15 52.32 -3.92 8.97
CA VAL A 15 51.43 -4.27 7.87
C VAL A 15 50.45 -5.34 8.32
N GLY A 16 49.28 -5.36 7.70
CA GLY A 16 48.24 -6.31 8.04
C GLY A 16 47.49 -6.01 9.33
N ASP A 17 47.67 -4.83 9.91
CA ASP A 17 47.01 -4.45 11.15
C ASP A 17 45.95 -3.40 10.88
N THR A 18 44.78 -3.57 11.50
CA THR A 18 43.74 -2.56 11.40
C THR A 18 44.15 -1.29 12.15
N VAL A 19 43.70 -0.15 11.64
CA VAL A 19 44.06 1.15 12.21
C VAL A 19 42.93 2.13 11.91
N THR A 20 42.58 2.96 12.89
CA THR A 20 41.57 3.99 12.73
C THR A 20 42.26 5.36 12.86
N ILE A 21 42.09 6.20 11.85
CA ILE A 21 42.57 7.58 11.87
C ILE A 21 41.38 8.51 12.02
N THR A 22 41.50 9.47 12.93
CA THR A 22 40.40 10.35 13.30
C THR A 22 40.73 11.79 12.93
N CYS A 23 39.82 12.43 12.20
CA CYS A 23 39.86 13.87 11.97
C CYS A 23 38.63 14.50 12.62
N ARG A 24 38.78 15.70 13.18
CA ARG A 24 37.64 16.31 13.91
C ARG A 24 37.48 17.78 13.53
N ALA A 25 36.23 18.24 13.41
CA ALA A 25 35.97 19.66 13.04
C ALA A 25 35.12 20.33 14.12
N SER A 26 35.49 21.55 14.52
CA SER A 26 34.77 22.24 15.62
C SER A 26 33.31 22.50 15.27
N GLN A 27 33.05 23.00 14.06
CA GLN A 27 31.67 23.33 13.65
C GLN A 27 30.96 22.07 13.12
N SER A 28 29.64 22.13 12.94
CA SER A 28 28.92 20.98 12.35
C SER A 28 29.01 21.04 10.82
N ILE A 29 29.61 20.01 10.20
CA ILE A 29 29.77 19.98 8.72
C ILE A 29 28.82 18.91 8.16
N SER A 30 27.88 18.46 8.99
CA SER A 30 26.93 17.41 8.56
C SER A 30 27.72 16.18 8.12
N SER A 31 27.40 15.62 6.95
CA SER A 31 28.08 14.38 6.49
C SER A 31 29.06 14.69 5.37
N TRP A 32 29.32 15.98 5.09
CA TRP A 32 30.17 16.29 3.90
C TRP A 32 31.64 16.49 4.29
N LEU A 33 32.45 15.42 4.20
CA LEU A 33 33.91 15.47 4.51
C LEU A 33 34.63 14.81 3.33
N ALA A 34 35.98 14.79 3.29
CA ALA A 34 36.70 14.06 2.22
C ALA A 34 38.05 13.53 2.73
N TRP A 35 38.63 12.55 2.04
CA TRP A 35 39.90 11.93 2.53
C TRP A 35 40.93 11.82 1.40
N TYR A 36 42.15 12.34 1.60
CA TYR A 36 43.22 12.25 0.62
C TYR A 36 44.46 11.64 1.26
N GLN A 37 45.07 10.67 0.57
CA GLN A 37 46.40 10.17 0.91
C GLN A 37 47.40 10.77 -0.06
N GLN A 38 48.60 11.04 0.42
CA GLN A 38 49.63 11.68 -0.40
C GLN A 38 50.93 10.91 -0.27
N LYS A 39 51.34 10.27 -1.36
CA LYS A 39 52.70 9.73 -1.46
C LYS A 39 53.70 10.88 -1.40
N PRO A 40 54.87 10.66 -0.80
CA PRO A 40 55.87 11.74 -0.72
C PRO A 40 56.39 12.14 -2.10
N GLY A 41 56.17 13.41 -2.43
CA GLY A 41 56.57 13.93 -3.72
C GLY A 41 55.58 13.73 -4.84
N LYS A 42 54.38 13.21 -4.55
CA LYS A 42 53.36 12.98 -5.56
C LYS A 42 52.06 13.67 -5.15
N ALA A 43 51.20 13.89 -6.14
CA ALA A 43 49.94 14.55 -5.90
C ALA A 43 49.00 13.63 -5.13
N PRO A 44 48.16 14.17 -4.24
CA PRO A 44 47.24 13.33 -3.48
C PRO A 44 46.11 12.78 -4.33
N ASN A 45 45.52 11.68 -3.85
CA ASN A 45 44.41 11.02 -4.53
C ASN A 45 43.23 10.89 -3.57
N LEU A 46 42.03 10.85 -4.14
CA LEU A 46 40.81 10.85 -3.33
C LEU A 46 40.51 9.45 -2.84
N LEU A 47 40.11 9.34 -1.57
CA LEU A 47 39.71 8.06 -0.99
C LEU A 47 38.20 7.95 -0.85
N ILE A 48 37.61 8.83 -0.05
CA ILE A 48 36.20 8.77 0.32
C ILE A 48 35.62 10.17 0.17
N TYR A 49 34.52 10.28 -0.55
CA TYR A 49 33.77 11.53 -0.63
C TYR A 49 32.44 11.33 0.08
N ARG A 50 31.94 12.37 0.78
CA ARG A 50 30.65 12.29 1.54
C ARG A 50 30.78 11.39 2.75
N ALA A 51 31.99 11.02 3.15
CA ALA A 51 32.29 10.28 4.37
C ALA A 51 31.71 8.86 4.42
N SER A 52 30.95 8.42 3.41
CA SER A 52 30.39 7.08 3.43
C SER A 52 30.44 6.37 2.10
N THR A 53 30.92 6.99 1.02
CA THR A 53 30.89 6.40 -0.31
C THR A 53 32.31 6.18 -0.81
N LEU A 54 32.49 5.09 -1.56
CA LEU A 54 33.80 4.68 -2.07
C LEU A 54 33.95 5.14 -3.51
N GLN A 55 35.08 5.79 -3.79
CA GLN A 55 35.38 6.24 -5.14
C GLN A 55 35.75 5.06 -6.03
N SER A 56 35.28 5.09 -7.28
CA SER A 56 35.65 4.06 -8.25
C SER A 56 37.14 4.11 -8.54
N GLY A 57 37.74 2.94 -8.73
CA GLY A 57 39.17 2.82 -8.89
C GLY A 57 39.95 2.80 -7.60
N VAL A 58 39.27 2.75 -6.46
CA VAL A 58 39.89 2.73 -5.14
C VAL A 58 39.54 1.41 -4.46
N PRO A 59 40.48 0.74 -3.80
CA PRO A 59 40.16 -0.54 -3.16
C PRO A 59 39.16 -0.38 -2.02
N SER A 60 38.53 -1.50 -1.65
CA SER A 60 37.46 -1.52 -0.67
C SER A 60 37.95 -1.65 0.76
N ARG A 61 39.27 -1.68 0.99
CA ARG A 61 39.79 -1.83 2.34
C ARG A 61 39.59 -0.56 3.16
N PHE A 62 39.35 0.58 2.51
CA PHE A 62 39.10 1.82 3.21
C PHE A 62 37.63 1.99 3.52
N SER A 63 37.32 2.36 4.76
CA SER A 63 35.95 2.57 5.19
C SER A 63 35.88 3.77 6.13
N GLY A 64 34.92 4.64 5.85
CA GLY A 64 34.74 5.84 6.66
C GLY A 64 33.42 5.85 7.40
N SER A 65 33.43 6.38 8.63
CA SER A 65 32.25 6.38 9.46
C SER A 65 32.26 7.60 10.37
N GLY A 66 31.10 7.90 10.94
CA GLY A 66 30.95 9.00 11.87
C GLY A 66 29.96 10.03 11.36
N SER A 67 29.64 10.96 12.26
CA SER A 67 28.75 12.08 11.94
C SER A 67 29.00 13.20 12.94
N GLY A 68 28.58 14.40 12.57
CA GLY A 68 28.68 15.52 13.48
C GLY A 68 30.09 16.05 13.58
N THR A 69 30.56 16.24 14.81
CA THR A 69 31.88 16.82 15.02
C THR A 69 33.00 15.82 14.75
N ASP A 70 32.82 14.57 15.17
CA ASP A 70 33.86 13.56 15.10
C ASP A 70 33.68 12.69 13.87
N PHE A 71 34.80 12.20 13.32
CA PHE A 71 34.80 11.39 12.12
C PHE A 71 36.01 10.46 12.16
N THR A 72 35.83 9.25 11.62
CA THR A 72 36.88 8.24 11.63
C THR A 72 37.02 7.61 10.26
N LEU A 73 38.26 7.31 9.87
CA LEU A 73 38.57 6.47 8.73
C LEU A 73 39.29 5.23 9.22
N THR A 74 38.85 4.07 8.76
CA THR A 74 39.33 2.78 9.27
C THR A 74 39.89 1.95 8.12
N ILE A 75 41.07 1.37 8.33
CA ILE A 75 41.69 0.49 7.36
C ILE A 75 41.48 -0.95 7.82
N SER A 76 40.90 -1.78 6.94
CA SER A 76 40.66 -3.17 7.29
C SER A 76 41.96 -3.97 7.35
N SER A 77 42.81 -3.82 6.34
CA SER A 77 44.09 -4.52 6.28
C SER A 77 45.13 -3.58 5.70
N LEU A 78 46.16 -3.30 6.50
CA LEU A 78 47.17 -2.31 6.10
C LEU A 78 48.25 -2.98 5.27
N GLN A 79 48.60 -2.34 4.15
CA GLN A 79 49.64 -2.82 3.25
C GLN A 79 50.68 -1.72 3.05
N SER A 80 51.71 -2.06 2.27
CA SER A 80 52.88 -1.18 2.14
C SER A 80 52.54 0.09 1.36
N GLU A 81 51.56 0.00 0.45
CA GLU A 81 51.21 1.14 -0.40
C GLU A 81 50.33 2.16 0.31
N ASP A 82 49.92 1.88 1.55
CA ASP A 82 49.14 2.83 2.34
C ASP A 82 50.00 3.70 3.24
N PHE A 83 51.33 3.54 3.19
CA PHE A 83 52.26 4.34 3.99
C PHE A 83 52.31 5.74 3.40
N ALA A 84 51.46 6.63 3.91
CA ALA A 84 51.37 7.99 3.41
C ALA A 84 50.71 8.87 4.45
N THR A 85 50.85 10.18 4.27
CA THR A 85 50.13 11.13 5.09
C THR A 85 48.67 11.21 4.63
N TYR A 86 47.78 11.57 5.56
CA TYR A 86 46.35 11.58 5.29
C TYR A 86 45.76 12.93 5.63
N PHE A 87 44.81 13.38 4.81
CA PHE A 87 44.21 14.70 4.95
C PHE A 87 42.70 14.58 5.13
N CYS A 88 42.14 15.54 5.85
CA CYS A 88 40.70 15.61 6.11
C CYS A 88 40.19 16.98 5.69
N GLN A 89 39.00 17.06 5.07
CA GLN A 89 38.60 18.37 4.49
C GLN A 89 37.13 18.73 4.73
N GLN A 90 36.84 20.01 4.94
CA GLN A 90 35.43 20.44 5.07
C GLN A 90 35.00 20.97 3.70
N SER A 91 33.77 20.64 3.27
CA SER A 91 33.29 21.10 1.96
C SER A 91 32.05 22.00 2.07
N THR A 92 31.66 22.40 3.28
CA THR A 92 30.41 23.18 3.41
C THR A 92 30.66 24.69 3.39
N SER A 93 31.91 25.14 3.51
CA SER A 93 32.12 26.61 3.62
C SER A 93 33.50 27.03 3.12
N SER A 94 33.60 28.32 2.77
CA SER A 94 34.87 28.91 2.31
C SER A 94 35.54 29.64 3.49
N PRO A 95 36.90 29.60 3.71
CA PRO A 95 37.77 28.77 2.91
C PRO A 95 37.52 27.29 3.21
N PHE A 96 37.67 26.43 2.21
CA PHE A 96 37.50 24.98 2.44
C PHE A 96 38.84 24.47 2.96
N THR A 97 39.10 24.70 4.26
CA THR A 97 40.43 24.36 4.82
C THR A 97 40.69 22.86 4.77
N PHE A 98 41.91 22.47 4.42
CA PHE A 98 42.27 21.03 4.45
C PHE A 98 42.76 20.73 5.86
N GLY A 99 43.09 19.46 6.13
CA GLY A 99 43.57 19.05 7.46
C GLY A 99 45.07 19.23 7.62
N PRO A 100 45.61 19.23 8.86
CA PRO A 100 47.05 19.32 9.08
C PRO A 100 47.80 18.14 8.45
N GLY A 101 47.24 16.93 8.54
CA GLY A 101 47.90 15.73 8.00
C GLY A 101 48.42 14.83 9.11
N THR A 102 48.42 13.51 8.87
CA THR A 102 48.92 12.54 9.89
C THR A 102 49.94 11.62 9.21
N LYS A 103 51.09 11.39 9.84
CA LYS A 103 52.15 10.59 9.16
C LYS A 103 51.97 9.10 9.45
N LEU A 104 52.52 8.24 8.60
CA LEU A 104 52.45 6.80 8.80
C LEU A 104 53.79 6.19 8.46
N ASP A 105 54.30 5.32 9.33
CA ASP A 105 55.66 4.81 9.23
C ASP A 105 55.66 3.30 9.49
N ILE A 106 56.68 2.64 8.95
CA ILE A 106 56.85 1.20 9.14
C ILE A 106 57.11 0.89 10.60
N LYS A 107 56.36 -0.06 11.16
CA LYS A 107 56.58 -0.50 12.53
C LYS A 107 56.41 -2.00 12.65
N GLN B 1 39.04 9.75 -18.20
CA GLN B 1 40.10 10.33 -17.36
C GLN B 1 40.83 11.40 -18.15
N VAL B 2 41.19 12.48 -17.48
CA VAL B 2 41.88 13.62 -18.10
C VAL B 2 43.23 13.79 -17.45
N GLN B 3 44.23 14.15 -18.26
CA GLN B 3 45.58 14.41 -17.79
C GLN B 3 45.81 15.91 -17.74
N LEU B 4 46.34 16.39 -16.62
CA LEU B 4 46.56 17.82 -16.41
C LEU B 4 48.05 18.11 -16.41
N GLN B 5 48.48 19.00 -17.30
CA GLN B 5 49.86 19.43 -17.39
C GLN B 5 49.93 20.92 -17.10
N GLU B 6 50.84 21.31 -16.22
CA GLU B 6 50.99 22.70 -15.79
C GLU B 6 52.38 23.19 -16.16
N SER B 7 52.47 24.45 -16.57
CA SER B 7 53.73 25.07 -16.97
C SER B 7 53.98 26.28 -16.08
N GLY B 8 55.16 26.33 -15.46
CA GLY B 8 55.54 27.44 -14.62
C GLY B 8 57.00 27.80 -14.81
N PRO B 9 57.36 29.06 -14.57
CA PRO B 9 58.77 29.46 -14.67
C PRO B 9 59.68 28.78 -13.66
N GLY B 10 59.19 28.53 -12.46
CA GLY B 10 59.96 27.87 -11.43
C GLY B 10 60.83 28.79 -10.59
N LEU B 11 61.05 30.01 -11.05
CA LEU B 11 61.86 30.98 -10.31
C LEU B 11 61.25 32.36 -10.51
N VAL B 12 61.22 33.16 -9.45
CA VAL B 12 60.62 34.49 -9.49
C VAL B 12 61.26 35.36 -8.41
N LYS B 13 61.61 36.58 -8.77
CA LYS B 13 62.06 37.55 -7.77
C LYS B 13 60.84 38.18 -7.11
N PRO B 14 60.97 38.75 -5.91
CA PRO B 14 59.80 39.30 -5.22
C PRO B 14 59.19 40.50 -5.95
N SER B 15 57.87 40.65 -5.77
CA SER B 15 57.10 41.85 -6.15
C SER B 15 57.06 42.10 -7.66
N GLU B 16 56.54 41.12 -8.41
CA GLU B 16 55.99 41.36 -9.74
C GLU B 16 54.90 40.35 -10.03
N ILE B 17 54.42 40.36 -11.28
CA ILE B 17 53.36 39.45 -11.71
C ILE B 17 53.91 38.03 -11.74
N LEU B 18 53.21 37.12 -11.07
CA LEU B 18 53.51 35.69 -11.13
C LEU B 18 52.37 34.98 -11.84
N SER B 19 52.65 34.40 -13.01
CA SER B 19 51.64 33.78 -13.84
C SER B 19 52.03 32.33 -14.12
N LEU B 20 51.06 31.43 -13.95
CA LEU B 20 51.24 30.02 -14.26
C LEU B 20 50.01 29.53 -15.01
N THR B 21 50.20 28.55 -15.89
CA THR B 21 49.13 28.00 -16.70
C THR B 21 48.97 26.52 -16.43
N CYS B 22 47.86 25.96 -16.93
CA CYS B 22 47.59 24.54 -16.80
C CYS B 22 46.78 24.10 -18.02
N ALA B 23 47.28 23.10 -18.74
CA ALA B 23 46.64 22.60 -19.94
C ALA B 23 45.92 21.29 -19.64
N VAL B 24 44.77 21.10 -20.28
CA VAL B 24 43.94 19.92 -20.11
C VAL B 24 43.83 19.19 -21.45
N SER B 25 44.00 17.86 -21.39
CA SER B 25 43.86 17.02 -22.57
C SER B 25 42.79 15.96 -22.30
N GLY B 26 41.94 15.73 -23.28
CA GLY B 26 40.86 14.78 -23.14
C GLY B 26 39.62 15.30 -22.46
N GLY B 27 39.56 16.61 -22.19
CA GLY B 27 38.41 17.19 -21.54
C GLY B 27 38.17 18.61 -22.02
N SER B 28 36.99 19.12 -21.68
CA SER B 28 36.58 20.46 -22.07
C SER B 28 36.11 21.24 -20.85
N PHE B 29 35.82 22.52 -21.06
CA PHE B 29 35.35 23.39 -19.98
C PHE B 29 33.82 23.40 -19.93
N SER B 30 33.25 22.20 -19.87
CA SER B 30 31.81 22.02 -19.91
C SER B 30 31.36 21.22 -18.70
N SER B 31 30.62 21.88 -17.80
CA SER B 31 29.93 21.31 -16.65
C SER B 31 30.88 20.70 -15.61
N TYR B 32 32.19 20.93 -15.74
CA TYR B 32 33.16 20.45 -14.77
C TYR B 32 33.98 21.63 -14.28
N CYS B 33 34.08 21.76 -12.96
CA CYS B 33 34.75 22.92 -12.37
C CYS B 33 36.25 22.65 -12.30
N TRP B 34 37.03 23.71 -12.10
CA TRP B 34 38.49 23.62 -12.07
C TRP B 34 39.06 24.46 -10.93
N GLY B 35 40.13 23.98 -10.31
CA GLY B 35 40.69 24.66 -9.15
C GLY B 35 42.20 24.58 -9.11
N TRP B 36 42.77 25.50 -8.33
CA TRP B 36 44.20 25.55 -8.05
C TRP B 36 44.42 25.27 -6.56
N ILE B 37 45.32 24.34 -6.26
CA ILE B 37 45.68 23.99 -4.89
C ILE B 37 47.17 24.20 -4.73
N ARG B 38 47.58 24.89 -3.67
CA ARG B 38 48.98 25.18 -3.43
C ARG B 38 49.41 24.60 -2.09
N GLN B 39 50.68 24.20 -2.02
CA GLN B 39 51.19 23.54 -0.80
C GLN B 39 52.58 24.10 -0.43
N PRO B 40 52.74 25.03 0.53
CA PRO B 40 54.08 25.44 0.98
C PRO B 40 54.83 24.27 1.59
N PRO B 41 56.15 24.23 1.44
CA PRO B 41 56.92 23.10 1.97
C PRO B 41 56.94 23.07 3.49
N GLY B 42 56.64 21.90 4.04
CA GLY B 42 56.51 21.75 5.47
C GLY B 42 55.17 22.18 6.03
N LYS B 43 54.26 22.64 5.18
CA LYS B 43 52.92 23.05 5.57
C LYS B 43 51.90 22.27 4.76
N GLY B 44 50.63 22.53 5.05
CA GLY B 44 49.56 21.81 4.39
C GLY B 44 49.19 22.36 3.02
N LEU B 45 48.23 21.65 2.42
CA LEU B 45 47.69 22.10 1.12
C LEU B 45 46.85 23.35 1.40
N GLU B 46 46.72 24.20 0.39
CA GLU B 46 45.92 25.42 0.50
C GLU B 46 45.12 25.63 -0.78
N TRP B 47 43.86 26.04 -0.61
CA TRP B 47 42.97 26.33 -1.74
C TRP B 47 43.01 27.84 -1.98
N ILE B 48 43.44 28.23 -3.18
CA ILE B 48 43.60 29.65 -3.49
C ILE B 48 42.38 30.18 -4.23
N GLY B 49 41.66 29.31 -4.93
CA GLY B 49 40.52 29.73 -5.71
C GLY B 49 40.19 28.71 -6.78
N SER B 50 39.17 29.03 -7.58
CA SER B 50 38.65 28.10 -8.56
C SER B 50 37.96 28.82 -9.70
N ILE B 51 37.83 28.11 -10.82
CA ILE B 51 37.10 28.57 -12.01
C ILE B 51 36.19 27.43 -12.47
N CYS B 52 34.96 27.78 -12.84
CA CYS B 52 34.01 26.75 -13.25
C CYS B 52 33.16 27.24 -14.40
N GLY B 53 32.58 26.27 -15.14
CA GLY B 53 31.73 26.58 -16.31
C GLY B 53 32.57 27.16 -17.41
N SER B 54 31.93 27.66 -18.46
CA SER B 54 32.72 28.34 -19.51
C SER B 54 33.37 29.56 -18.88
N GLY B 55 32.63 30.28 -18.03
CA GLY B 55 33.15 31.53 -17.48
C GLY B 55 32.46 31.95 -16.20
N GLY B 56 32.95 33.03 -15.57
CA GLY B 56 32.34 33.53 -14.32
C GLY B 56 32.43 32.50 -13.22
N SER B 57 31.33 32.24 -12.53
CA SER B 57 31.38 31.31 -11.37
C SER B 57 32.65 31.58 -10.57
N ASN B 58 32.89 32.84 -10.19
CA ASN B 58 34.12 33.16 -9.48
C ASN B 58 33.82 33.38 -8.01
N TYR B 59 34.42 32.59 -7.17
CA TYR B 59 34.53 32.89 -5.74
C TYR B 59 35.91 32.43 -5.30
N LEU B 60 36.61 33.27 -4.56
CA LEU B 60 38.03 33.09 -4.29
C LEU B 60 38.24 32.90 -2.79
N ASN B 61 39.51 32.68 -2.42
CA ASN B 61 39.87 32.61 -1.02
C ASN B 61 39.80 34.02 -0.42
N PRO B 62 38.98 34.24 0.61
CA PRO B 62 38.85 35.60 1.17
C PRO B 62 40.13 36.14 1.79
N SER B 63 41.04 35.26 2.23
CA SER B 63 42.29 35.73 2.80
C SER B 63 43.21 36.30 1.73
N LEU B 64 43.14 35.76 0.52
CA LEU B 64 44.04 36.16 -0.56
C LEU B 64 43.29 36.67 -1.79
N LYS B 65 42.15 37.34 -1.57
CA LYS B 65 41.23 37.60 -2.69
C LYS B 65 41.72 38.73 -3.58
N SER B 66 42.36 39.75 -3.00
CA SER B 66 42.64 40.98 -3.74
C SER B 66 43.72 40.77 -4.79
N ARG B 67 44.77 40.02 -4.45
CA ARG B 67 45.94 39.95 -5.31
C ARG B 67 45.76 38.95 -6.44
N VAL B 68 44.91 37.94 -6.25
CA VAL B 68 44.78 36.87 -7.24
C VAL B 68 43.82 37.29 -8.35
N THR B 69 43.96 36.62 -9.50
CA THR B 69 43.08 36.82 -10.65
C THR B 69 43.08 35.55 -11.48
N LEU B 70 41.88 35.05 -11.79
CA LEU B 70 41.71 33.82 -12.55
C LEU B 70 40.97 34.10 -13.85
N SER B 71 41.31 33.35 -14.89
CA SER B 71 40.68 33.49 -16.20
C SER B 71 40.85 32.20 -16.98
N VAL B 72 40.05 32.06 -18.04
CA VAL B 72 40.09 30.88 -18.91
C VAL B 72 40.05 31.33 -20.36
N ASP B 73 40.52 30.45 -21.24
CA ASP B 73 40.31 30.58 -22.68
C ASP B 73 39.92 29.22 -23.27
N THR B 74 38.75 29.19 -23.94
CA THR B 74 38.21 27.92 -24.41
C THR B 74 38.92 27.45 -25.68
N SER B 75 39.39 28.40 -26.51
CA SER B 75 40.03 28.05 -27.77
C SER B 75 41.34 27.32 -27.54
N LYS B 76 42.15 27.80 -26.58
CA LYS B 76 43.42 27.15 -26.30
C LYS B 76 43.28 26.00 -25.31
N ASN B 77 42.08 25.81 -24.74
CA ASN B 77 41.78 24.74 -23.78
C ASN B 77 42.72 24.79 -22.57
N GLN B 78 42.92 25.98 -22.03
CA GLN B 78 43.81 26.19 -20.90
C GLN B 78 43.17 27.10 -19.88
N PHE B 79 43.64 27.02 -18.64
CA PHE B 79 43.23 27.90 -17.57
C PHE B 79 44.45 28.31 -16.75
N SER B 80 44.52 29.59 -16.41
CA SER B 80 45.73 30.19 -15.87
C SER B 80 45.40 31.01 -14.63
N LEU B 81 46.41 31.21 -13.80
CA LEU B 81 46.30 31.99 -12.59
C LEU B 81 47.22 33.20 -12.67
N ILE B 82 46.76 34.33 -12.18
CA ILE B 82 47.54 35.57 -12.15
C ILE B 82 47.73 35.98 -10.69
N LEU B 83 48.99 36.14 -10.29
CA LEU B 83 49.34 36.49 -8.92
C LEU B 83 50.32 37.66 -8.95
N ASN B 84 50.11 38.62 -8.04
CA ASN B 84 50.97 39.79 -7.94
C ASN B 84 51.39 39.98 -6.49
N SER B 85 52.42 40.82 -6.31
CA SER B 85 53.04 41.10 -5.00
C SER B 85 53.48 39.83 -4.29
N VAL B 86 54.27 39.01 -4.99
CA VAL B 86 54.68 37.73 -4.45
C VAL B 86 55.75 37.92 -3.38
N THR B 87 55.65 37.14 -2.31
CA THR B 87 56.61 37.18 -1.21
C THR B 87 57.23 35.80 -1.05
N ALA B 88 58.14 35.69 -0.07
CA ALA B 88 58.79 34.41 0.19
C ALA B 88 57.82 33.41 0.82
N ALA B 89 56.75 33.90 1.45
CA ALA B 89 55.77 32.99 2.03
C ALA B 89 54.92 32.32 0.97
N ASP B 90 54.90 32.88 -0.25
CA ASP B 90 54.12 32.31 -1.33
C ASP B 90 54.85 31.17 -2.03
N THR B 91 56.07 30.86 -1.62
CA THR B 91 56.81 29.73 -2.17
C THR B 91 56.08 28.42 -1.85
N ALA B 92 55.60 27.76 -2.89
CA ALA B 92 54.75 26.59 -2.72
C ALA B 92 54.81 25.73 -3.98
N VAL B 93 54.31 24.50 -3.86
CA VAL B 93 54.15 23.60 -4.99
C VAL B 93 52.72 23.77 -5.48
N TYR B 94 52.57 24.29 -6.70
CA TYR B 94 51.25 24.62 -7.22
C TYR B 94 50.65 23.43 -7.95
N TYR B 95 49.44 23.05 -7.57
CA TYR B 95 48.70 21.97 -8.20
C TYR B 95 47.49 22.54 -8.91
N CYS B 96 47.33 22.22 -10.19
CA CYS B 96 46.10 22.49 -10.90
C CYS B 96 45.30 21.18 -10.99
N ALA B 97 44.05 21.24 -10.55
CA ALA B 97 43.30 20.00 -10.36
C ALA B 97 41.83 20.26 -10.66
N ARG B 98 41.12 19.17 -10.97
CA ARG B 98 39.73 19.21 -11.38
C ARG B 98 38.91 18.39 -10.40
N GLU B 99 37.73 18.89 -10.04
CA GLU B 99 36.74 18.07 -9.33
C GLU B 99 35.63 17.69 -10.32
N GLY B 100 35.56 16.40 -10.61
CA GLY B 100 34.56 15.81 -11.47
C GLY B 100 33.52 14.98 -10.75
N ILE B 101 33.54 14.97 -9.41
CA ILE B 101 32.63 14.12 -8.65
C ILE B 101 31.28 14.80 -8.62
N THR B 102 30.25 14.11 -9.11
CA THR B 102 28.90 14.64 -9.11
C THR B 102 27.93 13.57 -8.62
N ILE B 103 26.97 14.07 -7.82
CA ILE B 103 25.86 13.22 -7.33
C ILE B 103 24.57 13.98 -7.69
N PHE B 104 23.56 13.29 -8.20
CA PHE B 104 22.26 13.89 -8.55
C PHE B 104 22.41 15.05 -9.54
N GLY B 105 23.41 14.99 -10.41
CA GLY B 105 23.57 15.97 -11.46
C GLY B 105 24.25 17.27 -11.08
N VAL B 106 24.78 17.38 -9.86
CA VAL B 106 25.42 18.60 -9.40
C VAL B 106 26.82 18.24 -8.88
N VAL B 107 27.80 19.09 -9.18
CA VAL B 107 29.19 18.80 -8.82
C VAL B 107 29.37 19.02 -7.32
N ILE B 108 30.14 18.09 -6.71
CA ILE B 108 30.43 18.17 -5.23
C ILE B 108 31.44 19.32 -5.01
N PRO B 109 31.18 20.31 -4.12
CA PRO B 109 32.08 21.46 -3.93
C PRO B 109 33.38 21.10 -3.25
N ARG B 110 34.49 21.44 -3.91
CA ARG B 110 35.85 21.45 -3.34
C ARG B 110 36.30 20.06 -2.89
N VAL B 111 35.89 19.04 -3.64
CA VAL B 111 36.35 17.67 -3.40
C VAL B 111 36.95 17.15 -4.69
N LEU B 112 38.28 17.14 -4.78
CA LEU B 112 38.95 17.04 -6.07
C LEU B 112 39.67 15.70 -6.21
N ASP B 113 39.62 15.12 -7.42
CA ASP B 113 40.20 13.81 -7.67
C ASP B 113 41.41 13.83 -8.58
N SER B 114 41.31 14.43 -9.77
CA SER B 114 42.37 14.40 -10.77
C SER B 114 43.26 15.62 -10.59
N TRP B 115 44.53 15.38 -10.28
CA TRP B 115 45.46 16.44 -9.92
C TRP B 115 46.64 16.46 -10.89
N GLY B 116 47.29 17.63 -10.97
CA GLY B 116 48.47 17.78 -11.78
C GLY B 116 49.70 17.19 -11.11
N GLN B 117 50.79 17.11 -11.89
CA GLN B 117 51.99 16.47 -11.39
C GLN B 117 52.78 17.38 -10.47
N GLY B 118 52.51 18.66 -10.49
CA GLY B 118 53.16 19.57 -9.58
C GLY B 118 53.91 20.68 -10.29
N ALA B 119 53.78 21.89 -9.75
CA ALA B 119 54.50 23.05 -10.24
C ALA B 119 55.10 23.79 -9.05
N VAL B 120 56.40 23.66 -8.86
CA VAL B 120 57.09 24.28 -7.74
C VAL B 120 57.81 25.53 -8.23
N VAL B 121 57.68 26.61 -7.47
CA VAL B 121 58.30 27.89 -7.79
C VAL B 121 58.98 28.43 -6.53
N THR B 122 60.16 29.01 -6.69
CA THR B 122 60.94 29.53 -5.58
C THR B 122 61.01 31.05 -5.67
N VAL B 123 60.82 31.71 -4.53
CA VAL B 123 60.89 33.16 -4.45
C VAL B 123 62.22 33.54 -3.80
N SER B 124 63.12 34.12 -4.60
CA SER B 124 64.43 34.52 -4.12
C SER B 124 64.93 35.70 -4.93
N SER B 125 65.89 36.43 -4.36
CA SER B 125 66.47 37.58 -5.02
C SER B 125 67.38 37.15 -6.17
N ASP C 18 6.95 48.38 23.81
CA ASP C 18 5.89 47.39 23.70
C ASP C 18 6.12 46.47 22.51
N THR C 19 6.26 45.18 22.78
CA THR C 19 6.58 44.18 21.76
C THR C 19 5.58 43.04 21.80
N ILE C 20 5.22 42.55 20.61
CA ILE C 20 4.42 41.34 20.45
C ILE C 20 5.30 40.30 19.79
N CYS C 21 5.41 39.13 20.41
CA CYS C 21 6.28 38.06 19.95
C CYS C 21 5.46 36.86 19.51
N ILE C 22 5.97 36.15 18.53
CA ILE C 22 5.37 34.91 18.04
C ILE C 22 6.30 33.76 18.39
N GLY C 23 5.74 32.74 19.04
CA GLY C 23 6.54 31.61 19.49
C GLY C 23 5.68 30.36 19.57
N TYR C 24 6.34 29.25 19.89
CA TYR C 24 5.67 27.97 19.97
C TYR C 24 6.09 27.25 21.25
N HIS C 25 5.26 26.29 21.66
CA HIS C 25 5.42 25.62 22.94
C HIS C 25 6.53 24.58 22.89
N ALA C 26 7.31 24.51 23.96
CA ALA C 26 8.34 23.49 24.14
C ALA C 26 8.33 23.03 25.59
N ASN C 27 8.80 21.81 25.81
CA ASN C 27 8.80 21.22 27.15
C ASN C 27 10.05 20.37 27.32
N ASN C 28 10.06 19.57 28.38
CA ASN C 28 11.21 18.75 28.74
C ASN C 28 11.19 17.36 28.09
N SER C 29 10.17 17.04 27.30
CA SER C 29 10.03 15.70 26.74
C SER C 29 11.08 15.48 25.66
N THR C 30 11.75 14.33 25.71
CA THR C 30 12.81 13.98 24.76
C THR C 30 12.40 12.84 23.85
N ASP C 31 11.15 12.80 23.41
CA ASP C 31 10.70 11.77 22.48
C ASP C 31 11.31 11.99 21.10
N THR C 32 11.73 10.89 20.48
CA THR C 32 12.39 10.93 19.19
C THR C 32 11.47 10.34 18.12
N VAL C 33 11.27 11.09 17.04
CA VAL C 33 10.39 10.61 15.94
C VAL C 33 11.23 10.58 14.66
N ASP C 34 10.89 9.68 13.75
CA ASP C 34 11.68 9.56 12.50
C ASP C 34 10.88 10.24 11.40
N THR C 35 11.50 11.17 10.67
CA THR C 35 10.77 11.94 9.63
C THR C 35 11.45 11.67 8.30
N VAL C 36 10.69 11.41 7.23
CA VAL C 36 11.39 11.24 5.93
C VAL C 36 12.16 12.53 5.67
N CYS C 37 13.41 12.44 5.22
CA CYS C 37 14.29 13.62 4.97
C CYS C 37 14.98 14.07 6.27
N GLU C 38 14.80 13.33 7.36
CA GLU C 38 15.45 13.68 8.66
C GLU C 38 15.59 12.43 9.52
N LYS C 39 16.33 12.49 10.62
CA LYS C 39 16.39 11.31 11.53
C LYS C 39 16.47 11.77 12.99
N ASN C 40 15.91 11.00 13.91
CA ASN C 40 16.04 11.31 15.36
C ASN C 40 15.61 12.75 15.67
N VAL C 41 14.45 13.18 15.17
CA VAL C 41 13.95 14.55 15.47
C VAL C 41 13.36 14.58 16.89
N THR C 42 13.82 15.48 17.76
CA THR C 42 13.28 15.60 19.10
C THR C 42 12.02 16.45 19.07
N VAL C 43 10.92 15.90 19.58
CA VAL C 43 9.61 16.52 19.50
C VAL C 43 8.95 16.52 20.88
N THR C 44 7.93 17.35 21.03
CA THR C 44 7.31 17.56 22.34
C THR C 44 6.40 16.40 22.73
N HIS C 45 5.77 15.74 21.78
CA HIS C 45 4.88 14.62 22.09
C HIS C 45 4.70 13.76 20.85
N SER C 46 4.45 12.47 21.09
CA SER C 46 4.26 11.52 20.01
C SER C 46 3.44 10.35 20.52
N VAL C 47 2.89 9.58 19.57
CA VAL C 47 2.10 8.40 19.88
C VAL C 47 2.77 7.18 19.27
N ASN C 48 2.67 6.05 19.98
CA ASN C 48 3.33 4.82 19.59
C ASN C 48 2.31 3.89 18.94
N LEU C 49 2.56 3.52 17.68
CA LEU C 49 1.71 2.58 16.97
C LEU C 49 2.20 1.15 17.08
N LEU C 50 3.31 0.92 17.77
CA LEU C 50 3.90 -0.41 17.87
C LEU C 50 3.82 -0.87 19.31
N GLU C 51 3.13 -2.02 19.49
CA GLU C 51 2.92 -2.60 20.84
C GLU C 51 3.88 -3.77 21.00
N ASP C 52 5.05 -3.53 21.59
CA ASP C 52 6.06 -4.59 21.71
C ASP C 52 5.91 -5.28 23.07
N SER C 53 4.84 -4.97 23.79
CA SER C 53 4.67 -5.52 25.16
C SER C 53 3.76 -6.75 25.13
N HIS C 54 4.05 -7.74 25.98
CA HIS C 54 3.17 -8.93 26.08
C HIS C 54 2.79 -9.15 27.55
N ASN C 55 1.55 -9.56 27.80
CA ASN C 55 1.11 -9.87 29.19
C ASN C 55 2.03 -10.97 29.74
N GLY C 56 2.38 -11.94 28.89
CA GLY C 56 3.24 -13.05 29.34
C GLY C 56 2.42 -14.16 29.96
N LYS C 57 1.09 -14.02 29.93
CA LYS C 57 0.22 -15.10 30.46
C LYS C 57 -0.85 -15.43 29.42
N LEU C 58 -1.12 -16.72 29.20
CA LEU C 58 -2.20 -17.11 28.27
C LEU C 58 -3.52 -16.63 28.88
N CYS C 59 -4.41 -16.07 28.06
CA CYS C 59 -5.66 -15.45 28.58
C CYS C 59 -6.84 -15.90 27.72
N LEU C 60 -8.09 -15.69 28.21
CA LEU C 60 -9.29 -16.11 27.46
C LEU C 60 -9.34 -15.32 26.14
N LEU C 61 -9.73 -15.98 25.05
CA LEU C 61 -9.89 -15.28 23.75
C LEU C 61 -11.38 -15.22 23.45
N LYS C 62 -11.93 -14.03 23.22
CA LYS C 62 -13.38 -13.85 23.01
C LYS C 62 -14.13 -14.40 24.22
N GLY C 63 -13.57 -14.20 25.42
CA GLY C 63 -14.22 -14.64 26.67
C GLY C 63 -14.53 -16.13 26.73
N ILE C 64 -13.62 -16.99 26.25
CA ILE C 64 -13.83 -18.46 26.41
C ILE C 64 -12.55 -19.06 26.98
N ALA C 65 -12.62 -19.75 28.13
CA ALA C 65 -11.36 -20.26 28.65
C ALA C 65 -10.83 -21.37 27.74
N PRO C 66 -9.57 -21.31 27.34
CA PRO C 66 -9.03 -22.31 26.41
C PRO C 66 -8.79 -23.65 27.09
N LEU C 67 -8.70 -24.69 26.26
CA LEU C 67 -8.37 -26.02 26.75
C LEU C 67 -6.91 -26.09 27.17
N GLN C 68 -6.66 -26.76 28.29
CA GLN C 68 -5.28 -26.87 28.81
C GLN C 68 -4.79 -28.31 28.69
N LEU C 69 -3.67 -28.51 28.03
CA LEU C 69 -3.05 -29.83 27.82
C LEU C 69 -1.74 -29.86 28.59
N GLY C 70 -1.72 -30.60 29.70
CA GLY C 70 -0.52 -30.74 30.50
C GLY C 70 0.18 -32.05 30.26
N ASN C 71 1.38 -31.98 29.67
CA ASN C 71 2.18 -33.16 29.29
C ASN C 71 1.39 -34.11 28.40
N CYS C 72 0.62 -33.54 27.47
CA CYS C 72 -0.26 -34.31 26.62
C CYS C 72 -0.29 -33.70 25.23
N SER C 73 -0.72 -34.49 24.26
CA SER C 73 -0.84 -34.04 22.88
C SER C 73 -2.32 -34.07 22.47
N VAL C 74 -2.57 -33.68 21.23
CA VAL C 74 -3.93 -33.79 20.68
C VAL C 74 -4.33 -35.25 20.57
N ALA C 75 -3.40 -36.11 20.10
CA ALA C 75 -3.70 -37.53 19.94
C ALA C 75 -3.97 -38.20 21.28
N GLY C 76 -3.16 -37.89 22.30
CA GLY C 76 -3.40 -38.45 23.61
C GLY C 76 -4.66 -37.92 24.27
N TRP C 77 -5.07 -36.70 23.92
CA TRP C 77 -6.31 -36.15 24.46
C TRP C 77 -7.54 -36.80 23.81
N ILE C 78 -7.51 -36.98 22.50
CA ILE C 78 -8.72 -37.44 21.83
C ILE C 78 -8.81 -38.97 21.83
N LEU C 79 -7.67 -39.66 21.90
CA LEU C 79 -7.70 -41.13 21.98
C LEU C 79 -7.99 -41.65 23.38
N GLY C 80 -7.95 -40.79 24.39
CA GLY C 80 -8.25 -41.22 25.74
C GLY C 80 -7.07 -41.86 26.45
N ASN C 81 -5.95 -41.16 26.49
CA ASN C 81 -4.80 -41.60 27.28
C ASN C 81 -5.17 -41.53 28.76
N PRO C 82 -4.86 -42.57 29.55
CA PRO C 82 -5.18 -42.51 30.99
C PRO C 82 -4.50 -41.38 31.73
N GLU C 83 -3.30 -40.96 31.30
CA GLU C 83 -2.68 -39.80 31.91
C GLU C 83 -3.35 -38.49 31.47
N CYS C 84 -4.01 -38.50 30.33
CA CYS C 84 -4.65 -37.32 29.76
C CYS C 84 -6.16 -37.33 29.95
N GLU C 85 -6.67 -38.16 30.85
CA GLU C 85 -8.11 -38.38 30.95
C GLU C 85 -8.84 -37.18 31.54
N LEU C 86 -8.22 -36.52 32.53
CA LEU C 86 -8.89 -35.44 33.25
C LEU C 86 -9.12 -34.20 32.40
N LEU C 87 -8.40 -34.05 31.29
CA LEU C 87 -8.52 -32.87 30.44
C LEU C 87 -9.69 -32.96 29.46
N ILE C 88 -10.36 -34.09 29.39
CA ILE C 88 -11.47 -34.26 28.45
C ILE C 88 -12.75 -33.60 28.96
N SER C 89 -12.85 -33.38 30.28
CA SER C 89 -14.10 -32.92 30.88
C SER C 89 -14.49 -31.49 30.50
N ARG C 90 -13.57 -30.74 29.90
CA ARG C 90 -13.91 -29.39 29.44
C ARG C 90 -14.87 -29.45 28.26
N GLU C 91 -15.86 -28.54 28.25
CA GLU C 91 -16.91 -28.57 27.25
C GLU C 91 -16.64 -27.62 26.08
N SER C 92 -16.12 -26.42 26.35
CA SER C 92 -15.86 -25.44 25.30
C SER C 92 -14.48 -24.86 25.48
N TRP C 93 -13.88 -24.43 24.36
CA TRP C 93 -12.56 -23.83 24.40
C TRP C 93 -12.38 -22.91 23.19
N SER C 94 -11.64 -21.82 23.40
CA SER C 94 -11.32 -20.94 22.29
C SER C 94 -10.15 -21.49 21.48
N TYR C 95 -9.06 -21.89 22.15
CA TYR C 95 -7.92 -22.48 21.46
C TYR C 95 -7.34 -23.56 22.36
N ILE C 96 -6.25 -24.16 21.89
CA ILE C 96 -5.60 -25.27 22.58
C ILE C 96 -4.14 -24.91 22.81
N VAL C 97 -3.72 -25.10 24.06
CA VAL C 97 -2.29 -24.88 24.43
C VAL C 97 -1.67 -26.27 24.44
N GLU C 98 -0.37 -26.35 24.14
CA GLU C 98 0.31 -27.63 24.05
C GLU C 98 1.77 -27.46 24.45
N LYS C 99 2.37 -28.54 24.93
CA LYS C 99 3.78 -28.56 25.24
C LYS C 99 4.60 -28.63 23.95
N PRO C 100 5.86 -28.17 23.97
CA PRO C 100 6.74 -28.34 22.81
C PRO C 100 6.97 -29.81 22.48
N ASN C 101 7.40 -30.58 23.47
CA ASN C 101 7.48 -32.03 23.32
C ASN C 101 6.44 -32.70 24.22
N PRO C 102 5.41 -33.32 23.65
CA PRO C 102 4.39 -33.98 24.47
C PRO C 102 4.93 -35.25 25.11
N GLU C 103 4.72 -35.38 26.42
CA GLU C 103 5.20 -36.57 27.12
C GLU C 103 4.29 -37.77 26.90
N ASN C 104 3.00 -37.52 26.62
CA ASN C 104 2.03 -38.60 26.53
C ASN C 104 1.26 -38.54 25.22
N GLY C 105 1.98 -38.43 24.10
CA GLY C 105 1.31 -38.33 22.81
C GLY C 105 0.49 -39.54 22.46
N THR C 106 1.03 -40.74 22.70
CA THR C 106 0.28 -41.97 22.51
C THR C 106 0.83 -43.04 23.45
N CYS C 107 -0.07 -43.86 23.99
CA CYS C 107 0.37 -44.95 24.85
C CYS C 107 0.97 -46.08 24.04
N TYR C 108 0.36 -46.42 22.91
CA TYR C 108 0.82 -47.49 22.05
C TYR C 108 1.45 -46.89 20.81
N PRO C 109 2.62 -47.36 20.37
CA PRO C 109 3.27 -46.79 19.18
C PRO C 109 2.47 -47.07 17.92
N GLY C 110 2.50 -46.11 17.00
CA GLY C 110 1.78 -46.25 15.73
C GLY C 110 1.73 -44.94 15.01
N HIS C 111 1.04 -44.95 13.87
CA HIS C 111 0.88 -43.77 13.04
C HIS C 111 -0.56 -43.29 13.05
N PHE C 112 -0.73 -41.97 13.06
CA PHE C 112 -2.04 -41.33 13.05
C PHE C 112 -2.29 -40.79 11.65
N ALA C 113 -3.40 -41.21 11.04
CA ALA C 113 -3.77 -40.71 9.73
C ALA C 113 -4.38 -39.32 9.85
N ASP C 114 -3.83 -38.38 9.08
CA ASP C 114 -4.28 -36.98 9.03
C ASP C 114 -4.23 -36.32 10.41
N TYR C 115 -3.01 -36.19 10.93
CA TYR C 115 -2.79 -35.47 12.19
C TYR C 115 -3.22 -34.01 12.08
N GLU C 116 -2.71 -33.33 11.05
CA GLU C 116 -2.94 -31.89 10.94
C GLU C 116 -4.39 -31.58 10.58
N GLU C 117 -5.03 -32.45 9.79
CA GLU C 117 -6.44 -32.26 9.48
C GLU C 117 -7.31 -32.37 10.73
N LEU C 118 -7.04 -33.36 11.58
CA LEU C 118 -7.78 -33.49 12.83
C LEU C 118 -7.49 -32.32 13.77
N ARG C 119 -6.23 -31.85 13.80
CA ARG C 119 -5.90 -30.71 14.64
C ARG C 119 -6.62 -29.45 14.19
N GLU C 120 -6.72 -29.23 12.87
CA GLU C 120 -7.45 -28.08 12.35
C GLU C 120 -8.95 -28.21 12.59
N GLN C 121 -9.48 -29.42 12.48
CA GLN C 121 -10.91 -29.62 12.74
C GLN C 121 -11.25 -29.45 14.22
N LEU C 122 -10.36 -29.83 15.12
CA LEU C 122 -10.59 -29.73 16.55
C LEU C 122 -9.97 -28.48 17.16
N SER C 123 -9.48 -27.56 16.31
CA SER C 123 -8.90 -26.31 16.81
C SER C 123 -9.94 -25.45 17.53
N SER C 124 -11.21 -25.57 17.16
CA SER C 124 -12.27 -24.82 17.83
C SER C 124 -13.55 -25.61 17.77
N VAL C 125 -14.14 -25.90 18.94
CA VAL C 125 -15.44 -26.55 19.03
C VAL C 125 -16.23 -25.83 20.12
N SER C 126 -17.39 -25.30 19.76
CA SER C 126 -18.21 -24.58 20.74
C SER C 126 -18.91 -25.53 21.70
N SER C 127 -19.46 -26.64 21.19
CA SER C 127 -20.19 -27.60 22.01
C SER C 127 -19.57 -28.98 21.82
N PHE C 128 -18.93 -29.49 22.88
CA PHE C 128 -18.22 -30.76 22.83
C PHE C 128 -18.69 -31.64 23.97
N GLU C 129 -19.04 -32.88 23.65
CA GLU C 129 -19.49 -33.83 24.66
C GLU C 129 -18.93 -35.22 24.35
N ARG C 130 -18.78 -36.02 25.40
CA ARG C 130 -18.29 -37.37 25.30
C ARG C 130 -19.42 -38.34 25.62
N PHE C 131 -19.66 -39.29 24.73
CA PHE C 131 -20.71 -40.28 24.92
C PHE C 131 -20.23 -41.61 24.34
N GLU C 132 -21.04 -42.64 24.54
CA GLU C 132 -20.73 -44.00 24.09
C GLU C 132 -21.49 -44.27 22.80
N ILE C 133 -20.74 -44.48 21.70
CA ILE C 133 -21.37 -44.91 20.47
C ILE C 133 -21.85 -46.36 20.60
N PHE C 134 -21.13 -47.17 21.36
CA PHE C 134 -21.47 -48.55 21.62
C PHE C 134 -21.39 -48.84 23.11
N PRO C 135 -22.23 -49.75 23.62
CA PRO C 135 -22.05 -50.22 25.00
C PRO C 135 -20.72 -50.95 25.17
N LYS C 136 -20.15 -50.83 26.37
CA LYS C 136 -18.84 -51.42 26.62
C LYS C 136 -18.92 -52.94 26.64
N GLU C 137 -19.95 -53.49 27.29
CA GLU C 137 -20.09 -54.92 27.44
C GLU C 137 -21.35 -55.50 26.82
N SER C 138 -22.40 -54.70 26.61
CA SER C 138 -23.62 -55.22 26.03
C SER C 138 -23.50 -55.42 24.52
N SER C 139 -22.72 -54.57 23.85
CA SER C 139 -22.67 -54.61 22.40
C SER C 139 -21.85 -55.79 21.89
N TRP C 140 -20.92 -56.29 22.70
CA TRP C 140 -20.06 -57.38 22.26
C TRP C 140 -20.31 -58.60 23.12
N PRO C 141 -21.24 -59.48 22.76
CA PRO C 141 -21.46 -60.69 23.58
C PRO C 141 -20.37 -61.74 23.40
N ASN C 142 -19.93 -61.97 22.17
CA ASN C 142 -19.00 -63.05 21.87
C ASN C 142 -17.54 -62.61 21.86
N HIS C 143 -17.26 -61.35 22.17
CA HIS C 143 -15.90 -60.84 22.21
C HIS C 143 -15.51 -60.55 23.65
N THR C 144 -14.20 -60.66 23.94
CA THR C 144 -13.73 -60.56 25.31
C THR C 144 -13.87 -59.14 25.86
N THR C 145 -13.46 -58.15 25.07
CA THR C 145 -13.38 -56.73 25.44
C THR C 145 -12.52 -56.49 26.68
N THR C 146 -11.57 -57.37 26.96
CA THR C 146 -10.67 -57.22 28.09
C THR C 146 -9.23 -57.01 27.65
N GLY C 147 -9.02 -56.42 26.48
CA GLY C 147 -7.66 -56.18 26.03
C GLY C 147 -6.95 -55.15 26.89
N VAL C 148 -5.78 -55.53 27.39
CA VAL C 148 -5.01 -54.69 28.28
C VAL C 148 -3.57 -54.65 27.77
N SER C 149 -2.94 -53.47 27.85
CA SER C 149 -1.60 -53.27 27.34
C SER C 149 -0.66 -52.98 28.50
N ALA C 150 0.49 -53.67 28.51
CA ALA C 150 1.48 -53.43 29.55
C ALA C 150 2.20 -52.11 29.34
N SER C 151 2.13 -51.55 28.11
CA SER C 151 2.74 -50.26 27.86
C SER C 151 2.01 -49.14 28.60
N CYS C 152 0.68 -49.23 28.68
CA CYS C 152 -0.09 -48.24 29.43
C CYS C 152 0.12 -48.43 30.92
N SER C 153 0.33 -47.31 31.62
CA SER C 153 0.58 -47.33 33.06
C SER C 153 -0.27 -46.26 33.72
N HIS C 154 -1.33 -46.69 34.41
CA HIS C 154 -2.16 -45.79 35.20
C HIS C 154 -2.15 -46.29 36.63
N ASN C 155 -1.63 -45.47 37.54
CA ASN C 155 -1.44 -45.82 38.97
C ASN C 155 -0.62 -47.10 39.12
N GLY C 156 0.38 -47.26 38.27
CA GLY C 156 1.22 -48.46 38.30
C GLY C 156 0.49 -49.71 37.88
N GLU C 157 -0.51 -49.59 37.01
CA GLU C 157 -1.30 -50.73 36.55
C GLU C 157 -1.40 -50.70 35.04
N SER C 158 -1.41 -51.87 34.43
CA SER C 158 -1.61 -51.97 32.99
C SER C 158 -3.05 -51.59 32.63
N SER C 159 -3.21 -50.91 31.50
CA SER C 159 -4.52 -50.41 31.10
C SER C 159 -4.54 -50.27 29.58
N PHE C 160 -5.54 -49.52 29.09
CA PHE C 160 -5.72 -49.30 27.67
C PHE C 160 -6.36 -47.94 27.48
N TYR C 161 -6.45 -47.48 26.23
CA TYR C 161 -7.10 -46.22 25.92
C TYR C 161 -8.56 -46.23 26.36
N LYS C 162 -8.99 -45.08 26.90
CA LYS C 162 -10.34 -45.00 27.46
C LYS C 162 -11.40 -44.94 26.36
N ASN C 163 -11.13 -44.21 25.29
CA ASN C 163 -12.14 -44.00 24.25
C ASN C 163 -12.27 -45.19 23.30
N LEU C 164 -11.38 -46.17 23.35
CA LEU C 164 -11.38 -47.28 22.42
C LEU C 164 -11.34 -48.59 23.20
N LEU C 165 -11.57 -49.69 22.48
CA LEU C 165 -11.61 -51.03 23.07
C LEU C 165 -10.82 -51.99 22.21
N TRP C 166 -9.99 -52.81 22.85
CA TRP C 166 -9.26 -53.87 22.18
C TRP C 166 -10.08 -55.16 22.23
N LEU C 167 -10.38 -55.72 21.07
CA LEU C 167 -11.21 -56.91 20.98
C LEU C 167 -10.32 -58.12 20.70
N THR C 168 -10.46 -59.15 21.53
CA THR C 168 -9.76 -60.41 21.33
C THR C 168 -10.77 -61.55 21.30
N GLY C 169 -10.33 -62.68 20.72
CA GLY C 169 -11.23 -63.81 20.54
C GLY C 169 -11.58 -64.47 21.87
N LYS C 170 -12.82 -64.92 21.96
CA LYS C 170 -13.33 -65.62 23.13
C LYS C 170 -13.65 -67.07 22.76
N ASN C 171 -13.29 -67.99 23.65
CA ASN C 171 -13.53 -69.43 23.50
C ASN C 171 -12.87 -69.99 22.24
N GLY C 172 -11.73 -69.42 21.86
CA GLY C 172 -10.96 -69.93 20.74
C GLY C 172 -11.46 -69.52 19.36
N LEU C 173 -12.50 -68.70 19.28
CA LEU C 173 -13.09 -68.33 18.00
C LEU C 173 -13.32 -66.82 17.95
N TYR C 174 -13.20 -66.26 16.75
CA TYR C 174 -13.47 -64.85 16.50
C TYR C 174 -14.56 -64.73 15.45
N PRO C 175 -15.83 -64.61 15.84
CA PRO C 175 -16.90 -64.47 14.85
C PRO C 175 -16.88 -63.10 14.20
N ASN C 176 -17.54 -63.00 13.05
CA ASN C 176 -17.66 -61.73 12.34
C ASN C 176 -18.53 -60.78 13.14
N LEU C 177 -18.24 -59.48 13.00
CA LEU C 177 -18.97 -58.45 13.74
C LEU C 177 -19.58 -57.45 12.77
N SER C 178 -20.67 -56.85 13.20
CA SER C 178 -21.37 -55.83 12.40
C SER C 178 -22.04 -54.85 13.36
N LYS C 179 -21.70 -53.58 13.22
CA LYS C 179 -22.25 -52.54 14.09
C LYS C 179 -22.75 -51.38 13.24
N SER C 180 -23.83 -50.75 13.71
CA SER C 180 -24.44 -49.62 13.03
C SER C 180 -24.83 -48.57 14.07
N TYR C 181 -24.63 -47.30 13.73
CA TYR C 181 -25.01 -46.20 14.61
C TYR C 181 -25.72 -45.13 13.79
N ALA C 182 -26.92 -44.75 14.23
CA ALA C 182 -27.66 -43.66 13.62
C ALA C 182 -27.41 -42.37 14.39
N ASN C 183 -27.25 -41.28 13.66
CA ASN C 183 -26.86 -40.00 14.25
C ASN C 183 -28.11 -39.25 14.68
N ASN C 184 -28.54 -39.48 15.92
CA ASN C 184 -29.66 -38.75 16.51
C ASN C 184 -29.21 -37.55 17.33
N LYS C 185 -27.90 -37.30 17.38
CA LYS C 185 -27.36 -36.20 18.18
C LYS C 185 -27.49 -34.85 17.49
N GLU C 186 -27.90 -34.82 16.21
CA GLU C 186 -28.20 -33.62 15.41
C GLU C 186 -26.92 -32.82 15.11
N LYS C 187 -25.78 -33.28 15.63
CA LYS C 187 -24.50 -32.61 15.47
C LYS C 187 -23.53 -33.55 14.77
N GLU C 188 -22.45 -32.98 14.24
CA GLU C 188 -21.45 -33.79 13.57
C GLU C 188 -20.67 -34.60 14.61
N VAL C 189 -20.56 -35.90 14.36
CA VAL C 189 -19.90 -36.81 15.30
C VAL C 189 -18.55 -37.20 14.75
N LEU C 190 -17.63 -37.50 15.66
CA LEU C 190 -16.28 -37.94 15.33
C LEU C 190 -16.06 -39.30 15.95
N VAL C 191 -15.66 -40.27 15.14
CA VAL C 191 -15.43 -41.64 15.59
C VAL C 191 -13.96 -41.99 15.38
N LEU C 192 -13.38 -42.67 16.36
CA LEU C 192 -11.97 -43.05 16.33
C LEU C 192 -11.87 -44.58 16.36
N TRP C 193 -11.12 -45.14 15.42
CA TRP C 193 -10.90 -46.57 15.38
C TRP C 193 -9.52 -46.84 14.82
N GLY C 194 -9.01 -48.03 15.11
CA GLY C 194 -7.67 -48.41 14.67
C GLY C 194 -7.62 -49.87 14.28
N VAL C 195 -6.52 -50.24 13.63
CA VAL C 195 -6.25 -51.60 13.22
C VAL C 195 -5.07 -52.13 14.00
N HIS C 196 -4.95 -53.44 14.10
CA HIS C 196 -3.86 -54.07 14.82
C HIS C 196 -2.91 -54.75 13.86
N HIS C 197 -1.63 -54.38 13.93
CA HIS C 197 -0.58 -55.10 13.21
C HIS C 197 0.18 -55.96 14.21
N PRO C 198 0.05 -57.28 14.15
CA PRO C 198 0.63 -58.15 15.17
C PRO C 198 2.15 -58.19 15.06
N PRO C 199 2.83 -58.60 16.13
CA PRO C 199 4.30 -58.78 16.04
C PRO C 199 4.72 -59.85 15.04
N ASN C 200 4.09 -61.01 15.07
CA ASN C 200 4.37 -62.07 14.11
C ASN C 200 3.08 -62.86 13.86
N ILE C 201 3.20 -63.89 13.02
CA ILE C 201 2.05 -64.72 12.69
C ILE C 201 1.62 -65.56 13.89
N GLY C 202 2.55 -65.89 14.79
CA GLY C 202 2.18 -66.62 15.98
C GLY C 202 1.29 -65.82 16.92
N ASP C 203 1.63 -64.54 17.13
CA ASP C 203 0.78 -63.68 17.95
C ASP C 203 -0.54 -63.37 17.26
N GLN C 204 -0.54 -63.29 15.93
CA GLN C 204 -1.77 -63.14 15.16
C GLN C 204 -2.70 -64.32 15.39
N ARG C 205 -2.16 -65.54 15.31
CA ARG C 205 -2.96 -66.74 15.51
C ARG C 205 -3.40 -66.88 16.97
N ALA C 206 -2.56 -66.43 17.90
CA ALA C 206 -2.93 -66.51 19.32
C ALA C 206 -4.02 -65.51 19.66
N LEU C 207 -3.99 -64.32 19.07
CA LEU C 207 -4.93 -63.28 19.45
C LEU C 207 -6.26 -63.41 18.71
N TYR C 208 -6.24 -63.67 17.40
CA TYR C 208 -7.46 -63.59 16.61
C TYR C 208 -7.84 -64.91 15.94
N HIS C 209 -7.08 -65.99 16.19
CA HIS C 209 -7.37 -67.36 15.74
C HIS C 209 -7.47 -67.46 14.22
N LYS C 210 -6.83 -66.56 13.48
CA LYS C 210 -6.84 -66.58 12.02
C LYS C 210 -5.51 -66.04 11.51
N GLU C 211 -4.95 -66.74 10.52
CA GLU C 211 -3.67 -66.32 9.96
C GLU C 211 -3.81 -65.01 9.18
N ASN C 212 -4.93 -64.82 8.49
CA ASN C 212 -5.20 -63.61 7.73
C ASN C 212 -6.55 -63.04 8.16
N ALA C 213 -6.66 -61.71 8.17
CA ALA C 213 -7.88 -61.05 8.58
C ALA C 213 -7.95 -59.69 7.91
N TYR C 214 -9.14 -59.09 7.95
CA TYR C 214 -9.37 -57.79 7.33
C TYR C 214 -10.40 -57.02 8.14
N VAL C 215 -10.36 -55.69 8.00
CA VAL C 215 -11.36 -54.81 8.58
C VAL C 215 -11.77 -53.80 7.51
N SER C 216 -13.08 -53.54 7.43
CA SER C 216 -13.63 -52.63 6.43
C SER C 216 -14.57 -51.65 7.11
N VAL C 217 -14.49 -50.39 6.71
CA VAL C 217 -15.38 -49.35 7.19
C VAL C 217 -16.04 -48.68 5.98
N VAL C 218 -17.36 -48.53 6.02
CA VAL C 218 -18.12 -47.94 4.93
C VAL C 218 -19.07 -46.90 5.50
N SER C 219 -19.24 -45.80 4.78
CA SER C 219 -20.17 -44.74 5.15
C SER C 219 -20.88 -44.25 3.90
N SER C 220 -21.67 -43.19 4.06
CA SER C 220 -22.35 -42.60 2.91
C SER C 220 -21.39 -41.87 1.99
N HIS C 221 -20.30 -41.33 2.53
CA HIS C 221 -19.35 -40.55 1.75
C HIS C 221 -17.93 -41.06 1.83
N TYR C 222 -17.58 -41.86 2.83
CA TYR C 222 -16.21 -42.34 3.01
C TYR C 222 -16.22 -43.86 3.06
N SER C 223 -15.34 -44.47 2.25
CA SER C 223 -15.22 -45.92 2.20
C SER C 223 -13.78 -46.29 1.91
N ARG C 224 -13.26 -47.26 2.65
CA ARG C 224 -11.86 -47.67 2.51
C ARG C 224 -11.72 -49.08 3.07
N LYS C 225 -10.89 -49.90 2.41
CA LYS C 225 -10.65 -51.27 2.83
C LYS C 225 -9.24 -51.38 3.39
N PHE C 226 -9.12 -52.00 4.56
CA PHE C 226 -7.89 -52.01 5.34
C PHE C 226 -7.33 -53.42 5.38
N THR C 227 -6.00 -53.54 5.39
CA THR C 227 -5.34 -54.84 5.45
C THR C 227 -4.18 -54.77 6.43
N PRO C 228 -4.17 -55.58 7.49
CA PRO C 228 -3.03 -55.60 8.40
C PRO C 228 -1.78 -56.17 7.74
N GLU C 229 -0.64 -55.66 8.17
CA GLU C 229 0.66 -56.13 7.72
C GLU C 229 1.41 -56.77 8.89
N ILE C 230 1.89 -57.99 8.68
CA ILE C 230 2.58 -58.74 9.72
C ILE C 230 4.06 -58.74 9.35
N ALA C 231 4.85 -57.95 10.07
CA ALA C 231 6.29 -57.87 9.83
C ALA C 231 6.97 -57.38 11.10
N LYS C 232 8.27 -57.63 11.18
CA LYS C 232 9.06 -57.18 12.31
C LYS C 232 9.32 -55.68 12.22
N ARG C 233 9.11 -54.98 13.33
CA ARG C 233 9.19 -53.53 13.40
C ARG C 233 10.07 -53.11 14.57
N PRO C 234 10.64 -51.90 14.53
CA PRO C 234 11.45 -51.43 15.65
C PRO C 234 10.64 -51.32 16.94
N LYS C 235 11.31 -51.55 18.06
CA LYS C 235 10.65 -51.57 19.35
C LYS C 235 10.55 -50.16 19.92
N VAL C 236 9.32 -49.70 20.16
CA VAL C 236 9.06 -48.39 20.75
C VAL C 236 8.17 -48.60 21.97
N ARG C 237 8.59 -48.06 23.11
CA ARG C 237 7.85 -48.10 24.38
C ARG C 237 7.52 -49.53 24.80
N ASP C 238 8.49 -50.43 24.59
CA ASP C 238 8.38 -51.86 24.92
C ASP C 238 7.17 -52.48 24.23
N GLN C 239 6.99 -52.14 22.96
CA GLN C 239 5.97 -52.75 22.11
C GLN C 239 6.55 -52.92 20.72
N GLU C 240 6.75 -54.16 20.30
CA GLU C 240 7.42 -54.41 19.02
C GLU C 240 6.49 -54.09 17.86
N GLY C 241 5.22 -54.49 17.95
CA GLY C 241 4.24 -54.16 16.94
C GLY C 241 3.72 -52.74 17.10
N ARG C 242 3.00 -52.29 16.08
CA ARG C 242 2.40 -50.96 16.07
C ARG C 242 0.96 -51.07 15.61
N ILE C 243 0.15 -50.09 16.00
CA ILE C 243 -1.26 -50.05 15.61
C ILE C 243 -1.56 -48.66 15.05
N ASN C 244 -2.23 -48.63 13.90
CA ASN C 244 -2.49 -47.38 13.19
C ASN C 244 -3.94 -46.96 13.33
N TYR C 245 -4.14 -45.68 13.63
CA TYR C 245 -5.45 -45.13 13.96
C TYR C 245 -6.01 -44.36 12.77
N TYR C 246 -7.34 -44.33 12.67
CA TYR C 246 -8.02 -43.61 11.59
C TYR C 246 -9.27 -42.94 12.14
N TRP C 247 -9.65 -41.84 11.49
CA TRP C 247 -10.80 -41.05 11.92
C TRP C 247 -11.60 -40.58 10.71
N THR C 248 -12.87 -40.29 10.94
CA THR C 248 -13.73 -39.71 9.92
C THR C 248 -14.80 -38.86 10.58
N LEU C 249 -15.36 -37.95 9.79
CA LEU C 249 -16.42 -37.05 10.26
C LEU C 249 -17.73 -37.43 9.58
N LEU C 250 -18.78 -37.55 10.38
CA LEU C 250 -20.09 -37.94 9.89
C LEU C 250 -21.09 -36.80 10.10
N GLU C 251 -21.81 -36.46 9.04
CA GLU C 251 -22.90 -35.51 9.15
C GLU C 251 -24.08 -36.17 9.85
N PRO C 252 -25.00 -35.37 10.42
CA PRO C 252 -26.25 -35.95 10.94
C PRO C 252 -27.05 -36.63 9.85
N GLY C 253 -27.68 -37.75 10.20
CA GLY C 253 -28.38 -38.56 9.23
C GLY C 253 -27.52 -39.57 8.50
N ASP C 254 -26.31 -39.82 8.97
CA ASP C 254 -25.39 -40.78 8.34
C ASP C 254 -25.18 -41.94 9.30
N THR C 255 -24.96 -43.12 8.73
CA THR C 255 -24.74 -44.35 9.50
C THR C 255 -23.41 -44.95 9.12
N ILE C 256 -22.58 -45.27 10.12
CA ILE C 256 -21.29 -45.91 9.92
C ILE C 256 -21.44 -47.40 10.18
N ILE C 257 -20.75 -48.21 9.40
CA ILE C 257 -20.79 -49.67 9.51
C ILE C 257 -19.37 -50.17 9.73
N PHE C 258 -19.20 -51.04 10.73
CA PHE C 258 -17.93 -51.68 11.01
C PHE C 258 -18.07 -53.17 10.78
N GLU C 259 -17.20 -53.73 9.94
CA GLU C 259 -17.18 -55.15 9.64
C GLU C 259 -15.76 -55.65 9.74
N ALA C 260 -15.55 -56.69 10.54
CA ALA C 260 -14.20 -57.22 10.74
C ALA C 260 -14.28 -58.68 11.19
N ASN C 261 -13.20 -59.41 10.92
CA ASN C 261 -12.99 -60.73 11.50
C ASN C 261 -11.77 -60.75 12.42
N GLY C 262 -11.20 -59.59 12.72
CA GLY C 262 -10.05 -59.53 13.59
C GLY C 262 -9.27 -58.25 13.35
N ASN C 263 -8.31 -58.01 14.24
CA ASN C 263 -7.37 -56.88 14.16
C ASN C 263 -8.09 -55.53 14.12
N LEU C 264 -9.17 -55.41 14.87
CA LEU C 264 -9.95 -54.18 14.93
C LEU C 264 -9.95 -53.65 16.36
N ILE C 265 -9.66 -52.36 16.51
CA ILE C 265 -9.76 -51.67 17.78
C ILE C 265 -11.11 -50.93 17.77
N ALA C 266 -12.05 -51.43 18.56
CA ALA C 266 -13.42 -50.94 18.50
C ALA C 266 -13.52 -49.56 19.15
N PRO C 267 -14.39 -48.68 18.63
CA PRO C 267 -14.61 -47.37 19.27
C PRO C 267 -15.52 -47.51 20.47
N ARG C 268 -14.94 -47.34 21.67
CA ARG C 268 -15.74 -47.36 22.89
C ARG C 268 -16.55 -46.09 23.04
N TYR C 269 -15.96 -44.94 22.72
CA TYR C 269 -16.61 -43.65 22.87
C TYR C 269 -16.49 -42.86 21.57
N ALA C 270 -17.51 -42.06 21.30
CA ALA C 270 -17.52 -41.13 20.18
C ALA C 270 -17.76 -39.73 20.70
N PHE C 271 -17.43 -38.74 19.87
CA PHE C 271 -17.48 -37.34 20.28
C PHE C 271 -18.36 -36.56 19.33
N ALA C 272 -19.38 -35.89 19.87
CA ALA C 272 -20.26 -35.03 19.11
C ALA C 272 -19.78 -33.59 19.28
N LEU C 273 -19.50 -32.90 18.18
CA LEU C 273 -18.86 -31.61 18.21
C LEU C 273 -19.55 -30.63 17.27
N SER C 274 -19.39 -29.35 17.56
CA SER C 274 -19.81 -28.26 16.69
C SER C 274 -18.59 -27.70 15.97
N ARG C 275 -18.82 -27.01 14.86
CA ARG C 275 -17.73 -26.56 14.01
C ARG C 275 -17.32 -25.13 14.38
N GLY C 276 -16.07 -24.97 14.79
CA GLY C 276 -15.46 -23.66 14.91
C GLY C 276 -14.47 -23.47 13.79
N PHE C 277 -14.57 -22.32 13.12
CA PHE C 277 -13.88 -22.15 11.83
C PHE C 277 -12.38 -21.97 12.00
N GLY C 278 -11.94 -21.23 12.99
CA GLY C 278 -10.53 -20.90 13.10
C GLY C 278 -9.89 -21.24 14.43
N SER C 279 -9.03 -20.35 14.93
CA SER C 279 -8.38 -20.46 16.24
C SER C 279 -7.54 -21.73 16.36
N GLY C 280 -6.47 -21.77 15.56
CA GLY C 280 -5.63 -22.95 15.53
C GLY C 280 -4.81 -23.12 16.79
N ILE C 281 -4.14 -24.27 16.89
CA ILE C 281 -3.38 -24.63 18.09
C ILE C 281 -2.11 -23.79 18.18
N ILE C 282 -1.75 -23.47 19.42
CA ILE C 282 -0.50 -22.70 19.71
C ILE C 282 0.31 -23.54 20.70
N ASN C 283 1.60 -23.26 20.85
CA ASN C 283 2.47 -24.13 21.69
C ASN C 283 3.21 -23.25 22.71
N SER C 284 2.84 -23.33 23.99
CA SER C 284 3.46 -22.42 25.00
C SER C 284 3.55 -23.09 26.37
N ASN C 285 4.46 -22.64 27.22
CA ASN C 285 4.54 -23.17 28.61
C ASN C 285 4.12 -22.07 29.59
N ALA C 286 3.59 -20.95 29.10
CA ALA C 286 3.26 -19.81 29.98
C ALA C 286 2.06 -20.11 30.87
N PRO C 287 1.95 -19.49 32.08
CA PRO C 287 0.81 -19.70 32.97
C PRO C 287 -0.53 -19.12 32.48
N MET C 288 -1.63 -19.81 32.78
CA MET C 288 -2.98 -19.31 32.38
C MET C 288 -3.40 -18.15 33.28
N ASP C 289 -4.16 -17.20 32.74
CA ASP C 289 -4.67 -16.06 33.54
C ASP C 289 -6.14 -15.81 33.16
N GLU C 290 -6.97 -15.41 34.12
CA GLU C 290 -8.40 -15.13 33.85
C GLU C 290 -8.58 -13.68 33.41
N CYS C 291 -8.12 -13.32 32.21
CA CYS C 291 -8.36 -11.96 31.69
C CYS C 291 -8.76 -12.10 30.21
N ASP C 292 -9.49 -11.15 29.66
CA ASP C 292 -9.94 -11.35 28.26
C ASP C 292 -9.13 -10.43 27.35
N ALA C 293 -8.44 -11.00 26.35
CA ALA C 293 -7.70 -10.18 25.38
C ALA C 293 -8.15 -10.56 23.97
N LYS C 294 -8.46 -9.57 23.15
CA LYS C 294 -8.97 -9.86 21.78
C LYS C 294 -7.84 -10.50 20.98
N CYS C 295 -6.58 -10.32 21.42
CA CYS C 295 -5.47 -10.88 20.65
C CYS C 295 -4.64 -11.78 21.53
N GLN C 296 -4.14 -12.87 20.95
CA GLN C 296 -3.35 -13.85 21.75
C GLN C 296 -2.19 -14.44 20.96
N THR C 297 -0.99 -14.45 21.55
CA THR C 297 0.22 -15.02 21.00
C THR C 297 0.80 -16.00 22.01
N PRO C 298 1.61 -16.98 21.55
CA PRO C 298 2.22 -17.92 22.51
C PRO C 298 3.12 -17.28 23.55
N GLN C 299 3.77 -16.17 23.22
CA GLN C 299 4.62 -15.51 24.20
C GLN C 299 3.79 -14.79 25.26
N GLY C 300 2.66 -14.21 24.87
CA GLY C 300 1.82 -13.52 25.83
C GLY C 300 0.69 -12.81 25.12
N ALA C 301 -0.23 -12.29 25.93
CA ALA C 301 -1.37 -11.57 25.40
C ALA C 301 -0.96 -10.17 24.94
N ILE C 302 -1.56 -9.71 23.84
CA ILE C 302 -1.32 -8.38 23.30
C ILE C 302 -2.65 -7.66 23.23
N ASN C 303 -2.66 -6.39 23.61
CA ASN C 303 -3.84 -5.56 23.45
C ASN C 303 -4.12 -5.34 21.97
N SER C 304 -5.40 -5.14 21.64
CA SER C 304 -5.84 -5.02 20.26
C SER C 304 -6.15 -3.58 19.85
N SER C 305 -5.73 -2.60 20.66
CA SER C 305 -6.06 -1.22 20.35
C SER C 305 -5.22 -0.68 19.20
N LEU C 306 -3.92 -0.98 19.18
CA LEU C 306 -3.04 -0.41 18.18
C LEU C 306 -2.98 -1.30 16.94
N PRO C 307 -2.76 -0.70 15.75
CA PRO C 307 -2.85 -1.51 14.52
C PRO C 307 -1.65 -2.40 14.25
N PHE C 308 -0.51 -2.18 14.88
CA PHE C 308 0.69 -2.94 14.55
C PHE C 308 1.35 -3.48 15.82
N GLN C 309 1.97 -4.65 15.67
CA GLN C 309 2.72 -5.28 16.74
C GLN C 309 3.92 -6.02 16.15
N ASN C 310 4.92 -6.27 16.99
CA ASN C 310 6.12 -6.99 16.56
C ASN C 310 6.55 -8.03 17.58
N VAL C 311 5.65 -8.45 18.47
CA VAL C 311 6.02 -9.40 19.51
C VAL C 311 6.25 -10.79 18.91
N HIS C 312 5.33 -11.24 18.06
CA HIS C 312 5.43 -12.59 17.50
C HIS C 312 4.70 -12.65 16.17
N PRO C 313 5.23 -13.39 15.18
CA PRO C 313 4.52 -13.50 13.91
C PRO C 313 3.27 -14.36 13.99
N VAL C 314 3.28 -15.41 14.82
CA VAL C 314 2.16 -16.34 14.93
C VAL C 314 1.15 -15.75 15.91
N THR C 315 -0.01 -15.35 15.39
CA THR C 315 -1.07 -14.76 16.19
C THR C 315 -2.36 -15.54 15.99
N ILE C 316 -3.21 -15.54 17.01
CA ILE C 316 -4.49 -16.23 16.98
C ILE C 316 -5.58 -15.24 17.37
N GLY C 317 -6.62 -15.15 16.53
CA GLY C 317 -7.72 -14.25 16.79
C GLY C 317 -7.54 -12.91 16.13
N GLU C 318 -8.39 -11.96 16.53
CA GLU C 318 -8.32 -10.60 16.03
C GLU C 318 -7.07 -9.93 16.60
N CYS C 319 -6.04 -9.81 15.78
CA CYS C 319 -4.73 -9.38 16.22
C CYS C 319 -4.20 -8.31 15.27
N PRO C 320 -3.35 -7.41 15.76
CA PRO C 320 -2.68 -6.46 14.87
C PRO C 320 -1.72 -7.16 13.92
N LYS C 321 -1.49 -6.53 12.77
CA LYS C 321 -0.63 -7.11 11.75
C LYS C 321 0.83 -7.11 12.23
N TYR C 322 1.49 -8.25 12.04
CA TYR C 322 2.88 -8.38 12.49
C TYR C 322 3.82 -7.61 11.57
N VAL C 323 4.80 -6.92 12.18
CA VAL C 323 5.81 -6.17 11.45
C VAL C 323 7.17 -6.49 12.04
N ARG C 324 8.21 -6.18 11.26
CA ARG C 324 9.60 -6.31 11.70
C ARG C 324 10.21 -4.99 12.12
N SER C 325 9.44 -3.91 12.14
CA SER C 325 9.98 -2.60 12.49
C SER C 325 10.27 -2.52 13.99
N ALA C 326 11.45 -1.98 14.31
CA ALA C 326 11.82 -1.82 15.72
C ALA C 326 11.11 -0.65 16.38
N LYS C 327 10.82 0.41 15.63
CA LYS C 327 10.22 1.61 16.20
C LYS C 327 9.21 2.17 15.22
N LEU C 328 7.99 2.45 15.70
CA LEU C 328 6.90 2.98 14.89
C LEU C 328 6.18 4.05 15.70
N ARG C 329 6.64 5.29 15.57
CA ARG C 329 6.08 6.41 16.34
C ARG C 329 5.67 7.53 15.39
N MET C 330 4.50 8.11 15.65
CA MET C 330 4.00 9.25 14.89
C MET C 330 4.00 10.50 15.76
N VAL C 331 4.53 11.60 15.23
CA VAL C 331 4.60 12.83 16.01
C VAL C 331 3.24 13.51 16.02
N THR C 332 2.84 13.99 17.21
CA THR C 332 1.61 14.76 17.37
C THR C 332 1.87 16.17 17.85
N GLY C 333 3.13 16.60 17.89
CA GLY C 333 3.50 17.92 18.36
C GLY C 333 4.48 18.58 17.42
N LEU C 334 5.19 19.58 17.94
CA LEU C 334 6.13 20.37 17.16
C LEU C 334 7.56 19.94 17.48
N ARG C 335 8.51 20.63 16.87
CA ARG C 335 9.92 20.38 17.15
C ARG C 335 10.27 20.91 18.53
N ASN C 336 10.89 20.05 19.35
CA ASN C 336 11.27 20.42 20.71
C ASN C 336 12.69 20.98 20.69
N ILE C 337 12.82 22.28 20.92
CA ILE C 337 14.13 22.93 20.97
C ILE C 337 14.19 23.77 22.26
N PRO C 338 15.29 23.70 23.01
CA PRO C 338 15.43 24.55 24.19
C PRO C 338 15.55 26.02 23.82
N SER C 339 15.08 26.87 24.73
CA SER C 339 15.13 28.32 24.52
C SER C 339 16.55 28.85 24.68
N ALA D 7 13.13 36.41 22.14
CA ALA D 7 12.00 35.50 22.31
C ALA D 7 11.17 35.42 21.04
N GLY D 8 11.73 34.82 20.00
CA GLY D 8 11.04 34.69 18.73
C GLY D 8 10.99 33.26 18.28
N PHE D 9 10.17 33.02 17.25
CA PHE D 9 9.98 31.65 16.76
C PHE D 9 11.17 31.17 15.96
N ILE D 10 11.88 32.09 15.29
CA ILE D 10 13.11 31.69 14.60
C ILE D 10 14.23 31.44 15.60
N GLU D 11 14.18 32.11 16.75
CA GLU D 11 15.21 31.89 17.78
C GLU D 11 15.02 30.54 18.47
N GLY D 12 13.78 30.20 18.81
CA GLY D 12 13.53 28.96 19.50
C GLY D 12 12.07 28.85 19.89
N GLY D 13 11.81 28.01 20.88
CA GLY D 13 10.47 27.79 21.39
C GLY D 13 10.39 28.12 22.87
N TRP D 14 9.29 28.76 23.27
CA TRP D 14 9.09 29.10 24.66
C TRP D 14 8.71 27.85 25.47
N THR D 15 9.03 27.89 26.75
CA THR D 15 8.69 26.81 27.66
C THR D 15 7.76 27.22 28.79
N GLY D 16 7.61 28.53 29.05
CA GLY D 16 6.73 28.97 30.11
C GLY D 16 5.26 28.69 29.83
N MET D 17 4.83 28.98 28.60
CA MET D 17 3.42 28.77 28.26
C MET D 17 3.18 27.31 27.88
N VAL D 18 2.07 26.76 28.39
CA VAL D 18 1.67 25.39 28.07
C VAL D 18 0.19 25.37 27.69
N ASP D 19 -0.45 26.54 27.74
CA ASP D 19 -1.89 26.63 27.52
C ASP D 19 -2.27 26.23 26.09
N GLY D 20 -1.48 26.68 25.11
CA GLY D 20 -1.72 26.29 23.74
C GLY D 20 -0.40 26.08 23.01
N TRP D 21 -0.50 25.48 21.83
CA TRP D 21 0.70 25.32 21.00
C TRP D 21 1.16 26.66 20.44
N TYR D 22 0.22 27.58 20.20
CA TYR D 22 0.50 28.84 19.54
C TYR D 22 0.02 29.97 20.43
N GLY D 23 0.85 31.01 20.57
CA GLY D 23 0.50 32.11 21.44
C GLY D 23 1.37 33.32 21.22
N TYR D 24 1.01 34.40 21.92
CA TYR D 24 1.68 35.68 21.81
C TYR D 24 2.30 36.04 23.15
N HIS D 25 3.43 36.75 23.11
CA HIS D 25 4.04 37.33 24.29
C HIS D 25 3.91 38.85 24.22
N HIS D 26 3.27 39.45 25.21
CA HIS D 26 3.01 40.87 25.24
C HIS D 26 3.89 41.54 26.29
N GLN D 27 4.40 42.73 25.96
CA GLN D 27 5.22 43.52 26.86
C GLN D 27 4.57 44.90 26.98
N ASN D 28 4.32 45.32 28.22
CA ASN D 28 3.64 46.59 28.47
C ASN D 28 4.11 47.18 29.80
N GLU D 29 3.89 48.49 29.94
CA GLU D 29 4.13 49.15 31.21
C GLU D 29 3.20 48.60 32.30
N GLN D 30 1.95 48.31 31.94
CA GLN D 30 0.99 47.81 32.93
C GLN D 30 1.32 46.39 33.37
N GLY D 31 1.74 45.54 32.43
CA GLY D 31 2.04 44.17 32.75
C GLY D 31 2.83 43.49 31.66
N SER D 32 3.36 42.31 31.99
CA SER D 32 4.14 41.51 31.05
C SER D 32 3.88 40.04 31.32
N GLY D 33 3.48 39.30 30.28
CA GLY D 33 3.22 37.89 30.42
C GLY D 33 3.01 37.23 29.08
N TYR D 34 2.77 35.92 29.13
CA TYR D 34 2.48 35.15 27.94
C TYR D 34 0.97 35.03 27.73
N ALA D 35 0.60 34.51 26.56
CA ALA D 35 -0.80 34.28 26.22
C ALA D 35 -0.86 33.19 25.16
N ALA D 36 -2.06 32.73 24.84
CA ALA D 36 -2.18 31.61 23.87
C ALA D 36 -3.35 31.85 22.93
N ASP D 37 -3.24 31.39 21.68
CA ASP D 37 -4.36 31.54 20.72
C ASP D 37 -5.19 30.27 20.78
N GLN D 38 -6.31 30.34 21.49
CA GLN D 38 -7.18 29.14 21.63
C GLN D 38 -7.73 28.72 20.27
N LYS D 39 -8.16 29.68 19.45
CA LYS D 39 -8.82 29.29 18.18
C LYS D 39 -7.82 28.53 17.29
N SER D 40 -6.60 29.07 17.12
CA SER D 40 -5.66 28.42 16.20
C SER D 40 -5.28 27.06 16.78
N THR D 41 -4.99 27.02 18.07
CA THR D 41 -4.56 25.74 18.67
C THR D 41 -5.73 24.77 18.57
N GLN D 42 -6.95 25.22 18.85
CA GLN D 42 -8.08 24.25 18.87
C GLN D 42 -8.23 23.64 17.49
N ASN D 43 -8.15 24.45 16.44
CA ASN D 43 -8.23 23.88 15.07
C ASN D 43 -7.16 22.80 14.94
N ALA D 44 -5.91 23.15 15.26
CA ALA D 44 -4.81 22.19 15.06
C ALA D 44 -5.00 20.94 15.92
N ILE D 45 -5.41 21.09 17.17
CA ILE D 45 -5.50 19.86 18.03
C ILE D 45 -6.53 18.95 17.39
N ASN D 46 -7.68 19.51 17.00
CA ASN D 46 -8.76 18.70 16.36
C ASN D 46 -8.17 18.00 15.14
N CYS D 47 -7.46 18.74 14.31
CA CYS D 47 -6.94 18.16 13.05
C CYS D 47 -6.02 16.97 13.35
N ILE D 48 -5.10 17.16 14.30
CA ILE D 48 -4.12 16.08 14.57
C ILE D 48 -4.90 14.89 15.13
N THR D 49 -5.91 15.15 15.96
CA THR D 49 -6.66 14.04 16.58
C THR D 49 -7.33 13.25 15.46
N ASN D 50 -7.93 13.96 14.51
CA ASN D 50 -8.64 13.27 13.41
C ASN D 50 -7.61 12.43 12.66
N LYS D 51 -6.43 12.99 12.38
CA LYS D 51 -5.45 12.24 11.57
C LYS D 51 -5.05 10.96 12.31
N VAL D 52 -4.76 11.08 13.60
CA VAL D 52 -4.26 9.87 14.33
C VAL D 52 -5.39 8.84 14.36
N ASN D 53 -6.62 9.31 14.57
CA ASN D 53 -7.74 8.35 14.69
C ASN D 53 -7.89 7.63 13.35
N SER D 54 -7.78 8.36 12.25
CA SER D 54 -7.92 7.74 10.91
C SER D 54 -6.80 6.72 10.68
N VAL D 55 -5.57 7.05 11.08
CA VAL D 55 -4.49 6.03 10.92
C VAL D 55 -4.80 4.79 11.75
N ILE D 56 -5.31 4.92 12.99
CA ILE D 56 -5.51 3.70 13.83
C ILE D 56 -6.87 3.05 13.55
N GLU D 57 -7.95 3.84 13.44
CA GLU D 57 -9.34 3.34 13.25
C GLU D 57 -9.57 2.66 11.91
N LYS D 58 -9.08 3.23 10.81
CA LYS D 58 -9.41 2.66 9.47
C LYS D 58 -8.98 1.20 9.45
N MET D 59 -8.12 0.81 10.38
CA MET D 59 -7.70 -0.58 10.46
C MET D 59 -8.76 -1.41 11.18
N ASN D 60 -9.18 -2.51 10.55
CA ASN D 60 -10.20 -3.38 11.11
C ASN D 60 -9.72 -4.82 10.96
N THR D 61 -9.48 -5.48 12.08
CA THR D 61 -8.97 -6.84 12.09
C THR D 61 -10.11 -7.84 12.18
N GLN D 62 -9.87 -9.03 11.64
CA GLN D 62 -10.83 -10.13 11.66
C GLN D 62 -10.21 -11.33 12.34
N PHE D 63 -11.05 -12.29 12.72
CA PHE D 63 -10.57 -13.49 13.39
C PHE D 63 -9.82 -14.39 12.41
N THR D 64 -8.49 -14.34 12.47
CA THR D 64 -7.66 -15.14 11.58
C THR D 64 -6.71 -15.99 12.42
N ALA D 65 -6.30 -17.12 11.85
CA ALA D 65 -5.31 -17.99 12.45
C ALA D 65 -4.07 -18.01 11.58
N VAL D 66 -2.93 -17.66 12.16
CA VAL D 66 -1.69 -17.55 11.40
C VAL D 66 -0.90 -18.85 11.41
N GLY D 67 -0.76 -19.46 12.59
CA GLY D 67 -0.01 -20.70 12.72
C GLY D 67 -0.63 -21.88 12.00
N LYS D 68 0.17 -22.55 11.16
CA LYS D 68 -0.26 -23.71 10.40
C LYS D 68 0.74 -24.83 10.60
N GLU D 69 0.27 -26.06 10.44
CA GLU D 69 1.09 -27.24 10.61
C GLU D 69 0.97 -28.13 9.38
N PHE D 70 2.11 -28.58 8.86
CA PHE D 70 2.16 -29.46 7.70
C PHE D 70 3.19 -30.54 7.94
N ASN D 71 2.94 -31.73 7.39
CA ASN D 71 3.86 -32.84 7.56
C ASN D 71 5.01 -32.75 6.57
N LYS D 72 5.80 -33.83 6.50
CA LYS D 72 6.93 -33.87 5.58
C LYS D 72 6.46 -34.03 4.14
N LEU D 73 5.29 -34.63 3.94
CA LEU D 73 4.81 -34.86 2.58
C LEU D 73 4.28 -33.58 1.94
N GLU D 74 3.72 -32.68 2.75
CA GLU D 74 3.17 -31.43 2.23
C GLU D 74 4.18 -30.29 2.32
N ARG D 75 5.30 -30.43 1.61
CA ARG D 75 6.34 -29.40 1.67
C ARG D 75 5.95 -28.17 0.86
N ARG D 76 5.25 -28.38 -0.27
CA ARG D 76 4.83 -27.26 -1.10
C ARG D 76 3.83 -26.37 -0.37
N MET D 77 2.94 -26.97 0.42
CA MET D 77 1.99 -26.19 1.20
C MET D 77 2.69 -25.35 2.25
N GLU D 78 3.70 -25.91 2.92
CA GLU D 78 4.47 -25.16 3.91
C GLU D 78 5.23 -24.02 3.25
N ASN D 79 5.81 -24.27 2.07
CA ASN D 79 6.52 -23.22 1.34
C ASN D 79 5.56 -22.11 0.91
N LEU D 80 4.36 -22.48 0.46
CA LEU D 80 3.36 -21.49 0.07
C LEU D 80 2.91 -20.64 1.26
N ASN D 81 2.70 -21.29 2.41
CA ASN D 81 2.29 -20.55 3.61
C ASN D 81 3.39 -19.59 4.07
N LYS D 82 4.65 -20.05 4.03
CA LYS D 82 5.77 -19.17 4.36
C LYS D 82 5.86 -18.01 3.40
N LYS D 83 5.64 -18.26 2.11
CA LYS D 83 5.72 -17.21 1.10
C LYS D 83 4.64 -16.16 1.30
N VAL D 84 3.39 -16.59 1.56
CA VAL D 84 2.30 -15.63 1.69
C VAL D 84 2.45 -14.83 2.99
N ASP D 85 2.91 -15.49 4.07
CA ASP D 85 3.15 -14.77 5.32
C ASP D 85 4.27 -13.74 5.16
N ASP D 86 5.36 -14.12 4.47
CA ASP D 86 6.46 -13.19 4.24
C ASP D 86 6.01 -12.03 3.36
N GLY D 87 5.19 -12.30 2.34
CA GLY D 87 4.69 -11.23 1.51
C GLY D 87 3.82 -10.24 2.26
N PHE D 88 2.90 -10.75 3.09
CA PHE D 88 2.06 -9.88 3.90
C PHE D 88 2.87 -9.03 4.86
N ILE D 89 3.84 -9.62 5.56
CA ILE D 89 4.59 -8.84 6.54
C ILE D 89 5.50 -7.83 5.85
N ASP D 90 6.06 -8.17 4.68
CA ASP D 90 6.90 -7.22 3.97
C ASP D 90 6.09 -6.02 3.45
N ILE D 91 4.91 -6.29 2.87
CA ILE D 91 4.05 -5.19 2.41
C ILE D 91 3.61 -4.33 3.57
N TRP D 92 3.25 -4.94 4.69
CA TRP D 92 2.81 -4.16 5.85
C TRP D 92 3.92 -3.30 6.42
N THR D 93 5.14 -3.86 6.51
CA THR D 93 6.28 -3.08 7.01
C THR D 93 6.58 -1.90 6.12
N TYR D 94 6.65 -2.13 4.80
CA TYR D 94 6.97 -1.05 3.87
C TYR D 94 5.91 0.04 3.90
N ASN D 95 4.63 -0.37 3.84
CA ASN D 95 3.54 0.60 3.84
C ASN D 95 3.51 1.40 5.13
N ALA D 96 3.63 0.72 6.27
CA ALA D 96 3.57 1.41 7.56
C ALA D 96 4.72 2.38 7.74
N GLU D 97 5.95 1.97 7.38
CA GLU D 97 7.11 2.82 7.60
C GLU D 97 7.09 4.04 6.70
N LEU D 98 6.80 3.85 5.40
CA LEU D 98 6.74 5.00 4.50
C LEU D 98 5.58 5.92 4.87
N LEU D 99 4.44 5.35 5.28
CA LEU D 99 3.29 6.15 5.68
C LEU D 99 3.60 6.99 6.91
N VAL D 100 4.23 6.40 7.93
CA VAL D 100 4.48 7.14 9.15
C VAL D 100 5.54 8.22 8.93
N LEU D 101 6.53 7.94 8.08
CA LEU D 101 7.54 8.96 7.76
C LEU D 101 6.90 10.14 7.05
N LEU D 102 6.04 9.86 6.05
CA LEU D 102 5.37 10.93 5.33
C LEU D 102 4.44 11.73 6.23
N GLU D 103 3.75 11.06 7.16
CA GLU D 103 2.82 11.76 8.04
C GLU D 103 3.55 12.60 9.07
N ASN D 104 4.71 12.14 9.54
CA ASN D 104 5.53 12.97 10.42
C ASN D 104 5.99 14.23 9.70
N GLU D 105 6.40 14.09 8.44
CA GLU D 105 6.83 15.27 7.69
C GLU D 105 5.67 16.22 7.44
N ARG D 106 4.47 15.68 7.15
CA ARG D 106 3.29 16.53 7.03
C ARG D 106 2.96 17.24 8.33
N THR D 107 3.10 16.55 9.47
CA THR D 107 2.78 17.18 10.75
C THR D 107 3.71 18.35 11.04
N LEU D 108 5.01 18.16 10.81
CA LEU D 108 5.95 19.26 11.02
C LEU D 108 5.71 20.40 10.03
N ASP D 109 5.39 20.07 8.77
CA ASP D 109 5.16 21.09 7.75
C ASP D 109 3.89 21.89 8.07
N PHE D 110 2.84 21.19 8.52
CA PHE D 110 1.58 21.85 8.88
C PHE D 110 1.76 22.77 10.08
N HIS D 111 2.55 22.33 11.06
CA HIS D 111 2.82 23.18 12.22
C HIS D 111 3.62 24.43 11.82
N ASP D 112 4.63 24.25 10.98
CA ASP D 112 5.42 25.41 10.49
C ASP D 112 4.49 26.34 9.72
N SER D 113 3.61 25.78 8.88
CA SER D 113 2.69 26.60 8.10
C SER D 113 1.74 27.38 9.00
N ASN D 114 1.31 26.76 10.10
CA ASN D 114 0.49 27.49 11.08
C ASN D 114 1.25 28.66 11.70
N VAL D 115 2.53 28.44 12.03
CA VAL D 115 3.34 29.53 12.58
C VAL D 115 3.47 30.67 11.57
N LYS D 116 3.75 30.34 10.32
CA LYS D 116 3.92 31.36 9.28
C LYS D 116 2.60 32.08 9.00
N ASN D 117 1.48 31.35 9.03
CA ASN D 117 0.18 31.98 8.84
C ASN D 117 -0.13 32.98 9.95
N LEU D 118 0.16 32.60 11.21
CA LEU D 118 -0.06 33.51 12.32
C LEU D 118 0.83 34.74 12.21
N TYR D 119 2.10 34.54 11.81
CA TYR D 119 3.02 35.66 11.65
C TYR D 119 2.56 36.61 10.54
N GLU D 120 2.09 36.05 9.42
CA GLU D 120 1.64 36.89 8.33
C GLU D 120 0.34 37.61 8.68
N LYS D 121 -0.52 36.98 9.49
CA LYS D 121 -1.75 37.64 9.91
C LYS D 121 -1.44 38.84 10.81
N VAL D 122 -0.56 38.65 11.80
CA VAL D 122 -0.25 39.76 12.69
C VAL D 122 0.56 40.84 11.96
N LYS D 123 1.35 40.44 10.97
CA LYS D 123 2.08 41.43 10.16
C LYS D 123 1.13 42.23 9.26
N SER D 124 0.12 41.57 8.69
CA SER D 124 -0.85 42.28 7.87
C SER D 124 -1.69 43.22 8.73
N GLN D 125 -1.90 42.87 10.00
CA GLN D 125 -2.61 43.78 10.90
C GLN D 125 -1.73 44.94 11.34
N LEU D 126 -0.42 44.70 11.48
CA LEU D 126 0.48 45.75 11.96
C LEU D 126 1.48 46.19 10.90
N LYS D 127 1.05 46.25 9.64
CA LYS D 127 1.81 46.61 8.42
C LYS D 127 2.84 47.71 8.65
N ASN D 128 2.48 48.85 9.26
CA ASN D 128 3.46 49.90 9.49
C ASN D 128 3.32 50.60 10.83
N ASN D 129 2.36 50.20 11.67
CA ASN D 129 2.22 50.83 12.98
C ASN D 129 3.36 50.41 13.90
N ALA D 130 3.87 49.19 13.74
CA ALA D 130 4.93 48.67 14.58
C ALA D 130 6.15 48.34 13.74
N LYS D 131 7.32 48.74 14.24
CA LYS D 131 8.57 48.36 13.60
C LYS D 131 8.81 46.86 13.76
N GLU D 132 9.26 46.22 12.69
CA GLU D 132 9.53 44.79 12.67
C GLU D 132 11.01 44.58 12.98
N ILE D 133 11.29 43.87 14.08
CA ILE D 133 12.67 43.59 14.45
C ILE D 133 13.29 42.61 13.46
N GLY D 134 12.53 41.64 12.99
CA GLY D 134 13.04 40.57 12.17
C GLY D 134 13.37 39.30 12.92
N ASN D 135 13.35 39.34 14.26
CA ASN D 135 13.53 38.16 15.09
C ASN D 135 12.20 37.53 15.49
N GLY D 136 11.09 37.98 14.90
CA GLY D 136 9.77 37.58 15.33
C GLY D 136 9.13 38.52 16.30
N CYS D 137 9.67 39.72 16.48
CA CYS D 137 9.17 40.70 17.44
C CYS D 137 8.66 41.93 16.68
N PHE D 138 7.46 42.37 17.02
CA PHE D 138 6.90 43.59 16.49
C PHE D 138 6.93 44.66 17.57
N GLU D 139 7.84 45.61 17.44
CA GLU D 139 8.00 46.70 18.40
C GLU D 139 7.11 47.85 17.97
N PHE D 140 6.13 48.19 18.79
CA PHE D 140 5.21 49.29 18.49
C PHE D 140 5.93 50.62 18.54
N TYR D 141 5.77 51.43 17.50
CA TYR D 141 6.15 52.83 17.59
C TYR D 141 5.27 53.57 18.58
N HIS D 142 3.95 53.38 18.45
CA HIS D 142 3.00 54.07 19.31
C HIS D 142 2.83 53.34 20.63
N LYS D 143 2.69 54.10 21.71
CA LYS D 143 2.48 53.52 23.03
C LYS D 143 1.00 53.28 23.27
N CYS D 144 0.66 52.04 23.62
CA CYS D 144 -0.71 51.66 23.88
C CYS D 144 -0.77 50.55 24.92
N ASN D 145 -1.84 50.57 25.72
CA ASN D 145 -2.00 49.73 26.88
C ASN D 145 -2.53 48.35 26.50
N ASP D 146 -2.95 47.59 27.52
CA ASP D 146 -3.24 46.17 27.34
C ASP D 146 -4.44 45.92 26.41
N GLU D 147 -5.39 46.86 26.38
CA GLU D 147 -6.54 46.72 25.50
C GLU D 147 -6.12 46.75 24.04
N CYS D 148 -5.10 47.55 23.72
CA CYS D 148 -4.50 47.58 22.39
C CYS D 148 -3.95 46.22 21.98
N MET D 149 -3.16 45.59 22.86
CA MET D 149 -2.56 44.31 22.49
C MET D 149 -3.60 43.20 22.43
N GLU D 150 -4.60 43.20 23.31
CA GLU D 150 -5.62 42.16 23.22
C GLU D 150 -6.54 42.39 22.03
N SER D 151 -6.67 43.66 21.58
CA SER D 151 -7.35 43.92 20.33
C SER D 151 -6.55 43.40 19.14
N VAL D 152 -5.22 43.45 19.23
CA VAL D 152 -4.38 42.77 18.24
C VAL D 152 -4.64 41.26 18.28
N LYS D 153 -4.76 40.69 19.49
CA LYS D 153 -5.16 39.30 19.60
C LYS D 153 -6.58 39.08 19.08
N ASN D 154 -7.47 40.03 19.36
CA ASN D 154 -8.86 39.90 18.92
C ASN D 154 -9.01 40.01 17.41
N GLY D 155 -8.05 40.62 16.72
CA GLY D 155 -8.18 40.88 15.31
C GLY D 155 -8.92 42.14 14.95
N THR D 156 -9.19 43.00 15.93
CA THR D 156 -9.93 44.24 15.72
C THR D 156 -9.06 45.47 15.82
N TYR D 157 -7.75 45.33 15.58
CA TYR D 157 -6.86 46.50 15.59
C TYR D 157 -7.15 47.39 14.40
N ASP D 158 -7.09 48.70 14.63
CA ASP D 158 -7.40 49.70 13.61
C ASP D 158 -6.21 50.61 13.36
N TYR D 159 -5.94 50.89 12.09
CA TYR D 159 -4.86 51.81 11.72
C TYR D 159 -5.09 53.28 12.12
N PRO D 160 -6.23 53.93 11.84
CA PRO D 160 -6.26 55.40 12.01
C PRO D 160 -6.20 55.88 13.45
N LYS D 161 -6.44 55.01 14.43
CA LYS D 161 -6.48 55.46 15.82
C LYS D 161 -5.10 55.85 16.32
N TYR D 162 -4.07 55.08 15.95
CA TYR D 162 -2.70 55.35 16.33
C TYR D 162 -1.81 55.73 15.15
N SER D 163 -2.39 56.26 14.07
CA SER D 163 -1.61 56.54 12.87
C SER D 163 -0.70 57.75 13.07
N GLU D 164 -1.25 58.83 13.65
CA GLU D 164 -0.49 60.07 13.78
C GLU D 164 0.65 59.93 14.78
N GLU D 165 0.40 59.27 15.91
CA GLU D 165 1.44 59.04 16.90
C GLU D 165 2.54 58.15 16.34
N SER D 166 2.16 57.12 15.57
CA SER D 166 3.16 56.26 14.94
C SER D 166 3.99 57.03 13.92
N LYS D 167 3.36 57.91 13.15
CA LYS D 167 4.10 58.72 12.18
C LYS D 167 5.07 59.67 12.88
N LEU D 168 4.63 60.26 14.00
CA LEU D 168 5.51 61.11 14.79
C LEU D 168 6.68 60.32 15.36
N ASN D 169 6.43 59.07 15.76
CA ASN D 169 7.51 58.25 16.30
C ASN D 169 8.49 57.81 15.21
N ARG D 170 8.00 57.61 13.98
CA ARG D 170 8.91 57.40 12.85
C ARG D 170 9.76 58.64 12.60
N GLU D 171 9.14 59.82 12.69
CA GLU D 171 9.88 61.06 12.46
C GLU D 171 10.92 61.29 13.55
N LYS D 172 10.64 60.86 14.78
CA LYS D 172 11.61 60.97 15.86
C LYS D 172 12.81 60.06 15.61
N ILE D 173 12.58 58.85 15.14
CA ILE D 173 13.66 57.92 14.87
C ILE D 173 14.11 58.03 13.42
N ASP E 18 -13.79 52.08 -7.09
CA ASP E 18 -13.47 50.93 -7.92
C ASP E 18 -12.74 49.86 -7.11
N THR E 19 -13.23 48.63 -7.18
CA THR E 19 -12.67 47.52 -6.41
C THR E 19 -12.46 46.31 -7.32
N ILE E 20 -11.40 45.56 -7.02
CA ILE E 20 -11.15 44.25 -7.61
C ILE E 20 -11.11 43.25 -6.48
N CYS E 21 -12.00 42.26 -6.53
CA CYS E 21 -12.13 41.29 -5.46
C CYS E 21 -11.70 39.91 -5.92
N ILE E 22 -11.33 39.07 -4.96
CA ILE E 22 -10.89 37.70 -5.21
C ILE E 22 -11.89 36.75 -4.58
N GLY E 23 -12.36 35.77 -5.35
CA GLY E 23 -13.32 34.82 -4.85
C GLY E 23 -13.18 33.48 -5.56
N TYR E 24 -14.01 32.54 -5.13
CA TYR E 24 -13.99 31.19 -5.68
C TYR E 24 -15.42 30.69 -5.86
N HIS E 25 -15.58 29.69 -6.74
CA HIS E 25 -16.94 29.21 -7.13
C HIS E 25 -17.69 28.52 -6.00
N ALA E 26 -19.02 28.62 -6.01
CA ALA E 26 -19.86 27.92 -5.02
C ALA E 26 -21.05 27.31 -5.76
N ASN E 27 -21.61 26.21 -5.28
CA ASN E 27 -22.68 25.54 -6.07
C ASN E 27 -23.76 24.97 -5.13
N ASN E 28 -24.92 24.64 -5.68
CA ASN E 28 -26.01 24.05 -4.88
C ASN E 28 -25.66 22.61 -4.49
N SER E 29 -24.64 22.02 -5.10
CA SER E 29 -24.36 20.59 -4.84
C SER E 29 -24.13 20.33 -3.35
N THR E 30 -24.76 19.30 -2.81
CA THR E 30 -24.63 18.98 -1.37
C THR E 30 -23.73 17.76 -1.20
N ASP E 31 -23.02 17.35 -2.25
CA ASP E 31 -22.22 16.10 -2.17
C ASP E 31 -21.20 16.27 -1.04
N THR E 32 -21.04 15.24 -0.20
CA THR E 32 -20.13 15.37 0.95
C THR E 32 -18.96 14.40 0.78
N VAL E 33 -17.74 14.90 0.91
CA VAL E 33 -16.55 14.03 0.69
C VAL E 33 -15.81 13.89 2.02
N ASP E 34 -15.25 12.71 2.27
CA ASP E 34 -14.51 12.47 3.54
C ASP E 34 -13.05 12.84 3.30
N THR E 35 -12.57 13.88 3.98
CA THR E 35 -11.16 14.32 3.78
C THR E 35 -10.47 14.19 5.13
N VAL E 36 -9.15 13.97 5.16
CA VAL E 36 -8.45 13.96 6.48
C VAL E 36 -8.89 15.27 7.14
N CYS E 37 -9.17 15.27 8.46
CA CYS E 37 -9.51 16.54 9.16
C CYS E 37 -10.99 16.88 9.05
N GLU E 38 -11.74 16.17 8.18
CA GLU E 38 -13.16 16.57 8.06
C GLU E 38 -13.94 15.36 7.59
N LYS E 39 -14.38 14.52 8.52
CA LYS E 39 -15.09 13.29 8.13
C LYS E 39 -16.30 13.71 7.29
N ASN E 40 -16.69 14.98 7.40
CA ASN E 40 -17.88 15.48 6.68
C ASN E 40 -17.61 16.89 6.16
N VAL E 41 -17.36 17.04 4.85
CA VAL E 41 -17.18 18.41 4.28
C VAL E 41 -18.04 18.50 3.02
N THR E 42 -18.41 19.72 2.60
CA THR E 42 -19.26 19.90 1.41
C THR E 42 -18.39 20.37 0.24
N VAL E 43 -18.51 19.74 -0.92
CA VAL E 43 -17.62 20.07 -2.06
C VAL E 43 -18.44 20.27 -3.34
N THR E 44 -17.97 21.11 -4.26
CA THR E 44 -18.76 21.44 -5.47
C THR E 44 -18.95 20.22 -6.39
N HIS E 45 -17.92 19.42 -6.59
CA HIS E 45 -18.07 18.19 -7.43
C HIS E 45 -17.14 17.09 -6.92
N SER E 46 -17.53 15.83 -7.11
CA SER E 46 -16.71 14.69 -6.65
C SER E 46 -16.93 13.50 -7.59
N VAL E 47 -16.00 12.54 -7.59
CA VAL E 47 -16.14 11.33 -8.45
C VAL E 47 -16.16 10.09 -7.56
N ASN E 48 -17.34 9.48 -7.36
CA ASN E 48 -17.44 8.30 -6.53
C ASN E 48 -16.70 7.16 -7.18
N LEU E 49 -15.70 6.61 -6.48
CA LEU E 49 -14.89 5.52 -6.99
C LEU E 49 -15.42 4.15 -6.60
N LEU E 50 -16.54 4.08 -5.90
CA LEU E 50 -17.09 2.83 -5.40
C LEU E 50 -18.32 2.46 -6.22
N GLU E 51 -18.29 1.27 -6.83
CA GLU E 51 -19.41 0.77 -7.62
C GLU E 51 -20.22 -0.19 -6.76
N ASP E 52 -21.34 0.29 -6.23
CA ASP E 52 -22.21 -0.48 -5.36
C ASP E 52 -23.51 -0.89 -6.04
N SER E 53 -23.62 -0.70 -7.35
CA SER E 53 -24.84 -0.97 -8.09
C SER E 53 -24.64 -2.17 -9.00
N HIS E 54 -25.51 -3.17 -8.86
CA HIS E 54 -25.54 -4.34 -9.73
C HIS E 54 -26.87 -4.38 -10.45
N ASN E 55 -26.84 -4.81 -11.72
CA ASN E 55 -28.06 -4.81 -12.53
C ASN E 55 -29.04 -5.88 -12.06
N GLY E 56 -28.55 -6.90 -11.36
CA GLY E 56 -29.39 -8.01 -10.95
C GLY E 56 -29.62 -9.06 -12.01
N LYS E 57 -28.95 -8.96 -13.15
CA LYS E 57 -29.11 -9.90 -14.25
C LYS E 57 -27.76 -10.52 -14.59
N LEU E 58 -27.74 -11.83 -14.79
CA LEU E 58 -26.54 -12.50 -15.27
C LEU E 58 -26.27 -12.09 -16.71
N CYS E 59 -24.99 -11.86 -17.00
CA CYS E 59 -24.61 -11.31 -18.29
C CYS E 59 -23.41 -12.08 -18.84
N LEU E 60 -23.22 -11.99 -20.16
CA LEU E 60 -22.14 -12.70 -20.82
C LEU E 60 -20.78 -12.14 -20.43
N LEU E 61 -19.79 -13.01 -20.37
CA LEU E 61 -18.41 -12.63 -20.05
C LEU E 61 -17.55 -12.81 -21.29
N LYS E 62 -16.91 -11.70 -21.72
CA LYS E 62 -16.00 -11.70 -22.91
C LYS E 62 -16.74 -12.19 -24.16
N GLY E 63 -18.03 -11.86 -24.27
CA GLY E 63 -18.79 -12.27 -25.42
C GLY E 63 -19.12 -13.75 -25.48
N ILE E 64 -18.88 -14.50 -24.41
CA ILE E 64 -19.13 -15.94 -24.37
C ILE E 64 -20.31 -16.19 -23.45
N ALA E 65 -21.31 -16.91 -23.96
CA ALA E 65 -22.50 -17.20 -23.18
C ALA E 65 -22.18 -18.25 -22.12
N PRO E 66 -22.50 -17.98 -20.85
CA PRO E 66 -22.22 -18.97 -19.81
C PRO E 66 -23.27 -20.06 -19.75
N LEU E 67 -22.80 -21.30 -19.58
CA LEU E 67 -23.70 -22.44 -19.47
C LEU E 67 -24.42 -22.42 -18.13
N GLN E 68 -25.70 -22.77 -18.15
CA GLN E 68 -26.51 -22.83 -16.95
C GLN E 68 -26.79 -24.28 -16.58
N LEU E 69 -27.13 -24.52 -15.31
CA LEU E 69 -27.48 -25.85 -14.87
C LEU E 69 -28.96 -25.97 -14.52
N GLY E 70 -29.53 -24.95 -13.88
CA GLY E 70 -30.91 -25.04 -13.43
C GLY E 70 -31.03 -26.08 -12.33
N ASN E 71 -31.98 -27.00 -12.50
CA ASN E 71 -32.12 -28.10 -11.55
C ASN E 71 -31.15 -29.23 -11.88
N CYS E 72 -29.87 -28.92 -11.92
CA CYS E 72 -28.84 -29.91 -12.25
C CYS E 72 -27.59 -29.60 -11.45
N SER E 73 -26.93 -30.65 -10.97
CA SER E 73 -25.60 -30.49 -10.41
C SER E 73 -24.56 -30.61 -11.51
N VAL E 74 -23.30 -30.33 -11.17
CA VAL E 74 -22.21 -30.51 -12.12
C VAL E 74 -22.07 -31.99 -12.47
N ALA E 75 -22.11 -32.85 -11.45
CA ALA E 75 -22.15 -34.29 -11.71
C ALA E 75 -23.46 -34.70 -12.37
N GLY E 76 -24.53 -33.95 -12.10
CA GLY E 76 -25.81 -34.24 -12.75
C GLY E 76 -25.77 -34.00 -14.24
N TRP E 77 -25.03 -32.99 -14.67
CA TRP E 77 -24.93 -32.71 -16.10
C TRP E 77 -23.86 -33.56 -16.77
N ILE E 78 -22.72 -33.76 -16.10
CA ILE E 78 -21.64 -34.54 -16.71
C ILE E 78 -22.00 -36.02 -16.79
N LEU E 79 -22.59 -36.56 -15.71
CA LEU E 79 -22.98 -37.96 -15.70
C LEU E 79 -24.14 -38.25 -16.63
N GLY E 80 -24.92 -37.24 -17.00
CA GLY E 80 -26.00 -37.44 -17.94
C GLY E 80 -27.31 -37.87 -17.34
N ASN E 81 -27.85 -37.06 -16.42
CA ASN E 81 -29.20 -37.28 -15.94
C ASN E 81 -30.19 -37.05 -17.08
N PRO E 82 -31.30 -37.81 -17.08
CA PRO E 82 -32.28 -37.66 -18.17
C PRO E 82 -32.92 -36.28 -18.25
N GLU E 83 -33.12 -35.61 -17.12
CA GLU E 83 -33.66 -34.26 -17.13
C GLU E 83 -32.61 -33.25 -17.56
N CYS E 84 -31.34 -33.55 -17.32
CA CYS E 84 -30.26 -32.61 -17.61
C CYS E 84 -29.78 -32.68 -19.05
N GLU E 85 -30.30 -33.61 -19.85
CA GLU E 85 -29.75 -33.86 -21.19
C GLU E 85 -30.08 -32.74 -22.17
N LEU E 86 -31.06 -31.89 -21.85
CA LEU E 86 -31.40 -30.78 -22.75
C LEU E 86 -30.33 -29.70 -22.74
N LEU E 87 -29.37 -29.78 -21.82
CA LEU E 87 -28.37 -28.75 -21.56
C LEU E 87 -27.09 -28.95 -22.36
N ILE E 88 -27.04 -29.97 -23.24
CA ILE E 88 -25.80 -30.34 -23.89
C ILE E 88 -25.54 -29.53 -25.16
N SER E 89 -26.45 -28.63 -25.52
CA SER E 89 -26.38 -27.96 -26.82
C SER E 89 -25.26 -26.93 -26.87
N ARG E 90 -24.80 -26.46 -25.71
CA ARG E 90 -23.76 -25.44 -25.68
C ARG E 90 -22.41 -26.01 -26.09
N GLU E 91 -21.65 -25.21 -26.86
CA GLU E 91 -20.36 -25.67 -27.35
C GLU E 91 -19.22 -25.23 -26.44
N SER E 92 -19.32 -24.02 -25.87
CA SER E 92 -18.29 -23.50 -24.98
C SER E 92 -18.91 -22.48 -24.05
N TRP E 93 -18.30 -22.32 -22.87
CA TRP E 93 -18.83 -21.43 -21.86
C TRP E 93 -17.68 -20.85 -21.04
N SER E 94 -17.83 -19.58 -20.64
CA SER E 94 -16.83 -18.95 -19.79
C SER E 94 -16.95 -19.44 -18.34
N TYR E 95 -18.17 -19.56 -17.83
CA TYR E 95 -18.40 -20.08 -16.49
C TYR E 95 -19.70 -20.84 -16.46
N ILE E 96 -20.03 -21.40 -15.30
CA ILE E 96 -21.18 -22.27 -15.11
C ILE E 96 -22.09 -21.67 -14.05
N VAL E 97 -23.37 -21.54 -14.36
CA VAL E 97 -24.38 -21.06 -13.42
C VAL E 97 -25.12 -22.28 -12.85
N GLU E 98 -25.26 -22.32 -11.53
CA GLU E 98 -25.90 -23.42 -10.85
C GLU E 98 -26.87 -22.89 -9.79
N LYS E 99 -27.94 -23.65 -9.55
CA LYS E 99 -28.83 -23.34 -8.45
C LYS E 99 -28.11 -23.61 -7.12
N PRO E 100 -28.44 -22.86 -6.07
CA PRO E 100 -27.83 -23.12 -4.75
C PRO E 100 -28.11 -24.51 -4.21
N ASN E 101 -29.29 -25.06 -4.49
CA ASN E 101 -29.64 -26.42 -4.08
C ASN E 101 -30.07 -27.22 -5.31
N PRO E 102 -29.16 -27.99 -5.92
CA PRO E 102 -29.55 -28.76 -7.11
C PRO E 102 -30.41 -29.96 -6.72
N GLU E 103 -31.59 -30.04 -7.33
CA GLU E 103 -32.53 -31.09 -7.01
C GLU E 103 -32.30 -32.38 -7.78
N ASN E 104 -31.48 -32.35 -8.83
CA ASN E 104 -31.15 -33.53 -9.62
C ASN E 104 -29.63 -33.65 -9.65
N GLY E 105 -29.05 -34.28 -8.63
CA GLY E 105 -27.62 -34.48 -8.58
C GLY E 105 -27.22 -35.84 -9.15
N THR E 106 -27.80 -36.90 -8.61
CA THR E 106 -27.56 -38.26 -9.08
C THR E 106 -28.86 -39.03 -9.00
N CYS E 107 -29.32 -39.55 -10.14
CA CYS E 107 -30.56 -40.32 -10.15
C CYS E 107 -30.36 -41.70 -9.54
N TYR E 108 -29.12 -42.18 -9.48
CA TYR E 108 -28.77 -43.33 -8.64
C TYR E 108 -27.82 -42.87 -7.55
N PRO E 109 -28.10 -43.17 -6.28
CA PRO E 109 -27.27 -42.63 -5.20
C PRO E 109 -25.86 -43.20 -5.20
N GLY E 110 -24.92 -42.38 -4.74
CA GLY E 110 -23.53 -42.77 -4.72
C GLY E 110 -22.65 -41.62 -4.27
N HIS E 111 -21.35 -41.86 -4.36
CA HIS E 111 -20.33 -40.90 -3.94
C HIS E 111 -19.45 -40.56 -5.14
N PHE E 112 -19.16 -39.27 -5.30
CA PHE E 112 -18.34 -38.79 -6.40
C PHE E 112 -16.94 -38.52 -5.88
N ALA E 113 -15.93 -39.04 -6.56
CA ALA E 113 -14.54 -38.82 -6.18
C ALA E 113 -14.01 -37.56 -6.83
N ASP E 114 -13.43 -36.68 -5.99
CA ASP E 114 -12.86 -35.40 -6.41
C ASP E 114 -13.91 -34.53 -7.12
N TYR E 115 -14.96 -34.20 -6.37
CA TYR E 115 -16.04 -33.37 -6.92
C TYR E 115 -15.53 -31.96 -7.21
N GLU E 116 -14.83 -31.35 -6.25
CA GLU E 116 -14.37 -29.99 -6.40
C GLU E 116 -13.29 -29.87 -7.47
N GLU E 117 -12.42 -30.88 -7.59
CA GLU E 117 -11.41 -30.88 -8.64
C GLU E 117 -12.06 -30.91 -10.03
N LEU E 118 -13.12 -31.71 -10.20
CA LEU E 118 -13.81 -31.75 -11.48
C LEU E 118 -14.58 -30.47 -11.74
N ARG E 119 -15.12 -29.84 -10.69
CA ARG E 119 -15.76 -28.53 -10.87
C ARG E 119 -14.76 -27.49 -11.34
N GLU E 120 -13.56 -27.49 -10.75
CA GLU E 120 -12.53 -26.55 -11.16
C GLU E 120 -12.05 -26.85 -12.58
N GLN E 121 -11.99 -28.13 -12.94
CA GLN E 121 -11.57 -28.50 -14.30
C GLN E 121 -12.61 -28.08 -15.34
N LEU E 122 -13.90 -28.24 -15.03
CA LEU E 122 -14.97 -27.95 -15.96
C LEU E 122 -15.50 -26.53 -15.84
N SER E 123 -14.90 -25.70 -14.97
CA SER E 123 -15.40 -24.35 -14.79
C SER E 123 -15.16 -23.47 -16.02
N SER E 124 -14.16 -23.79 -16.82
CA SER E 124 -13.91 -23.03 -18.04
C SER E 124 -13.36 -23.96 -19.10
N VAL E 125 -13.94 -23.90 -20.31
CA VAL E 125 -13.54 -24.74 -21.42
C VAL E 125 -13.46 -23.87 -22.66
N SER E 126 -12.64 -24.30 -23.62
CA SER E 126 -12.53 -23.63 -24.92
C SER E 126 -13.26 -24.39 -26.03
N SER E 127 -12.95 -25.67 -26.20
CA SER E 127 -13.67 -26.52 -27.14
C SER E 127 -14.17 -27.75 -26.38
N PHE E 128 -15.48 -27.97 -26.42
CA PHE E 128 -16.13 -29.03 -25.66
C PHE E 128 -16.95 -29.89 -26.61
N GLU E 129 -16.60 -31.17 -26.70
CA GLU E 129 -17.20 -32.07 -27.69
C GLU E 129 -17.59 -33.37 -27.02
N ARG E 130 -18.74 -33.90 -27.41
CA ARG E 130 -19.28 -35.15 -26.89
C ARG E 130 -19.21 -36.20 -27.98
N PHE E 131 -18.56 -37.33 -27.69
CA PHE E 131 -18.39 -38.40 -28.66
C PHE E 131 -18.57 -39.74 -27.97
N GLU E 132 -18.85 -40.77 -28.77
CA GLU E 132 -19.02 -42.12 -28.26
C GLU E 132 -17.67 -42.80 -28.17
N ILE E 133 -17.18 -42.99 -26.93
CA ILE E 133 -15.89 -43.64 -26.74
C ILE E 133 -15.96 -45.12 -27.08
N PHE E 134 -17.09 -45.77 -26.79
CA PHE E 134 -17.28 -47.18 -27.08
C PHE E 134 -18.65 -47.36 -27.71
N PRO E 135 -18.76 -48.08 -28.83
CA PRO E 135 -20.08 -48.38 -29.40
C PRO E 135 -20.90 -49.24 -28.44
N LYS E 136 -22.21 -48.98 -28.41
CA LYS E 136 -23.09 -49.65 -27.46
C LYS E 136 -23.26 -51.13 -27.80
N GLU E 137 -23.43 -51.44 -29.08
CA GLU E 137 -23.69 -52.82 -29.50
C GLU E 137 -22.40 -53.58 -29.82
N SER E 138 -21.41 -52.91 -30.39
CA SER E 138 -20.21 -53.61 -30.86
C SER E 138 -19.31 -54.02 -29.71
N SER E 139 -19.17 -53.17 -28.69
CA SER E 139 -18.18 -53.41 -27.66
C SER E 139 -18.56 -54.53 -26.69
N TRP E 140 -19.86 -54.75 -26.46
CA TRP E 140 -20.32 -55.75 -25.50
C TRP E 140 -21.31 -56.69 -26.18
N PRO E 141 -20.81 -57.67 -26.93
CA PRO E 141 -21.72 -58.65 -27.56
C PRO E 141 -22.28 -59.64 -26.56
N ASN E 142 -21.42 -60.11 -25.65
CA ASN E 142 -21.78 -61.16 -24.70
C ASN E 142 -22.29 -60.62 -23.37
N HIS E 143 -22.42 -59.31 -23.23
CA HIS E 143 -22.83 -58.69 -21.97
C HIS E 143 -24.11 -57.90 -22.18
N THR E 144 -25.03 -58.03 -21.23
CA THR E 144 -26.31 -57.32 -21.32
C THR E 144 -26.10 -55.84 -21.05
N THR E 145 -26.64 -54.99 -21.93
CA THR E 145 -26.48 -53.55 -21.81
C THR E 145 -27.80 -52.81 -21.66
N THR E 146 -28.92 -53.52 -21.53
CA THR E 146 -30.23 -52.88 -21.46
C THR E 146 -30.70 -52.61 -20.04
N GLY E 147 -29.84 -52.87 -19.04
CA GLY E 147 -30.19 -52.64 -17.66
C GLY E 147 -30.49 -51.19 -17.31
N VAL E 148 -31.58 -50.96 -16.59
CA VAL E 148 -32.00 -49.62 -16.19
C VAL E 148 -32.27 -49.62 -14.69
N SER E 149 -32.30 -48.41 -14.14
CA SER E 149 -32.54 -48.20 -12.71
C SER E 149 -33.98 -47.80 -12.48
N ALA E 150 -34.61 -48.43 -11.49
CA ALA E 150 -35.99 -48.08 -11.15
C ALA E 150 -36.11 -46.67 -10.58
N SER E 151 -35.15 -46.26 -9.77
CA SER E 151 -35.19 -44.91 -9.19
C SER E 151 -34.91 -43.84 -10.23
N CYS E 152 -33.99 -44.10 -11.16
CA CYS E 152 -33.61 -43.13 -12.17
C CYS E 152 -34.67 -43.17 -13.26
N SER E 153 -35.72 -42.35 -13.11
CA SER E 153 -36.92 -42.43 -13.92
C SER E 153 -37.07 -41.17 -14.75
N HIS E 154 -37.44 -41.35 -16.02
CA HIS E 154 -37.77 -40.25 -16.93
C HIS E 154 -39.13 -40.50 -17.55
N ASN E 155 -40.00 -39.49 -17.47
CA ASN E 155 -41.35 -39.52 -18.05
C ASN E 155 -42.16 -40.70 -17.52
N GLY E 156 -41.97 -41.02 -16.23
CA GLY E 156 -42.65 -42.16 -15.64
C GLY E 156 -42.10 -43.51 -16.03
N GLU E 157 -40.97 -43.55 -16.74
CA GLU E 157 -40.37 -44.80 -17.20
C GLU E 157 -38.98 -44.92 -16.57
N SER E 158 -38.67 -46.11 -16.06
CA SER E 158 -37.36 -46.36 -15.48
C SER E 158 -36.29 -46.31 -16.56
N SER E 159 -35.18 -45.65 -16.25
CA SER E 159 -34.11 -45.44 -17.22
C SER E 159 -32.79 -45.40 -16.48
N PHE E 160 -31.76 -44.88 -17.16
CA PHE E 160 -30.41 -44.84 -16.62
C PHE E 160 -29.69 -43.69 -17.30
N TYR E 161 -28.50 -43.35 -16.79
CA TYR E 161 -27.69 -42.27 -17.36
C TYR E 161 -27.39 -42.53 -18.84
N LYS E 162 -27.43 -41.47 -19.64
CA LYS E 162 -27.15 -41.62 -21.06
C LYS E 162 -25.65 -41.77 -21.32
N ASN E 163 -24.82 -41.10 -20.53
CA ASN E 163 -23.37 -41.17 -20.73
C ASN E 163 -22.78 -42.49 -20.26
N LEU E 164 -23.47 -43.21 -19.38
CA LEU E 164 -22.96 -44.44 -18.79
C LEU E 164 -23.82 -45.62 -19.22
N LEU E 165 -23.30 -46.82 -19.02
CA LEU E 165 -24.00 -48.05 -19.37
C LEU E 165 -23.91 -49.04 -18.22
N TRP E 166 -25.06 -49.60 -17.85
CA TRP E 166 -25.10 -50.69 -16.87
C TRP E 166 -24.85 -52.00 -17.60
N LEU E 167 -23.92 -52.79 -17.08
CA LEU E 167 -23.55 -54.07 -17.69
C LEU E 167 -23.90 -55.19 -16.73
N THR E 168 -24.76 -56.10 -17.18
CA THR E 168 -25.18 -57.26 -16.40
C THR E 168 -24.92 -58.53 -17.20
N GLY E 169 -25.10 -59.67 -16.53
CA GLY E 169 -24.82 -60.94 -17.18
C GLY E 169 -25.84 -61.29 -18.23
N LYS E 170 -25.38 -62.01 -19.25
CA LYS E 170 -26.24 -62.49 -20.34
C LYS E 170 -26.25 -64.00 -20.30
N ASN E 171 -27.46 -64.58 -20.33
CA ASN E 171 -27.70 -66.03 -20.27
C ASN E 171 -27.08 -66.66 -19.03
N GLY E 172 -27.06 -65.92 -17.92
CA GLY E 172 -26.53 -66.41 -16.67
C GLY E 172 -25.02 -66.40 -16.55
N LEU E 173 -24.30 -65.92 -17.56
CA LEU E 173 -22.85 -65.93 -17.57
C LEU E 173 -22.33 -64.51 -17.74
N TYR E 174 -21.24 -64.20 -17.03
CA TYR E 174 -20.60 -62.89 -17.12
C TYR E 174 -19.16 -63.07 -17.59
N PRO E 175 -18.88 -62.90 -18.88
CA PRO E 175 -17.50 -63.02 -19.35
C PRO E 175 -16.64 -61.83 -18.97
N ASN E 176 -15.35 -61.89 -19.26
CA ASN E 176 -14.42 -60.82 -18.92
C ASN E 176 -14.59 -59.64 -19.87
N LEU E 177 -14.02 -58.51 -19.47
CA LEU E 177 -14.05 -57.29 -20.25
C LEU E 177 -12.64 -56.80 -20.53
N SER E 178 -12.43 -56.29 -21.75
CA SER E 178 -11.14 -55.72 -22.14
C SER E 178 -11.40 -54.70 -23.24
N LYS E 179 -11.38 -53.42 -22.88
CA LYS E 179 -11.66 -52.34 -23.81
C LYS E 179 -10.54 -51.31 -23.74
N SER E 180 -10.15 -50.80 -24.92
CA SER E 180 -9.10 -49.80 -25.01
C SER E 180 -9.53 -48.70 -25.96
N TYR E 181 -9.09 -47.48 -25.69
CA TYR E 181 -9.39 -46.32 -26.53
C TYR E 181 -8.14 -45.46 -26.65
N ALA E 182 -7.58 -45.38 -27.86
CA ALA E 182 -6.49 -44.45 -28.13
C ALA E 182 -7.03 -43.04 -28.25
N ASN E 183 -6.22 -42.06 -27.84
CA ASN E 183 -6.62 -40.65 -27.87
C ASN E 183 -6.37 -40.11 -29.28
N ASN E 184 -7.33 -40.35 -30.16
CA ASN E 184 -7.24 -39.86 -31.53
C ASN E 184 -7.66 -38.41 -31.67
N LYS E 185 -8.29 -37.83 -30.64
CA LYS E 185 -8.72 -36.44 -30.71
C LYS E 185 -7.57 -35.47 -30.47
N GLU E 186 -6.43 -35.95 -29.97
CA GLU E 186 -5.27 -35.14 -29.59
C GLU E 186 -5.63 -34.05 -28.59
N LYS E 187 -6.56 -34.36 -27.68
CA LYS E 187 -7.00 -33.44 -26.63
C LYS E 187 -7.18 -34.23 -25.35
N GLU E 188 -7.47 -33.52 -24.26
CA GLU E 188 -7.74 -34.15 -22.99
C GLU E 188 -9.13 -34.78 -23.01
N VAL E 189 -9.19 -36.11 -22.91
CA VAL E 189 -10.44 -36.86 -22.92
C VAL E 189 -10.76 -37.25 -21.48
N LEU E 190 -11.93 -36.86 -21.02
CA LEU E 190 -12.34 -37.07 -19.64
C LEU E 190 -13.40 -38.16 -19.60
N VAL E 191 -13.15 -39.20 -18.80
CA VAL E 191 -13.88 -40.47 -18.87
C VAL E 191 -14.54 -40.73 -17.53
N LEU E 192 -15.80 -41.17 -17.55
CA LEU E 192 -16.55 -41.51 -16.34
C LEU E 192 -16.80 -43.00 -16.31
N TRP E 193 -16.43 -43.64 -15.20
CA TRP E 193 -16.77 -45.04 -14.98
C TRP E 193 -17.20 -45.23 -13.53
N GLY E 194 -17.99 -46.26 -13.29
CA GLY E 194 -18.54 -46.50 -11.98
C GLY E 194 -18.38 -47.95 -11.55
N VAL E 195 -18.39 -48.14 -10.23
CA VAL E 195 -18.28 -49.46 -9.62
C VAL E 195 -19.53 -49.71 -8.79
N HIS E 196 -20.17 -50.86 -9.00
CA HIS E 196 -21.44 -51.17 -8.38
C HIS E 196 -21.22 -51.84 -7.03
N HIS E 197 -21.90 -51.34 -5.99
CA HIS E 197 -21.91 -51.98 -4.69
C HIS E 197 -23.31 -52.49 -4.39
N PRO E 198 -23.56 -53.80 -4.47
CA PRO E 198 -24.88 -54.31 -4.15
C PRO E 198 -25.16 -54.21 -2.66
N PRO E 199 -26.43 -54.08 -2.26
CA PRO E 199 -26.72 -54.02 -0.82
C PRO E 199 -26.55 -55.35 -0.11
N ASN E 200 -26.89 -56.46 -0.78
CA ASN E 200 -26.72 -57.79 -0.22
C ASN E 200 -26.09 -58.69 -1.26
N ILE E 201 -25.51 -59.81 -0.78
CA ILE E 201 -24.78 -60.71 -1.67
C ILE E 201 -25.72 -61.47 -2.60
N GLY E 202 -26.99 -61.58 -2.21
CA GLY E 202 -27.95 -62.24 -3.08
C GLY E 202 -28.20 -61.49 -4.38
N ASP E 203 -28.33 -60.16 -4.28
CA ASP E 203 -28.46 -59.35 -5.49
C ASP E 203 -27.17 -59.37 -6.31
N GLN E 204 -26.02 -59.47 -5.63
CA GLN E 204 -24.75 -59.60 -6.33
C GLN E 204 -24.69 -60.88 -7.16
N ARG E 205 -25.14 -62.00 -6.58
CA ARG E 205 -25.17 -63.25 -7.32
C ARG E 205 -26.22 -63.22 -8.42
N ALA E 206 -27.34 -62.53 -8.19
CA ALA E 206 -28.40 -62.48 -9.19
C ALA E 206 -28.00 -61.62 -10.38
N LEU E 207 -27.22 -60.56 -10.14
CA LEU E 207 -26.89 -59.62 -11.21
C LEU E 207 -25.60 -60.00 -11.94
N TYR E 208 -24.55 -60.34 -11.19
CA TYR E 208 -23.23 -60.51 -11.80
C TYR E 208 -22.70 -61.93 -11.75
N HIS E 209 -23.39 -62.84 -11.05
CA HIS E 209 -23.10 -64.27 -10.98
C HIS E 209 -21.73 -64.58 -10.38
N LYS E 210 -21.08 -63.62 -9.72
CA LYS E 210 -19.80 -63.83 -9.06
C LYS E 210 -19.91 -63.39 -7.61
N GLU E 211 -19.49 -64.25 -6.68
CA GLU E 211 -19.51 -63.89 -5.27
C GLU E 211 -18.46 -62.82 -4.97
N ASN E 212 -17.32 -62.87 -5.65
CA ASN E 212 -16.30 -61.85 -5.55
C ASN E 212 -15.95 -61.31 -6.93
N ALA E 213 -15.49 -60.07 -6.98
CA ALA E 213 -15.18 -59.42 -8.24
C ALA E 213 -14.15 -58.33 -8.01
N TYR E 214 -13.52 -57.90 -9.11
CA TYR E 214 -12.55 -56.81 -9.08
C TYR E 214 -12.74 -55.91 -10.29
N VAL E 215 -12.53 -54.62 -10.08
CA VAL E 215 -12.57 -53.63 -11.15
C VAL E 215 -11.21 -52.93 -11.19
N SER E 216 -10.56 -52.98 -12.34
CA SER E 216 -9.24 -52.39 -12.50
C SER E 216 -9.21 -51.50 -13.71
N VAL E 217 -8.76 -50.26 -13.53
CA VAL E 217 -8.55 -49.31 -14.62
C VAL E 217 -7.09 -48.86 -14.57
N VAL E 218 -6.43 -48.85 -15.71
CA VAL E 218 -4.99 -48.62 -15.78
C VAL E 218 -4.69 -47.68 -16.94
N SER E 219 -3.78 -46.74 -16.70
CA SER E 219 -3.28 -45.84 -17.73
C SER E 219 -1.79 -45.62 -17.48
N SER E 220 -1.16 -44.85 -18.36
CA SER E 220 0.25 -44.54 -18.20
C SER E 220 0.48 -43.61 -17.01
N HIS E 221 -0.52 -42.81 -16.66
CA HIS E 221 -0.39 -41.86 -15.57
C HIS E 221 -1.16 -42.31 -14.32
N TYR E 222 -2.44 -42.61 -14.47
CA TYR E 222 -3.30 -42.96 -13.35
C TYR E 222 -3.68 -44.44 -13.45
N SER E 223 -3.41 -45.19 -12.39
CA SER E 223 -3.75 -46.61 -12.32
C SER E 223 -4.29 -46.92 -10.93
N ARG E 224 -5.40 -47.64 -10.87
CA ARG E 224 -6.01 -47.98 -9.59
C ARG E 224 -6.82 -49.25 -9.75
N LYS E 225 -7.05 -49.94 -8.63
CA LYS E 225 -7.84 -51.15 -8.58
C LYS E 225 -8.96 -50.98 -7.56
N PHE E 226 -10.18 -51.31 -7.96
CA PHE E 226 -11.36 -51.16 -7.11
C PHE E 226 -11.93 -52.52 -6.76
N THR E 227 -12.37 -52.67 -5.52
CA THR E 227 -13.01 -53.89 -5.05
C THR E 227 -14.39 -53.54 -4.51
N PRO E 228 -15.46 -54.17 -4.99
CA PRO E 228 -16.79 -53.86 -4.47
C PRO E 228 -16.96 -54.30 -3.02
N GLU E 229 -17.72 -53.50 -2.28
CA GLU E 229 -18.01 -53.76 -0.88
C GLU E 229 -19.51 -53.94 -0.72
N ILE E 230 -19.92 -55.06 -0.12
CA ILE E 230 -21.32 -55.41 0.02
C ILE E 230 -21.70 -55.21 1.48
N ALA E 231 -22.58 -54.24 1.74
CA ALA E 231 -23.01 -53.96 3.10
C ALA E 231 -24.35 -53.25 3.05
N LYS E 232 -25.14 -53.45 4.10
CA LYS E 232 -26.43 -52.78 4.22
C LYS E 232 -26.24 -51.35 4.71
N ARG E 233 -27.06 -50.44 4.20
CA ARG E 233 -26.98 -49.03 4.54
C ARG E 233 -28.34 -48.39 4.28
N PRO E 234 -28.65 -47.27 4.93
CA PRO E 234 -29.99 -46.68 4.79
C PRO E 234 -30.31 -46.23 3.37
N LYS E 235 -31.59 -46.31 3.04
CA LYS E 235 -32.08 -46.04 1.69
C LYS E 235 -32.03 -44.55 1.36
N VAL E 236 -31.53 -44.24 0.17
CA VAL E 236 -31.65 -42.91 -0.42
C VAL E 236 -32.18 -43.10 -1.84
N ARG E 237 -33.26 -42.38 -2.16
CA ARG E 237 -33.97 -42.51 -3.43
C ARG E 237 -34.44 -43.95 -3.68
N ASP E 238 -34.92 -44.60 -2.61
CA ASP E 238 -35.51 -45.94 -2.65
C ASP E 238 -34.51 -46.96 -3.20
N GLN E 239 -33.25 -46.83 -2.79
CA GLN E 239 -32.21 -47.78 -3.17
C GLN E 239 -31.23 -47.92 -2.01
N GLU E 240 -31.09 -49.15 -1.49
CA GLU E 240 -30.12 -49.39 -0.43
C GLU E 240 -28.69 -49.31 -0.96
N GLY E 241 -28.41 -49.99 -2.07
CA GLY E 241 -27.07 -50.00 -2.62
C GLY E 241 -26.73 -48.69 -3.30
N ARG E 242 -25.43 -48.47 -3.48
CA ARG E 242 -24.91 -47.29 -4.15
C ARG E 242 -23.85 -47.70 -5.17
N ILE E 243 -23.57 -46.80 -6.11
CA ILE E 243 -22.52 -47.01 -7.10
C ILE E 243 -21.52 -45.88 -6.99
N ASN E 244 -20.23 -46.22 -6.94
CA ASN E 244 -19.17 -45.27 -6.70
C ASN E 244 -18.53 -44.82 -8.00
N TYR E 245 -18.40 -43.52 -8.17
CA TYR E 245 -17.98 -42.92 -9.43
C TYR E 245 -16.51 -42.51 -9.35
N TYR E 246 -15.78 -42.71 -10.44
CA TYR E 246 -14.40 -42.27 -10.56
C TYR E 246 -14.18 -41.68 -11.94
N TRP E 247 -13.34 -40.65 -12.00
CA TRP E 247 -13.06 -39.94 -13.24
C TRP E 247 -11.56 -39.71 -13.37
N THR E 248 -11.11 -39.54 -14.61
CA THR E 248 -9.72 -39.26 -14.89
C THR E 248 -9.62 -38.48 -16.19
N LEU E 249 -8.44 -37.89 -16.41
CA LEU E 249 -8.15 -37.14 -17.62
C LEU E 249 -7.05 -37.87 -18.40
N LEU E 250 -7.28 -38.09 -19.67
CA LEU E 250 -6.32 -38.77 -20.54
C LEU E 250 -5.52 -37.74 -21.32
N GLU E 251 -4.19 -37.87 -21.26
CA GLU E 251 -3.32 -37.00 -22.03
C GLU E 251 -3.42 -37.36 -23.52
N PRO E 252 -3.13 -36.42 -24.41
CA PRO E 252 -3.11 -36.73 -25.85
C PRO E 252 -2.00 -37.73 -26.17
N GLY E 253 -2.37 -38.78 -26.90
CA GLY E 253 -1.45 -39.85 -27.21
C GLY E 253 -1.43 -40.99 -26.22
N ASP E 254 -2.43 -41.11 -25.36
CA ASP E 254 -2.50 -42.15 -24.35
C ASP E 254 -3.69 -43.05 -24.62
N THR E 255 -3.71 -44.20 -23.95
CA THR E 255 -4.78 -45.18 -24.11
C THR E 255 -5.21 -45.66 -22.74
N ILE E 256 -6.52 -45.63 -22.48
CA ILE E 256 -7.10 -46.12 -21.25
C ILE E 256 -7.51 -47.58 -21.45
N ILE E 257 -7.36 -48.39 -20.40
CA ILE E 257 -7.68 -49.81 -20.46
C ILE E 257 -8.59 -50.15 -19.29
N PHE E 258 -9.74 -50.73 -19.58
CA PHE E 258 -10.66 -51.23 -18.57
C PHE E 258 -10.59 -52.76 -18.53
N GLU E 259 -10.39 -53.30 -17.34
CA GLU E 259 -10.41 -54.75 -17.12
C GLU E 259 -11.18 -55.03 -15.83
N ALA E 260 -12.26 -55.79 -15.94
CA ALA E 260 -13.11 -56.12 -14.80
C ALA E 260 -13.90 -57.37 -15.10
N ASN E 261 -14.08 -58.22 -14.08
CA ASN E 261 -14.90 -59.41 -14.20
C ASN E 261 -16.32 -59.20 -13.70
N GLY E 262 -16.68 -57.98 -13.31
CA GLY E 262 -18.03 -57.70 -12.84
C GLY E 262 -18.13 -56.39 -12.07
N ASN E 263 -19.36 -55.98 -11.79
CA ASN E 263 -19.67 -54.76 -11.02
C ASN E 263 -19.05 -53.52 -11.65
N LEU E 264 -19.04 -53.45 -12.97
CA LEU E 264 -18.44 -52.35 -13.71
C LEU E 264 -19.52 -51.58 -14.46
N ILE E 265 -19.57 -50.28 -14.24
CA ILE E 265 -20.43 -49.38 -15.00
C ILE E 265 -19.54 -48.70 -16.04
N ALA E 266 -19.54 -49.25 -17.25
CA ALA E 266 -18.67 -48.91 -18.36
C ALA E 266 -19.06 -47.56 -18.98
N PRO E 267 -18.09 -46.82 -19.51
CA PRO E 267 -18.39 -45.53 -20.14
C PRO E 267 -18.99 -45.71 -21.53
N ARG E 268 -20.13 -45.05 -21.77
CA ARG E 268 -20.69 -45.03 -23.11
C ARG E 268 -20.27 -43.78 -23.87
N TYR E 269 -20.30 -42.63 -23.21
CA TYR E 269 -19.97 -41.35 -23.83
C TYR E 269 -18.84 -40.69 -23.05
N ALA E 270 -17.79 -40.31 -23.77
CA ALA E 270 -16.69 -39.54 -23.20
C ALA E 270 -16.73 -38.13 -23.76
N PHE E 271 -16.00 -37.23 -23.11
CA PHE E 271 -16.03 -35.82 -23.47
C PHE E 271 -14.60 -35.34 -23.69
N ALA E 272 -14.37 -34.68 -24.83
CA ALA E 272 -13.07 -34.12 -25.15
C ALA E 272 -13.11 -32.61 -24.90
N LEU E 273 -12.18 -32.12 -24.09
CA LEU E 273 -12.18 -30.73 -23.67
C LEU E 273 -10.78 -30.13 -23.82
N SER E 274 -10.75 -28.82 -24.01
CA SER E 274 -9.52 -28.05 -24.06
C SER E 274 -9.63 -26.88 -23.10
N ARG E 275 -8.57 -26.66 -22.32
CA ARG E 275 -8.66 -25.64 -21.25
C ARG E 275 -7.63 -24.52 -21.46
N GLY E 276 -8.07 -23.27 -21.43
CA GLY E 276 -7.23 -22.11 -21.56
C GLY E 276 -7.39 -21.12 -20.42
N PHE E 277 -8.44 -21.28 -19.62
CA PHE E 277 -8.74 -20.35 -18.54
C PHE E 277 -9.16 -21.13 -17.30
N GLY E 278 -9.00 -20.49 -16.14
CA GLY E 278 -9.51 -21.02 -14.90
C GLY E 278 -10.58 -20.13 -14.29
N SER E 279 -11.82 -20.60 -14.28
CA SER E 279 -12.95 -19.81 -13.82
C SER E 279 -13.49 -20.37 -12.50
N GLY E 280 -14.61 -19.82 -12.06
CA GLY E 280 -15.24 -20.26 -10.82
C GLY E 280 -16.74 -20.45 -10.96
N ILE E 281 -17.30 -21.40 -10.21
CA ILE E 281 -18.73 -21.66 -10.24
C ILE E 281 -19.43 -20.68 -9.32
N ILE E 282 -20.52 -20.08 -9.80
CA ILE E 282 -21.33 -19.16 -9.01
C ILE E 282 -22.72 -19.75 -8.86
N ASN E 283 -23.36 -19.47 -7.72
CA ASN E 283 -24.72 -19.92 -7.44
C ASN E 283 -25.62 -18.70 -7.34
N SER E 284 -26.50 -18.53 -8.32
CA SER E 284 -27.37 -17.37 -8.38
C SER E 284 -28.74 -17.76 -8.91
N ASN E 285 -29.74 -16.97 -8.53
CA ASN E 285 -31.10 -17.14 -9.01
C ASN E 285 -31.51 -16.09 -10.03
N ALA E 286 -30.56 -15.29 -10.52
CA ALA E 286 -30.89 -14.20 -11.42
C ALA E 286 -31.28 -14.73 -12.79
N PRO E 287 -32.21 -14.07 -13.49
CA PRO E 287 -32.57 -14.52 -14.84
C PRO E 287 -31.48 -14.21 -15.84
N MET E 288 -31.47 -14.94 -16.95
CA MET E 288 -30.38 -14.73 -17.94
C MET E 288 -30.71 -13.50 -18.79
N ASP E 289 -29.69 -12.71 -19.14
CA ASP E 289 -29.91 -11.52 -20.00
C ASP E 289 -28.83 -11.53 -21.08
N GLU E 290 -29.09 -10.87 -22.21
CA GLU E 290 -28.04 -10.80 -23.27
C GLU E 290 -27.40 -9.42 -23.25
N CYS E 291 -26.11 -9.35 -22.92
CA CYS E 291 -25.35 -8.07 -22.93
C CYS E 291 -23.88 -8.48 -22.77
N ASP E 292 -22.93 -7.54 -22.81
CA ASP E 292 -21.53 -7.94 -22.53
C ASP E 292 -21.01 -7.16 -21.32
N ALA E 293 -20.47 -7.86 -20.32
CA ALA E 293 -19.89 -7.18 -19.14
C ALA E 293 -18.57 -7.85 -18.79
N LYS E 294 -17.62 -7.09 -18.24
CA LYS E 294 -16.28 -7.64 -17.93
C LYS E 294 -16.33 -8.28 -16.55
N CYS E 295 -17.41 -8.06 -15.81
CA CYS E 295 -17.50 -8.57 -14.45
C CYS E 295 -18.85 -9.25 -14.25
N GLN E 296 -18.88 -10.20 -13.33
CA GLN E 296 -20.11 -10.91 -13.00
C GLN E 296 -20.07 -11.36 -11.54
N THR E 297 -21.09 -10.99 -10.79
CA THR E 297 -21.29 -11.37 -9.40
C THR E 297 -22.58 -12.19 -9.30
N PRO E 298 -22.71 -13.01 -8.25
CA PRO E 298 -23.99 -13.72 -8.04
C PRO E 298 -25.17 -12.79 -7.83
N GLN E 299 -24.96 -11.62 -7.24
CA GLN E 299 -26.04 -10.63 -7.16
C GLN E 299 -26.39 -10.09 -8.54
N GLY E 300 -25.39 -9.84 -9.38
CA GLY E 300 -25.63 -9.33 -10.71
C GLY E 300 -24.37 -8.72 -11.29
N ALA E 301 -24.42 -8.47 -12.59
CA ALA E 301 -23.30 -7.86 -13.28
C ALA E 301 -23.13 -6.40 -12.88
N ILE E 302 -21.87 -5.95 -12.87
CA ILE E 302 -21.53 -4.58 -12.49
C ILE E 302 -20.66 -3.96 -13.56
N ASN E 303 -20.66 -2.63 -13.60
CA ASN E 303 -19.80 -1.89 -14.51
C ASN E 303 -18.35 -1.98 -14.05
N SER E 304 -17.45 -2.24 -14.99
CA SER E 304 -16.05 -2.47 -14.67
C SER E 304 -15.18 -1.23 -14.89
N SER E 305 -15.78 -0.09 -15.21
CA SER E 305 -15.01 1.12 -15.45
C SER E 305 -14.42 1.68 -14.16
N LEU E 306 -15.12 1.54 -13.06
CA LEU E 306 -14.83 2.04 -11.73
C LEU E 306 -13.71 1.23 -11.08
N PRO E 307 -12.90 1.84 -10.20
CA PRO E 307 -11.73 1.12 -9.65
C PRO E 307 -12.04 0.21 -8.49
N PHE E 308 -13.13 0.44 -7.75
CA PHE E 308 -13.41 -0.34 -6.56
C PHE E 308 -14.90 -0.70 -6.50
N GLN E 309 -15.20 -1.77 -5.79
CA GLN E 309 -16.58 -2.22 -5.62
C GLN E 309 -16.72 -2.89 -4.27
N ASN E 310 -17.96 -2.93 -3.78
CA ASN E 310 -18.29 -3.61 -2.52
C ASN E 310 -19.58 -4.41 -2.66
N VAL E 311 -19.87 -4.89 -3.87
CA VAL E 311 -21.09 -5.65 -4.10
C VAL E 311 -20.97 -7.06 -3.53
N HIS E 312 -19.93 -7.78 -3.95
CA HIS E 312 -19.73 -9.15 -3.48
C HIS E 312 -18.26 -9.51 -3.61
N PRO E 313 -17.68 -10.25 -2.67
CA PRO E 313 -16.27 -10.63 -2.82
C PRO E 313 -16.04 -11.66 -3.91
N VAL E 314 -17.00 -12.58 -4.12
CA VAL E 314 -16.84 -13.61 -5.13
C VAL E 314 -17.11 -12.98 -6.49
N THR E 315 -16.05 -12.76 -7.26
CA THR E 315 -16.15 -12.14 -8.58
C THR E 315 -15.50 -13.03 -9.62
N ILE E 316 -16.06 -13.01 -10.83
CA ILE E 316 -15.55 -13.79 -11.95
C ILE E 316 -15.17 -12.83 -13.07
N GLY E 317 -13.95 -12.96 -13.57
CA GLY E 317 -13.50 -12.15 -14.67
C GLY E 317 -12.75 -10.91 -14.23
N GLU E 318 -12.59 -9.99 -15.18
CA GLU E 318 -11.92 -8.72 -14.95
C GLU E 318 -12.80 -7.84 -14.08
N CYS E 319 -12.50 -7.79 -12.78
CA CYS E 319 -13.37 -7.13 -11.82
C CYS E 319 -12.58 -6.20 -10.92
N PRO E 320 -13.14 -5.07 -10.41
CA PRO E 320 -12.41 -4.24 -9.46
C PRO E 320 -12.14 -5.03 -8.18
N LYS E 321 -11.14 -4.63 -7.39
CA LYS E 321 -10.84 -5.33 -6.13
C LYS E 321 -11.93 -5.01 -5.09
N TYR E 322 -12.21 -5.95 -4.19
CA TYR E 322 -13.33 -5.76 -3.22
C TYR E 322 -12.85 -4.99 -1.99
N VAL E 323 -13.69 -4.10 -1.45
CA VAL E 323 -13.37 -3.36 -0.25
C VAL E 323 -14.58 -3.41 0.69
N ARG E 324 -14.33 -3.10 1.96
CA ARG E 324 -15.38 -3.07 2.97
C ARG E 324 -15.86 -1.66 3.33
N SER E 325 -15.25 -0.63 2.76
CA SER E 325 -15.61 0.74 3.15
C SER E 325 -16.96 1.13 2.57
N ALA E 326 -17.61 2.07 3.26
CA ALA E 326 -18.96 2.48 2.88
C ALA E 326 -18.96 3.39 1.66
N LYS E 327 -17.97 4.25 1.53
CA LYS E 327 -17.92 5.19 0.41
C LYS E 327 -16.48 5.51 0.06
N LEU E 328 -16.21 5.60 -1.24
CA LEU E 328 -14.89 5.97 -1.78
C LEU E 328 -15.12 7.16 -2.72
N ARG E 329 -15.08 8.37 -2.17
CA ARG E 329 -15.36 9.57 -2.94
C ARG E 329 -14.11 10.44 -3.00
N MET E 330 -13.80 10.93 -4.21
CA MET E 330 -12.64 11.78 -4.45
C MET E 330 -13.14 13.15 -4.86
N VAL E 331 -12.63 14.20 -4.20
CA VAL E 331 -13.09 15.55 -4.49
C VAL E 331 -12.38 16.08 -5.72
N THR E 332 -13.14 16.79 -6.57
CA THR E 332 -12.58 17.49 -7.72
C THR E 332 -12.78 18.99 -7.65
N GLY E 333 -13.63 19.48 -6.76
CA GLY E 333 -13.92 20.89 -6.63
C GLY E 333 -13.29 21.51 -5.41
N LEU E 334 -13.93 22.56 -4.92
CA LEU E 334 -13.46 23.33 -3.77
C LEU E 334 -14.46 23.17 -2.61
N ARG E 335 -14.23 23.93 -1.54
CA ARG E 335 -15.16 23.96 -0.43
C ARG E 335 -16.45 24.64 -0.87
N ASN E 336 -17.59 24.01 -0.56
CA ASN E 336 -18.89 24.56 -0.91
C ASN E 336 -19.31 25.49 0.22
N ILE E 337 -18.73 26.68 0.24
CA ILE E 337 -19.00 27.69 1.25
C ILE E 337 -19.93 28.74 0.65
N PRO E 338 -21.18 28.83 1.10
CA PRO E 338 -22.09 29.84 0.54
C PRO E 338 -21.70 31.24 0.99
N SER E 339 -22.16 32.22 0.22
CA SER E 339 -21.89 33.62 0.50
C SER E 339 -22.66 34.10 1.73
N ALA F 7 -17.89 40.47 -2.34
CA ALA F 7 -17.66 39.93 -1.00
C ALA F 7 -16.18 39.70 -0.75
N GLY F 8 -15.81 38.43 -0.55
CA GLY F 8 -14.42 38.07 -0.32
C GLY F 8 -14.24 36.58 -0.13
N PHE F 9 -13.02 36.08 -0.38
CA PHE F 9 -12.81 34.64 -0.33
C PHE F 9 -12.73 34.15 1.12
N ILE F 10 -12.24 35.00 2.03
CA ILE F 10 -12.29 34.66 3.45
C ILE F 10 -13.72 34.69 3.95
N GLU F 11 -14.58 35.52 3.34
CA GLU F 11 -15.97 35.57 3.73
C GLU F 11 -16.74 34.34 3.22
N GLY F 12 -16.46 33.94 1.98
CA GLY F 12 -17.15 32.81 1.40
C GLY F 12 -16.80 32.66 -0.06
N GLY F 13 -17.65 31.90 -0.76
CA GLY F 13 -17.49 31.66 -2.19
C GLY F 13 -18.72 32.14 -2.94
N TRP F 14 -18.48 32.81 -4.07
CA TRP F 14 -19.59 33.29 -4.89
C TRP F 14 -20.20 32.15 -5.67
N THR F 15 -21.50 32.26 -5.95
CA THR F 15 -22.19 31.21 -6.75
C THR F 15 -22.51 31.79 -8.12
N GLY F 16 -22.43 33.11 -8.26
CA GLY F 16 -22.75 33.76 -9.54
C GLY F 16 -21.82 33.32 -10.64
N MET F 17 -20.53 33.17 -10.35
CA MET F 17 -19.55 32.86 -11.41
C MET F 17 -19.62 31.36 -11.70
N VAL F 18 -20.05 30.98 -12.90
CA VAL F 18 -20.07 29.53 -13.27
C VAL F 18 -18.98 29.28 -14.31
N ASP F 19 -18.40 30.35 -14.86
CA ASP F 19 -17.41 30.17 -15.97
C ASP F 19 -16.18 29.38 -15.50
N GLY F 20 -15.67 29.66 -14.30
CA GLY F 20 -14.43 29.00 -13.84
C GLY F 20 -14.36 28.97 -12.33
N TRP F 21 -13.48 28.13 -11.77
CA TRP F 21 -13.43 28.00 -10.28
C TRP F 21 -12.93 29.29 -9.63
N TYR F 22 -12.11 30.08 -10.32
CA TYR F 22 -11.49 31.28 -9.76
C TYR F 22 -11.81 32.46 -10.66
N GLY F 23 -12.08 33.62 -10.06
CA GLY F 23 -12.45 34.75 -10.90
C GLY F 23 -12.36 36.07 -10.17
N TYR F 24 -12.69 37.12 -10.91
CA TYR F 24 -12.59 38.50 -10.45
C TYR F 24 -13.97 39.14 -10.45
N HIS F 25 -14.19 40.08 -9.54
CA HIS F 25 -15.37 40.93 -9.55
C HIS F 25 -14.93 42.38 -9.61
N HIS F 26 -15.25 43.05 -10.72
CA HIS F 26 -14.84 44.44 -10.92
C HIS F 26 -16.03 45.36 -10.73
N GLN F 27 -15.83 46.42 -9.95
CA GLN F 27 -16.85 47.43 -9.72
C GLN F 27 -16.37 48.73 -10.36
N ASN F 28 -17.21 49.32 -11.21
CA ASN F 28 -16.85 50.53 -11.94
C ASN F 28 -18.12 51.33 -12.22
N GLU F 29 -17.91 52.62 -12.54
CA GLU F 29 -19.03 53.51 -12.82
C GLU F 29 -19.77 53.10 -14.09
N GLN F 30 -19.03 52.72 -15.13
CA GLN F 30 -19.67 52.38 -16.41
C GLN F 30 -20.34 51.02 -16.36
N GLY F 31 -19.82 50.10 -15.54
CA GLY F 31 -20.43 48.79 -15.43
C GLY F 31 -19.72 47.94 -14.40
N SER F 32 -20.44 46.96 -13.88
CA SER F 32 -19.92 46.02 -12.90
C SER F 32 -20.43 44.63 -13.21
N GLY F 33 -19.56 43.64 -13.08
CA GLY F 33 -19.94 42.26 -13.35
C GLY F 33 -18.89 41.30 -12.87
N TYR F 34 -19.22 40.02 -12.97
CA TYR F 34 -18.27 38.97 -12.60
C TYR F 34 -17.38 38.63 -13.79
N ALA F 35 -16.29 37.93 -13.50
CA ALA F 35 -15.35 37.50 -14.52
C ALA F 35 -14.64 36.25 -14.02
N ALA F 36 -13.87 35.63 -14.91
CA ALA F 36 -13.11 34.43 -14.57
C ALA F 36 -11.72 34.52 -15.15
N ASP F 37 -10.73 33.99 -14.40
CA ASP F 37 -9.35 33.92 -14.93
C ASP F 37 -9.20 32.55 -15.57
N GLN F 38 -9.37 32.47 -16.89
CA GLN F 38 -9.38 31.16 -17.57
C GLN F 38 -8.04 30.44 -17.43
N LYS F 39 -6.92 31.16 -17.56
CA LYS F 39 -5.60 30.49 -17.52
C LYS F 39 -5.50 29.63 -16.27
N SER F 40 -5.69 30.23 -15.09
CA SER F 40 -5.50 29.46 -13.84
C SER F 40 -6.49 28.31 -13.76
N THR F 41 -7.76 28.56 -14.08
CA THR F 41 -8.78 27.48 -13.92
C THR F 41 -8.43 26.34 -14.86
N GLN F 42 -8.07 26.67 -16.10
CA GLN F 42 -7.81 25.62 -17.11
C GLN F 42 -6.62 24.77 -16.65
N ASN F 43 -5.57 25.41 -16.14
CA ASN F 43 -4.37 24.62 -15.78
C ASN F 43 -4.80 23.63 -14.70
N ALA F 44 -5.61 24.09 -13.75
CA ALA F 44 -5.99 23.20 -12.64
C ALA F 44 -6.79 22.00 -13.16
N ILE F 45 -7.69 22.22 -14.11
CA ILE F 45 -8.57 21.09 -14.53
C ILE F 45 -7.71 19.97 -15.13
N ASN F 46 -6.75 20.29 -15.99
CA ASN F 46 -5.95 19.23 -16.66
C ASN F 46 -5.27 18.37 -15.58
N CYS F 47 -4.77 19.01 -14.54
CA CYS F 47 -4.03 18.34 -13.43
C CYS F 47 -4.90 17.32 -12.71
N ILE F 48 -6.03 17.76 -12.18
CA ILE F 48 -6.94 16.89 -11.40
C ILE F 48 -7.50 15.86 -12.38
N THR F 49 -7.64 16.24 -13.64
CA THR F 49 -8.09 15.21 -14.61
C THR F 49 -7.04 14.11 -14.63
N ASN F 50 -5.76 14.50 -14.67
CA ASN F 50 -4.69 13.48 -14.62
C ASN F 50 -4.74 12.75 -13.28
N LYS F 51 -4.92 13.48 -12.17
CA LYS F 51 -4.86 12.81 -10.85
C LYS F 51 -6.00 11.80 -10.73
N VAL F 52 -7.21 12.20 -11.10
CA VAL F 52 -8.38 11.28 -10.99
C VAL F 52 -8.12 10.12 -11.96
N ASN F 53 -7.65 10.43 -13.16
CA ASN F 53 -7.41 9.36 -14.16
C ASN F 53 -6.33 8.43 -13.63
N SER F 54 -5.28 8.96 -13.01
CA SER F 54 -4.17 8.08 -12.58
C SER F 54 -4.69 7.07 -11.56
N VAL F 55 -5.50 7.54 -10.60
CA VAL F 55 -5.93 6.59 -9.54
C VAL F 55 -6.78 5.49 -10.19
N ILE F 56 -7.71 5.87 -11.07
CA ILE F 56 -8.61 4.87 -11.70
C ILE F 56 -7.85 3.97 -12.69
N GLU F 57 -7.05 4.56 -13.58
CA GLU F 57 -6.40 3.76 -14.66
C GLU F 57 -5.33 2.79 -14.17
N LYS F 58 -4.46 3.20 -13.24
CA LYS F 58 -3.33 2.33 -12.85
C LYS F 58 -3.84 0.94 -12.44
N MET F 59 -5.06 0.87 -11.92
CA MET F 59 -5.63 -0.43 -11.48
C MET F 59 -5.65 -1.33 -12.71
N ASN F 60 -4.96 -2.48 -12.63
CA ASN F 60 -4.90 -3.42 -13.77
C ASN F 60 -5.51 -4.75 -13.31
N THR F 61 -6.10 -5.52 -14.22
CA THR F 61 -6.78 -6.76 -13.78
C THR F 61 -6.50 -7.89 -14.77
N GLN F 62 -6.53 -9.13 -14.30
CA GLN F 62 -6.35 -10.31 -15.18
C GLN F 62 -7.51 -11.24 -14.89
N PHE F 63 -7.87 -12.15 -15.81
CA PHE F 63 -9.07 -12.97 -15.55
C PHE F 63 -8.81 -13.68 -14.23
N THR F 64 -9.74 -13.58 -13.28
CA THR F 64 -9.45 -14.15 -11.94
C THR F 64 -10.68 -14.88 -11.39
N ALA F 65 -10.45 -16.01 -10.73
CA ALA F 65 -11.57 -16.72 -10.06
C ALA F 65 -11.29 -16.61 -8.57
N VAL F 66 -12.24 -16.09 -7.79
CA VAL F 66 -11.95 -15.88 -6.35
C VAL F 66 -12.54 -17.04 -5.54
N GLY F 67 -13.79 -17.39 -5.80
CA GLY F 67 -14.44 -18.43 -5.04
C GLY F 67 -13.85 -19.80 -5.33
N LYS F 68 -13.40 -20.46 -4.27
CA LYS F 68 -12.87 -21.82 -4.35
C LYS F 68 -13.61 -22.70 -3.37
N GLU F 69 -13.82 -23.96 -3.74
CA GLU F 69 -14.61 -24.91 -2.97
C GLU F 69 -13.72 -26.05 -2.48
N PHE F 70 -13.84 -26.40 -1.20
CA PHE F 70 -13.11 -27.51 -0.61
C PHE F 70 -14.05 -28.31 0.28
N ASN F 71 -13.75 -29.59 0.45
CA ASN F 71 -14.59 -30.49 1.24
C ASN F 71 -14.10 -30.52 2.68
N LYS F 72 -14.60 -31.49 3.46
CA LYS F 72 -14.24 -31.58 4.90
C LYS F 72 -12.78 -31.99 5.04
N LEU F 73 -12.30 -32.86 4.15
CA LEU F 73 -10.93 -33.36 4.24
C LEU F 73 -9.89 -32.31 3.86
N GLU F 74 -10.31 -31.15 3.35
CA GLU F 74 -9.42 -30.06 2.98
C GLU F 74 -9.68 -28.81 3.82
N ARG F 75 -9.87 -28.99 5.13
CA ARG F 75 -10.21 -27.86 6.00
C ARG F 75 -9.06 -26.87 6.12
N ARG F 76 -7.82 -27.37 6.18
CA ARG F 76 -6.65 -26.49 6.23
C ARG F 76 -6.57 -25.63 4.97
N MET F 77 -6.91 -26.23 3.84
CA MET F 77 -6.79 -25.44 2.60
C MET F 77 -7.85 -24.34 2.64
N GLU F 78 -9.10 -24.67 2.95
CA GLU F 78 -10.14 -23.65 2.93
C GLU F 78 -9.83 -22.55 3.92
N ASN F 79 -9.22 -22.91 5.06
CA ASN F 79 -8.74 -21.91 6.01
C ASN F 79 -7.66 -21.03 5.38
N LEU F 80 -6.74 -21.64 4.63
CA LEU F 80 -5.69 -20.87 3.96
C LEU F 80 -6.27 -19.93 2.91
N ASN F 81 -7.23 -20.41 2.13
CA ASN F 81 -7.85 -19.58 1.10
C ASN F 81 -8.62 -18.42 1.72
N LYS F 82 -9.35 -18.68 2.81
CA LYS F 82 -10.07 -17.63 3.51
C LYS F 82 -9.10 -16.60 4.09
N LYS F 83 -7.99 -17.06 4.68
CA LYS F 83 -7.00 -16.16 5.25
C LYS F 83 -6.37 -15.28 4.18
N VAL F 84 -6.02 -15.86 3.02
CA VAL F 84 -5.33 -15.06 2.01
C VAL F 84 -6.30 -14.09 1.35
N ASP F 85 -7.56 -14.48 1.16
CA ASP F 85 -8.55 -13.56 0.60
C ASP F 85 -8.84 -12.41 1.57
N ASP F 86 -8.92 -12.72 2.86
CA ASP F 86 -9.10 -11.68 3.88
C ASP F 86 -7.90 -10.74 3.89
N GLY F 87 -6.70 -11.29 3.70
CA GLY F 87 -5.52 -10.44 3.64
C GLY F 87 -5.54 -9.47 2.47
N PHE F 88 -5.87 -9.96 1.26
CA PHE F 88 -5.94 -9.07 0.11
C PHE F 88 -7.00 -7.99 0.29
N ILE F 89 -8.20 -8.36 0.77
CA ILE F 89 -9.25 -7.36 0.87
C ILE F 89 -8.94 -6.35 1.97
N ASP F 90 -8.25 -6.79 3.03
CA ASP F 90 -7.88 -5.88 4.11
C ASP F 90 -6.83 -4.87 3.65
N ILE F 91 -5.76 -5.36 3.00
CA ILE F 91 -4.73 -4.44 2.49
C ILE F 91 -5.32 -3.49 1.46
N TRP F 92 -6.20 -4.00 0.59
CA TRP F 92 -6.81 -3.15 -0.43
C TRP F 92 -7.68 -2.06 0.19
N THR F 93 -8.53 -2.40 1.17
CA THR F 93 -9.40 -1.37 1.73
C THR F 93 -8.61 -0.35 2.54
N TYR F 94 -7.61 -0.82 3.29
CA TYR F 94 -6.86 0.12 4.16
C TYR F 94 -6.07 1.09 3.28
N ASN F 95 -5.30 0.55 2.34
CA ASN F 95 -4.45 1.46 1.52
C ASN F 95 -5.37 2.42 0.76
N ALA F 96 -6.46 1.90 0.19
CA ALA F 96 -7.33 2.78 -0.63
C ALA F 96 -7.94 3.86 0.25
N GLU F 97 -8.42 3.49 1.44
CA GLU F 97 -9.12 4.49 2.28
C GLU F 97 -8.12 5.58 2.66
N LEU F 98 -6.90 5.18 3.03
CA LEU F 98 -5.87 6.20 3.33
C LEU F 98 -5.56 7.01 2.08
N LEU F 99 -5.47 6.35 0.91
CA LEU F 99 -5.07 7.10 -0.31
C LEU F 99 -6.13 8.16 -0.59
N VAL F 100 -7.41 7.80 -0.52
CA VAL F 100 -8.44 8.81 -0.88
C VAL F 100 -8.36 9.95 0.13
N LEU F 101 -8.16 9.62 1.41
CA LEU F 101 -8.15 10.68 2.45
C LEU F 101 -6.98 11.64 2.18
N LEU F 102 -5.79 11.09 1.90
CA LEU F 102 -4.61 11.97 1.72
C LEU F 102 -4.82 12.84 0.47
N GLU F 103 -5.30 12.22 -0.61
CA GLU F 103 -5.48 12.97 -1.87
C GLU F 103 -6.54 14.05 -1.66
N ASN F 104 -7.60 13.71 -0.93
CA ASN F 104 -8.70 14.70 -0.75
C ASN F 104 -8.12 15.92 -0.05
N GLU F 105 -7.27 15.71 0.96
CA GLU F 105 -6.64 16.85 1.66
C GLU F 105 -5.78 17.62 0.68
N ARG F 106 -5.01 16.91 -0.14
CA ARG F 106 -4.06 17.62 -1.04
C ARG F 106 -4.87 18.45 -2.04
N THR F 107 -5.85 17.84 -2.71
CA THR F 107 -6.61 18.58 -3.76
C THR F 107 -7.21 19.85 -3.17
N LEU F 108 -7.81 19.76 -1.97
CA LEU F 108 -8.44 20.95 -1.33
C LEU F 108 -7.36 21.98 -1.02
N ASP F 109 -6.20 21.53 -0.53
CA ASP F 109 -5.08 22.46 -0.21
C ASP F 109 -4.55 23.07 -1.50
N PHE F 110 -4.49 22.29 -2.58
CA PHE F 110 -3.94 22.78 -3.86
C PHE F 110 -4.82 23.92 -4.34
N HIS F 111 -6.14 23.75 -4.17
CA HIS F 111 -7.07 24.80 -4.63
C HIS F 111 -6.79 26.08 -3.85
N ASP F 112 -6.57 25.98 -2.54
CA ASP F 112 -6.39 27.20 -1.73
C ASP F 112 -5.02 27.79 -2.04
N SER F 113 -3.97 26.96 -2.03
CA SER F 113 -2.66 27.45 -2.42
C SER F 113 -2.73 28.24 -3.72
N ASN F 114 -3.54 27.76 -4.69
CA ASN F 114 -3.73 28.50 -5.93
C ASN F 114 -4.39 29.85 -5.68
N VAL F 115 -5.39 29.87 -4.78
CA VAL F 115 -6.07 31.14 -4.47
C VAL F 115 -5.09 32.14 -3.83
N LYS F 116 -4.26 31.66 -2.90
CA LYS F 116 -3.28 32.54 -2.27
C LYS F 116 -2.25 33.04 -3.28
N ASN F 117 -1.82 32.17 -4.21
CA ASN F 117 -0.88 32.58 -5.25
C ASN F 117 -1.49 33.64 -6.16
N LEU F 118 -2.77 33.48 -6.50
CA LEU F 118 -3.47 34.47 -7.32
C LEU F 118 -3.56 35.81 -6.60
N TYR F 119 -3.93 35.79 -5.32
CA TYR F 119 -4.13 37.07 -4.61
C TYR F 119 -2.87 37.92 -4.68
N GLU F 120 -1.73 37.30 -4.42
CA GLU F 120 -0.45 38.06 -4.39
C GLU F 120 -0.17 38.67 -5.76
N LYS F 121 -0.50 37.95 -6.83
CA LYS F 121 -0.13 38.47 -8.17
C LYS F 121 -0.82 39.82 -8.34
N VAL F 122 -2.09 39.91 -7.95
CA VAL F 122 -2.83 41.20 -8.09
C VAL F 122 -2.15 42.23 -7.19
N LYS F 123 -1.79 41.85 -5.96
CA LYS F 123 -1.21 42.85 -5.03
C LYS F 123 0.08 43.38 -5.60
N SER F 124 0.92 42.50 -6.15
CA SER F 124 2.23 42.94 -6.66
C SER F 124 2.00 43.90 -7.82
N GLN F 125 1.08 43.57 -8.72
CA GLN F 125 0.86 44.44 -9.90
C GLN F 125 0.35 45.80 -9.43
N LEU F 126 -0.62 45.79 -8.51
CA LEU F 126 -1.20 47.06 -8.00
C LEU F 126 -0.21 47.82 -7.14
N LYS F 127 0.62 47.10 -6.37
CA LYS F 127 1.55 47.76 -5.43
C LYS F 127 0.76 48.59 -4.42
N ASN F 128 1.15 49.85 -4.21
CA ASN F 128 0.51 50.67 -3.16
C ASN F 128 -0.61 51.54 -3.75
N ASN F 129 -0.89 51.42 -5.04
CA ASN F 129 -1.90 52.30 -5.69
C ASN F 129 -3.28 52.08 -5.05
N ALA F 130 -3.49 50.92 -4.45
CA ALA F 130 -4.81 50.60 -3.87
C ALA F 130 -4.66 50.34 -2.36
N LYS F 131 -5.78 50.30 -1.64
CA LYS F 131 -5.75 49.99 -0.19
C LYS F 131 -6.45 48.65 0.03
N GLU F 132 -5.81 47.73 0.74
CA GLU F 132 -6.40 46.39 0.91
C GLU F 132 -7.44 46.47 2.02
N ILE F 133 -8.71 46.18 1.69
CA ILE F 133 -9.80 46.28 2.70
C ILE F 133 -9.66 45.14 3.71
N GLY F 134 -8.92 44.10 3.35
CA GLY F 134 -8.69 42.98 4.28
C GLY F 134 -9.78 41.93 4.18
N ASN F 135 -10.77 42.13 3.30
CA ASN F 135 -11.82 41.11 3.07
C ASN F 135 -11.42 40.35 1.80
N GLY F 136 -10.19 40.56 1.32
CA GLY F 136 -9.78 39.95 0.04
C GLY F 136 -10.08 40.87 -1.12
N CYS F 137 -10.41 42.13 -0.82
CA CYS F 137 -10.77 43.10 -1.88
C CYS F 137 -9.75 44.22 -1.95
N PHE F 138 -9.31 44.59 -3.15
CA PHE F 138 -8.40 45.76 -3.28
C PHE F 138 -9.22 46.94 -3.81
N GLU F 139 -9.15 48.09 -3.15
CA GLU F 139 -9.93 49.29 -3.57
C GLU F 139 -8.99 50.33 -4.17
N PHE F 140 -9.27 50.80 -5.38
CA PHE F 140 -8.32 51.71 -6.07
C PHE F 140 -8.41 53.17 -5.60
N TYR F 141 -7.30 53.77 -5.17
CA TYR F 141 -7.27 55.21 -4.89
C TYR F 141 -7.50 56.02 -6.15
N HIS F 142 -6.88 55.62 -7.25
CA HIS F 142 -7.06 56.32 -8.52
C HIS F 142 -8.29 55.80 -9.24
N LYS F 143 -8.88 56.65 -10.07
CA LYS F 143 -10.00 56.23 -10.90
C LYS F 143 -9.51 55.32 -12.02
N CYS F 144 -10.09 54.12 -12.10
CA CYS F 144 -9.60 53.09 -13.00
C CYS F 144 -10.74 52.65 -13.90
N ASN F 145 -10.54 52.76 -15.21
CA ASN F 145 -11.54 52.38 -16.20
C ASN F 145 -11.41 50.90 -16.54
N ASP F 146 -12.24 50.45 -17.48
CA ASP F 146 -12.30 49.03 -17.83
C ASP F 146 -10.97 48.51 -18.38
N GLU F 147 -10.22 49.38 -19.05
CA GLU F 147 -8.94 48.98 -19.63
C GLU F 147 -7.95 48.59 -18.55
N CYS F 148 -7.92 49.32 -17.43
CA CYS F 148 -6.95 48.98 -16.41
C CYS F 148 -7.41 47.81 -15.54
N MET F 149 -8.72 47.57 -15.40
CA MET F 149 -9.12 46.29 -14.80
C MET F 149 -8.73 45.11 -15.68
N GLU F 150 -8.95 45.19 -16.99
CA GLU F 150 -8.60 44.05 -17.83
C GLU F 150 -7.09 43.91 -17.97
N SER F 151 -6.34 45.01 -17.78
CA SER F 151 -4.89 44.92 -17.74
C SER F 151 -4.43 44.26 -16.43
N VAL F 152 -5.16 44.49 -15.33
CA VAL F 152 -4.90 43.75 -14.10
C VAL F 152 -5.16 42.27 -14.32
N LYS F 153 -6.24 41.94 -15.04
CA LYS F 153 -6.46 40.55 -15.45
C LYS F 153 -5.35 40.08 -16.39
N ASN F 154 -4.93 40.92 -17.31
CA ASN F 154 -3.87 40.57 -18.26
C ASN F 154 -2.50 40.51 -17.60
N GLY F 155 -2.32 41.15 -16.46
CA GLY F 155 -1.00 41.31 -15.89
C GLY F 155 -0.19 42.42 -16.52
N THR F 156 -0.78 43.18 -17.43
CA THR F 156 -0.08 44.26 -18.13
C THR F 156 -0.40 45.63 -17.54
N TYR F 157 -0.80 45.67 -16.27
CA TYR F 157 -1.01 46.95 -15.59
C TYR F 157 0.32 47.66 -15.41
N ASP F 158 0.34 48.96 -15.72
CA ASP F 158 1.55 49.76 -15.64
C ASP F 158 1.45 50.69 -14.44
N TYR F 159 2.47 50.66 -13.59
CA TYR F 159 2.41 51.40 -12.33
C TYR F 159 2.67 52.90 -12.48
N PRO F 160 3.69 53.38 -13.22
CA PRO F 160 3.92 54.85 -13.23
C PRO F 160 2.85 55.66 -13.94
N LYS F 161 1.96 55.03 -14.72
CA LYS F 161 0.90 55.77 -15.39
C LYS F 161 -0.07 56.39 -14.39
N TYR F 162 -0.47 55.62 -13.39
CA TYR F 162 -1.46 56.06 -12.41
C TYR F 162 -0.86 56.31 -11.03
N SER F 163 0.47 56.42 -10.94
CA SER F 163 1.11 56.65 -9.63
C SER F 163 0.83 58.06 -9.13
N GLU F 164 0.75 59.04 -10.04
CA GLU F 164 0.53 60.42 -9.62
C GLU F 164 -0.87 60.63 -9.09
N GLU F 165 -1.88 60.08 -9.77
CA GLU F 165 -3.26 60.18 -9.31
C GLU F 165 -3.44 59.46 -7.99
N SER F 166 -2.84 58.27 -7.84
CA SER F 166 -2.93 57.53 -6.60
C SER F 166 -2.24 58.27 -5.46
N LYS F 167 -1.09 58.89 -5.74
CA LYS F 167 -0.38 59.67 -4.72
C LYS F 167 -1.21 60.88 -4.29
N LEU F 168 -1.84 61.56 -5.25
CA LEU F 168 -2.68 62.70 -4.92
C LEU F 168 -3.91 62.27 -4.12
N ASN F 169 -4.44 61.08 -4.41
CA ASN F 169 -5.57 60.58 -3.63
C ASN F 169 -5.14 60.13 -2.23
N ARG F 170 -3.87 59.76 -2.11
CA ARG F 170 -3.32 59.41 -0.78
C ARG F 170 -3.19 60.72 0.02
N GLU F 171 -2.79 61.81 -0.65
CA GLU F 171 -2.68 63.11 0.00
C GLU F 171 -4.05 63.66 0.39
N LYS F 172 -5.07 63.40 -0.44
CA LYS F 172 -6.43 63.79 -0.08
C LYS F 172 -6.93 62.99 1.11
N ILE F 173 -6.63 61.70 1.15
CA ILE F 173 -7.06 60.85 2.27
C ILE F 173 -5.95 60.77 3.31
N ASP G 18 23.58 47.22 -11.04
CA ASP G 18 23.87 46.39 -9.88
C ASP G 18 22.62 45.64 -9.44
N THR G 19 22.51 44.38 -9.87
CA THR G 19 21.33 43.57 -9.62
C THR G 19 21.73 42.23 -9.00
N ILE G 20 20.86 41.72 -8.14
CA ILE G 20 20.97 40.37 -7.59
C ILE G 20 19.78 39.57 -8.09
N CYS G 21 20.04 38.52 -8.84
CA CYS G 21 18.99 37.69 -9.41
C CYS G 21 18.98 36.31 -8.75
N ILE G 22 17.80 35.70 -8.74
CA ILE G 22 17.58 34.38 -8.17
C ILE G 22 17.25 33.42 -9.30
N GLY G 23 17.87 32.24 -9.29
CA GLY G 23 17.67 31.27 -10.35
C GLY G 23 17.99 29.88 -9.86
N TYR G 24 17.84 28.91 -10.76
CA TYR G 24 18.06 27.51 -10.46
C TYR G 24 18.86 26.85 -11.56
N HIS G 25 19.35 25.65 -11.28
CA HIS G 25 20.29 24.96 -12.15
C HIS G 25 19.58 24.39 -13.38
N ALA G 26 20.29 24.40 -14.51
CA ALA G 26 19.73 23.82 -15.75
C ALA G 26 20.84 23.06 -16.46
N ASN G 27 20.50 22.05 -17.27
CA ASN G 27 21.57 21.24 -17.92
C ASN G 27 21.08 20.72 -19.27
N ASN G 28 21.87 19.84 -19.90
CA ASN G 28 21.51 19.32 -21.24
C ASN G 28 20.72 18.02 -21.09
N SER G 29 20.38 17.64 -19.85
CA SER G 29 19.70 16.34 -19.62
C SER G 29 18.32 16.31 -20.30
N THR G 30 17.99 15.20 -20.95
CA THR G 30 16.67 15.06 -21.61
C THR G 30 15.82 14.05 -20.82
N ASP G 31 16.29 13.63 -19.65
CA ASP G 31 15.56 12.58 -18.90
C ASP G 31 14.17 13.08 -18.53
N THR G 32 13.15 12.22 -18.65
CA THR G 32 11.76 12.63 -18.35
C THR G 32 11.24 11.84 -17.16
N VAL G 33 10.70 12.55 -16.16
CA VAL G 33 10.11 11.87 -14.97
C VAL G 33 8.59 12.02 -15.11
N ASP G 34 7.83 11.25 -14.35
CA ASP G 34 6.34 11.37 -14.39
C ASP G 34 5.83 11.85 -13.03
N THR G 35 4.97 12.85 -13.01
CA THR G 35 4.36 13.30 -11.72
C THR G 35 2.89 12.91 -11.74
N VAL G 36 2.28 12.81 -10.55
CA VAL G 36 0.86 12.38 -10.43
C VAL G 36 -0.03 13.43 -11.11
N CYS G 37 0.55 14.61 -11.39
CA CYS G 37 -0.23 15.74 -11.93
C CYS G 37 0.10 15.99 -13.41
N GLU G 38 1.39 16.06 -13.76
CA GLU G 38 1.79 16.38 -15.16
C GLU G 38 2.73 15.30 -15.69
N LYS G 39 2.39 14.68 -16.83
CA LYS G 39 3.23 13.60 -17.39
C LYS G 39 4.34 14.20 -18.25
N ASN G 40 5.39 13.43 -18.53
CA ASN G 40 6.48 13.87 -19.45
C ASN G 40 7.19 15.15 -18.98
N VAL G 41 7.37 15.34 -17.67
CA VAL G 41 8.18 16.51 -17.20
C VAL G 41 9.65 16.22 -17.51
N THR G 42 10.43 17.22 -17.93
CA THR G 42 11.89 17.03 -18.16
C THR G 42 12.64 17.49 -16.91
N VAL G 43 13.58 16.70 -16.39
CA VAL G 43 14.23 17.06 -15.09
C VAL G 43 15.75 16.94 -15.17
N THR G 44 16.47 17.66 -14.29
CA THR G 44 17.95 17.69 -14.34
C THR G 44 18.56 16.30 -14.13
N HIS G 45 18.08 15.54 -13.14
CA HIS G 45 18.65 14.21 -12.84
C HIS G 45 17.58 13.29 -12.27
N SER G 46 17.69 11.98 -12.50
CA SER G 46 16.71 11.04 -11.93
C SER G 46 17.41 9.73 -11.50
N VAL G 47 16.85 9.03 -10.52
CA VAL G 47 17.42 7.71 -10.10
C VAL G 47 16.45 6.61 -10.52
N ASN G 48 16.78 5.89 -11.60
CA ASN G 48 15.91 4.81 -12.04
C ASN G 48 15.88 3.73 -10.97
N LEU G 49 14.69 3.47 -10.43
CA LEU G 49 14.52 2.44 -9.41
C LEU G 49 14.01 1.13 -10.00
N LEU G 50 13.91 1.04 -11.32
CA LEU G 50 13.44 -0.17 -11.99
C LEU G 50 14.57 -0.75 -12.83
N GLU G 51 14.83 -2.05 -12.65
CA GLU G 51 15.90 -2.74 -13.35
C GLU G 51 15.29 -3.67 -14.39
N ASP G 52 15.75 -3.54 -15.64
CA ASP G 52 15.21 -4.31 -16.77
C ASP G 52 16.37 -4.88 -17.60
N SER G 53 17.40 -5.37 -16.92
CA SER G 53 18.57 -5.90 -17.59
C SER G 53 18.96 -7.23 -16.96
N HIS G 54 19.40 -8.15 -17.81
CA HIS G 54 19.88 -9.45 -17.37
C HIS G 54 21.19 -9.76 -18.10
N ASN G 55 22.14 -10.36 -17.38
CA ASN G 55 23.45 -10.61 -17.98
C ASN G 55 23.42 -11.80 -18.94
N GLY G 56 22.41 -12.67 -18.81
CA GLY G 56 22.37 -13.87 -19.62
C GLY G 56 23.23 -15.01 -19.12
N LYS G 57 23.80 -14.89 -17.92
CA LYS G 57 24.68 -15.90 -17.36
C LYS G 57 24.15 -16.35 -16.02
N LEU G 58 24.18 -17.66 -15.76
CA LEU G 58 23.88 -18.16 -14.43
C LEU G 58 25.01 -17.81 -13.47
N CYS G 59 24.64 -17.27 -12.31
CA CYS G 59 25.60 -16.86 -11.31
C CYS G 59 25.38 -17.65 -10.03
N LEU G 60 26.41 -17.73 -9.21
CA LEU G 60 26.32 -18.45 -7.94
C LEU G 60 25.40 -17.71 -6.99
N LEU G 61 24.57 -18.46 -6.28
CA LEU G 61 23.62 -17.91 -5.33
C LEU G 61 24.19 -18.03 -3.93
N LYS G 62 24.52 -16.89 -3.31
CA LYS G 62 25.07 -16.80 -1.95
C LYS G 62 26.35 -17.62 -1.81
N GLY G 63 27.18 -17.62 -2.85
CA GLY G 63 28.43 -18.33 -2.82
C GLY G 63 28.34 -19.83 -2.99
N ILE G 64 27.19 -20.34 -3.44
CA ILE G 64 26.98 -21.78 -3.62
C ILE G 64 26.70 -22.03 -5.10
N ALA G 65 27.43 -22.97 -5.69
CA ALA G 65 27.33 -23.25 -7.11
C ALA G 65 26.12 -24.13 -7.39
N PRO G 66 25.20 -23.70 -8.25
CA PRO G 66 24.01 -24.53 -8.55
C PRO G 66 24.37 -25.74 -9.40
N LEU G 67 23.49 -26.74 -9.35
CA LEU G 67 23.70 -27.97 -10.08
C LEU G 67 23.19 -27.84 -11.52
N GLN G 68 23.97 -28.36 -12.46
CA GLN G 68 23.65 -28.30 -13.88
C GLN G 68 23.32 -29.72 -14.34
N LEU G 69 22.22 -29.86 -15.06
CA LEU G 69 21.76 -31.15 -15.55
C LEU G 69 21.82 -31.30 -17.06
N GLY G 70 21.52 -30.24 -17.82
CA GLY G 70 21.58 -30.33 -19.27
C GLY G 70 20.52 -31.27 -19.81
N ASN G 71 20.99 -32.29 -20.54
CA ASN G 71 20.07 -33.29 -21.10
C ASN G 71 19.47 -34.19 -20.02
N CYS G 72 20.10 -34.29 -18.86
CA CYS G 72 19.50 -35.00 -17.74
C CYS G 72 18.27 -34.27 -17.21
N SER G 73 17.34 -35.05 -16.68
CA SER G 73 16.25 -34.54 -15.87
C SER G 73 16.55 -34.82 -14.40
N VAL G 74 15.71 -34.27 -13.52
CA VAL G 74 15.90 -34.49 -12.09
C VAL G 74 15.59 -35.94 -11.72
N ALA G 75 14.58 -36.54 -12.35
CA ALA G 75 14.24 -37.94 -12.07
C ALA G 75 15.34 -38.87 -12.56
N GLY G 76 15.88 -38.60 -13.75
CA GLY G 76 16.96 -39.42 -14.27
C GLY G 76 18.24 -39.31 -13.46
N TRP G 77 18.53 -38.10 -12.97
CA TRP G 77 19.71 -37.92 -12.12
C TRP G 77 19.53 -38.59 -10.76
N ILE G 78 18.32 -38.52 -10.21
CA ILE G 78 18.06 -39.14 -8.91
C ILE G 78 18.13 -40.66 -9.02
N LEU G 79 17.48 -41.23 -10.03
CA LEU G 79 17.40 -42.68 -10.17
C LEU G 79 18.65 -43.30 -10.79
N GLY G 80 19.58 -42.49 -11.27
CA GLY G 80 20.83 -43.02 -11.79
C GLY G 80 20.82 -43.36 -13.27
N ASN G 81 20.44 -42.40 -14.10
CA ASN G 81 20.56 -42.57 -15.54
C ASN G 81 22.04 -42.57 -15.90
N PRO G 82 22.52 -43.57 -16.66
CA PRO G 82 23.97 -43.63 -16.97
C PRO G 82 24.50 -42.45 -17.76
N GLU G 83 23.65 -41.67 -18.43
CA GLU G 83 24.12 -40.47 -19.11
C GLU G 83 24.43 -39.34 -18.14
N CYS G 84 24.00 -39.45 -16.88
CA CYS G 84 24.16 -38.40 -15.90
C CYS G 84 25.46 -38.52 -15.09
N GLU G 85 26.25 -39.56 -15.35
CA GLU G 85 27.47 -39.82 -14.58
C GLU G 85 28.56 -38.80 -14.85
N LEU G 86 28.45 -38.01 -15.91
CA LEU G 86 29.41 -36.94 -16.14
C LEU G 86 29.19 -35.77 -15.18
N LEU G 87 28.00 -35.68 -14.58
CA LEU G 87 27.64 -34.57 -13.71
C LEU G 87 27.21 -35.00 -12.33
N ILE G 88 27.21 -36.31 -12.04
CA ILE G 88 26.95 -36.76 -10.66
C ILE G 88 28.04 -36.33 -9.67
N SER G 89 29.18 -35.82 -10.14
CA SER G 89 30.27 -35.44 -9.26
C SER G 89 29.95 -34.22 -8.39
N ARG G 90 28.92 -33.45 -8.74
CA ARG G 90 28.54 -32.29 -7.94
C ARG G 90 28.01 -32.73 -6.57
N GLU G 91 28.38 -32.00 -5.53
CA GLU G 91 28.02 -32.37 -4.17
C GLU G 91 26.91 -31.51 -3.58
N SER G 92 27.09 -30.19 -3.53
CA SER G 92 26.11 -29.30 -2.94
C SER G 92 25.72 -28.23 -3.94
N TRP G 93 24.44 -27.81 -3.91
CA TRP G 93 23.94 -26.82 -4.84
C TRP G 93 22.91 -25.95 -4.15
N SER G 94 22.88 -24.67 -4.56
CA SER G 94 21.82 -23.78 -4.08
C SER G 94 20.50 -24.07 -4.76
N TYR G 95 20.52 -24.29 -6.08
CA TYR G 95 19.30 -24.60 -6.82
C TYR G 95 19.68 -25.52 -7.98
N ILE G 96 18.67 -25.87 -8.78
CA ILE G 96 18.80 -26.87 -9.83
C ILE G 96 18.52 -26.20 -11.18
N VAL G 97 19.42 -26.39 -12.13
CA VAL G 97 19.27 -25.89 -13.49
C VAL G 97 18.96 -27.07 -14.39
N GLU G 98 17.85 -26.98 -15.13
CA GLU G 98 17.40 -28.05 -16.01
C GLU G 98 16.92 -27.44 -17.33
N LYS G 99 17.10 -28.18 -18.42
CA LYS G 99 16.53 -27.76 -19.69
C LYS G 99 15.01 -27.90 -19.66
N PRO G 100 14.29 -27.02 -20.37
CA PRO G 100 12.82 -27.15 -20.42
C PRO G 100 12.35 -28.46 -21.04
N ASN G 101 13.08 -29.00 -22.00
CA ASN G 101 12.75 -30.29 -22.60
C ASN G 101 13.81 -31.31 -22.21
N PRO G 102 13.52 -32.22 -21.29
CA PRO G 102 14.54 -33.21 -20.88
C PRO G 102 14.77 -34.23 -21.98
N GLU G 103 16.03 -34.34 -22.42
CA GLU G 103 16.37 -35.28 -23.48
C GLU G 103 16.37 -36.72 -22.98
N ASN G 104 16.92 -36.94 -21.78
CA ASN G 104 17.00 -38.28 -21.18
C ASN G 104 16.34 -38.22 -19.81
N GLY G 105 15.02 -38.35 -19.78
CA GLY G 105 14.31 -38.41 -18.51
C GLY G 105 14.39 -39.78 -17.86
N THR G 106 13.79 -40.78 -18.50
CA THR G 106 13.84 -42.17 -18.05
C THR G 106 14.04 -43.06 -19.27
N CYS G 107 14.41 -44.32 -19.02
CA CYS G 107 14.48 -45.32 -20.07
C CYS G 107 13.31 -46.29 -20.05
N TYR G 108 12.77 -46.59 -18.88
CA TYR G 108 11.48 -47.27 -18.81
C TYR G 108 10.36 -46.26 -18.60
N PRO G 109 9.26 -46.41 -19.33
CA PRO G 109 8.07 -45.63 -19.01
C PRO G 109 7.50 -46.01 -17.66
N GLY G 110 6.89 -45.04 -16.99
CA GLY G 110 6.34 -45.27 -15.68
C GLY G 110 5.88 -43.97 -15.06
N HIS G 111 5.22 -44.11 -13.91
CA HIS G 111 4.66 -42.97 -13.18
C HIS G 111 5.43 -42.75 -11.89
N PHE G 112 5.64 -41.48 -11.55
CA PHE G 112 6.32 -41.09 -10.33
C PHE G 112 5.28 -40.66 -9.31
N ALA G 113 5.28 -41.31 -8.15
CA ALA G 113 4.45 -40.85 -7.06
C ALA G 113 5.13 -39.67 -6.37
N ASP G 114 4.38 -38.56 -6.25
CA ASP G 114 4.85 -37.32 -5.62
C ASP G 114 6.13 -36.80 -6.30
N TYR G 115 6.03 -36.62 -7.61
CA TYR G 115 7.17 -36.15 -8.39
C TYR G 115 7.54 -34.72 -8.04
N GLU G 116 6.54 -33.83 -7.99
CA GLU G 116 6.81 -32.43 -7.66
C GLU G 116 7.24 -32.27 -6.21
N GLU G 117 6.74 -33.13 -5.31
CA GLU G 117 7.26 -33.15 -3.95
C GLU G 117 8.74 -33.52 -3.92
N LEU G 118 9.14 -34.50 -4.74
CA LEU G 118 10.55 -34.89 -4.81
C LEU G 118 11.41 -33.76 -5.37
N ARG G 119 10.91 -33.05 -6.40
CA ARG G 119 11.66 -31.93 -6.95
C ARG G 119 11.79 -30.80 -5.93
N GLU G 120 10.72 -30.52 -5.18
CA GLU G 120 10.78 -29.47 -4.17
C GLU G 120 11.71 -29.84 -3.03
N GLN G 121 11.73 -31.12 -2.64
CA GLN G 121 12.62 -31.56 -1.56
C GLN G 121 14.07 -31.55 -2.00
N LEU G 122 14.34 -31.92 -3.25
CA LEU G 122 15.71 -31.97 -3.76
C LEU G 122 16.15 -30.66 -4.39
N SER G 123 15.31 -29.62 -4.34
CA SER G 123 15.69 -28.33 -4.89
C SER G 123 16.84 -27.69 -4.13
N SER G 124 16.93 -27.92 -2.82
CA SER G 124 17.97 -27.29 -2.01
C SER G 124 18.41 -28.28 -0.93
N VAL G 125 19.70 -28.57 -0.88
CA VAL G 125 20.27 -29.47 0.12
C VAL G 125 21.60 -28.90 0.57
N SER G 126 21.92 -29.07 1.86
CA SER G 126 23.22 -28.63 2.37
C SER G 126 24.25 -29.76 2.27
N SER G 127 23.95 -30.91 2.86
CA SER G 127 24.85 -32.07 2.85
C SER G 127 24.19 -33.18 2.03
N PHE G 128 24.91 -33.64 1.01
CA PHE G 128 24.38 -34.60 0.04
C PHE G 128 25.39 -35.71 -0.15
N GLU G 129 25.00 -36.94 0.21
CA GLU G 129 25.92 -38.07 0.19
C GLU G 129 25.23 -39.28 -0.43
N ARG G 130 25.96 -39.99 -1.29
CA ARG G 130 25.50 -41.23 -1.90
C ARG G 130 26.29 -42.38 -1.30
N PHE G 131 25.59 -43.45 -0.91
CA PHE G 131 26.23 -44.60 -0.30
C PHE G 131 25.43 -45.86 -0.60
N GLU G 132 26.06 -47.01 -0.36
CA GLU G 132 25.45 -48.30 -0.63
C GLU G 132 24.57 -48.69 0.55
N ILE G 133 23.25 -48.62 0.35
CA ILE G 133 22.33 -49.13 1.37
C ILE G 133 22.38 -50.65 1.41
N PHE G 134 22.61 -51.30 0.28
CA PHE G 134 22.70 -52.75 0.18
C PHE G 134 23.88 -53.09 -0.72
N PRO G 135 24.89 -53.83 -0.25
CA PRO G 135 25.96 -54.27 -1.13
C PRO G 135 25.45 -55.22 -2.21
N LYS G 136 25.83 -54.96 -3.46
CA LYS G 136 25.31 -55.72 -4.59
C LYS G 136 25.81 -57.15 -4.58
N GLU G 137 27.07 -57.35 -4.20
CA GLU G 137 27.70 -58.66 -4.32
C GLU G 137 27.39 -59.60 -3.15
N SER G 138 26.80 -59.10 -2.06
CA SER G 138 26.61 -59.92 -0.87
C SER G 138 25.18 -60.01 -0.37
N SER G 139 24.33 -59.01 -0.62
CA SER G 139 22.99 -59.01 -0.04
C SER G 139 21.99 -59.84 -0.83
N TRP G 140 22.33 -60.35 -2.01
CA TRP G 140 21.25 -61.09 -2.71
C TRP G 140 21.68 -62.53 -3.01
N PRO G 141 21.68 -63.43 -2.02
CA PRO G 141 22.17 -64.78 -2.21
C PRO G 141 21.37 -65.62 -3.21
N ASN G 142 20.05 -65.56 -3.16
CA ASN G 142 19.24 -66.47 -4.01
C ASN G 142 18.62 -65.73 -5.20
N HIS G 143 19.04 -64.50 -5.47
CA HIS G 143 18.42 -63.70 -6.56
C HIS G 143 19.48 -63.37 -7.61
N THR G 144 19.16 -63.51 -8.90
CA THR G 144 20.17 -63.33 -9.96
C THR G 144 20.83 -61.95 -9.90
N THR G 145 20.02 -60.88 -9.88
CA THR G 145 20.54 -59.48 -9.84
C THR G 145 21.28 -59.10 -11.12
N THR G 146 21.03 -59.77 -12.24
CA THR G 146 21.82 -59.47 -13.46
C THR G 146 20.95 -58.84 -14.55
N GLY G 147 19.68 -58.52 -14.25
CA GLY G 147 18.78 -58.04 -15.31
C GLY G 147 19.22 -56.72 -15.90
N VAL G 148 19.12 -56.58 -17.23
CA VAL G 148 19.44 -55.28 -17.91
C VAL G 148 18.53 -55.21 -19.14
N SER G 149 18.31 -54.02 -19.68
CA SER G 149 17.50 -53.94 -20.93
C SER G 149 18.14 -53.01 -21.96
N ALA G 150 17.85 -53.26 -23.24
CA ALA G 150 18.41 -52.41 -24.33
C ALA G 150 17.80 -51.02 -24.22
N SER G 151 16.63 -50.89 -23.59
CA SER G 151 16.11 -49.55 -23.42
C SER G 151 17.04 -48.69 -22.57
N CYS G 152 17.57 -49.24 -21.49
CA CYS G 152 18.50 -48.52 -20.62
C CYS G 152 19.94 -48.83 -21.00
N SER G 153 20.29 -48.48 -22.23
CA SER G 153 21.58 -48.83 -22.81
C SER G 153 22.50 -47.61 -22.82
N HIS G 154 23.71 -47.80 -22.30
CA HIS G 154 24.76 -46.79 -22.41
C HIS G 154 25.87 -47.34 -23.31
N ASN G 155 26.37 -46.50 -24.22
CA ASN G 155 27.44 -46.82 -25.17
C ASN G 155 27.07 -48.01 -26.07
N GLY G 156 25.77 -48.24 -26.28
CA GLY G 156 25.32 -49.34 -27.11
C GLY G 156 24.95 -50.59 -26.32
N GLU G 157 25.71 -50.91 -25.29
CA GLU G 157 25.47 -52.12 -24.52
C GLU G 157 24.33 -51.92 -23.53
N SER G 158 23.55 -52.98 -23.35
CA SER G 158 22.41 -52.94 -22.43
C SER G 158 22.88 -52.85 -20.98
N SER G 159 22.18 -52.03 -20.20
CA SER G 159 22.53 -51.83 -18.80
C SER G 159 21.25 -51.51 -18.03
N PHE G 160 21.41 -50.99 -16.82
CA PHE G 160 20.29 -50.63 -15.95
C PHE G 160 20.64 -49.33 -15.23
N TYR G 161 19.75 -48.91 -14.33
CA TYR G 161 20.02 -47.74 -13.50
C TYR G 161 21.16 -48.02 -12.54
N LYS G 162 21.89 -46.96 -12.19
CA LYS G 162 22.99 -47.12 -11.24
C LYS G 162 22.48 -47.24 -9.80
N ASN G 163 21.40 -46.53 -9.50
CA ASN G 163 20.91 -46.51 -8.09
C ASN G 163 19.94 -47.65 -7.79
N LEU G 164 19.50 -48.41 -8.80
CA LEU G 164 18.50 -49.48 -8.54
C LEU G 164 19.04 -50.80 -9.10
N LEU G 165 18.61 -51.94 -8.56
CA LEU G 165 19.04 -53.24 -9.15
C LEU G 165 17.82 -54.12 -9.41
N TRP G 166 17.71 -54.68 -10.61
CA TRP G 166 16.59 -55.61 -10.94
C TRP G 166 16.86 -56.94 -10.25
N LEU G 167 15.83 -57.57 -9.70
CA LEU G 167 16.01 -58.93 -9.10
C LEU G 167 15.20 -59.90 -9.96
N THR G 168 15.83 -60.97 -10.46
CA THR G 168 15.12 -62.00 -11.26
C THR G 168 15.32 -63.35 -10.60
N GLY G 169 14.46 -64.33 -10.88
CA GLY G 169 14.55 -65.64 -10.20
C GLY G 169 15.85 -66.36 -10.46
N LYS G 170 16.44 -66.95 -9.42
CA LYS G 170 17.68 -67.76 -9.56
C LYS G 170 17.38 -69.17 -9.04
N ASN G 171 17.84 -70.21 -9.75
CA ASN G 171 17.60 -71.62 -9.33
C ASN G 171 16.17 -72.01 -9.66
N GLY G 172 15.49 -71.22 -10.49
CA GLY G 172 14.12 -71.58 -10.93
C GLY G 172 13.03 -71.18 -9.94
N LEU G 173 13.41 -70.51 -8.84
CA LEU G 173 12.39 -70.01 -7.88
C LEU G 173 12.81 -68.63 -7.39
N TYR G 174 11.85 -67.77 -7.04
CA TYR G 174 12.19 -66.46 -6.44
C TYR G 174 11.83 -66.54 -4.97
N PRO G 175 12.82 -66.67 -4.05
CA PRO G 175 12.55 -66.75 -2.62
C PRO G 175 12.09 -65.42 -2.02
N ASN G 176 11.45 -65.47 -0.84
CA ASN G 176 10.93 -64.25 -0.20
C ASN G 176 12.08 -63.36 0.27
N LEU G 177 11.80 -62.07 0.47
CA LEU G 177 12.88 -61.14 0.85
C LEU G 177 12.57 -60.48 2.20
N SER G 178 13.57 -60.31 3.06
CA SER G 178 13.40 -59.59 4.32
C SER G 178 14.66 -58.73 4.52
N LYS G 179 14.60 -57.50 4.03
CA LYS G 179 15.72 -56.55 4.13
C LYS G 179 15.30 -55.38 4.99
N SER G 180 16.19 -54.98 5.91
CA SER G 180 15.92 -53.87 6.81
C SER G 180 17.13 -52.95 6.85
N TYR G 181 16.86 -51.64 6.90
CA TYR G 181 17.91 -50.63 7.03
C TYR G 181 17.53 -49.65 8.13
N ALA G 182 18.35 -49.57 9.16
CA ALA G 182 18.17 -48.60 10.23
C ALA G 182 18.92 -47.32 9.92
N ASN G 183 18.27 -46.18 10.15
CA ASN G 183 18.86 -44.88 9.85
C ASN G 183 19.84 -44.51 10.95
N ASN G 184 21.12 -44.80 10.71
CA ASN G 184 22.19 -44.42 11.62
C ASN G 184 22.96 -43.19 11.14
N LYS G 185 22.54 -42.57 10.04
CA LYS G 185 23.21 -41.39 9.52
C LYS G 185 22.81 -40.10 10.23
N GLU G 186 21.80 -40.16 11.11
CA GLU G 186 21.26 -39.02 11.85
C GLU G 186 20.73 -37.91 10.93
N LYS G 187 20.37 -38.26 9.70
CA LYS G 187 19.77 -37.34 8.74
C LYS G 187 18.62 -38.03 8.04
N GLU G 188 17.86 -37.24 7.29
CA GLU G 188 16.77 -37.81 6.49
C GLU G 188 17.37 -38.60 5.32
N VAL G 189 16.90 -39.83 5.15
CA VAL G 189 17.42 -40.74 4.12
C VAL G 189 16.32 -40.94 3.09
N LEU G 190 16.65 -40.67 1.82
CA LEU G 190 15.72 -40.84 0.72
C LEU G 190 15.99 -42.18 0.04
N VAL G 191 14.96 -43.01 -0.06
CA VAL G 191 15.06 -44.36 -0.59
C VAL G 191 14.18 -44.47 -1.83
N LEU G 192 14.72 -45.04 -2.90
CA LEU G 192 14.00 -45.23 -4.15
C LEU G 192 13.82 -46.72 -4.41
N TRP G 193 12.60 -47.11 -4.80
CA TRP G 193 12.31 -48.50 -5.14
C TRP G 193 11.23 -48.53 -6.20
N GLY G 194 11.16 -49.66 -6.91
CA GLY G 194 10.20 -49.80 -7.99
C GLY G 194 9.54 -51.16 -7.97
N VAL G 195 8.40 -51.23 -8.64
CA VAL G 195 7.61 -52.47 -8.77
C VAL G 195 7.40 -52.76 -10.24
N HIS G 196 7.71 -53.98 -10.65
CA HIS G 196 7.69 -54.35 -12.06
C HIS G 196 6.32 -54.87 -12.46
N HIS G 197 5.79 -54.33 -13.56
CA HIS G 197 4.54 -54.80 -14.17
C HIS G 197 4.83 -55.40 -15.53
N PRO G 198 4.84 -56.72 -15.67
CA PRO G 198 5.10 -57.33 -16.98
C PRO G 198 3.92 -57.14 -17.92
N PRO G 199 4.16 -57.14 -19.23
CA PRO G 199 3.03 -57.01 -20.17
C PRO G 199 2.13 -58.22 -20.20
N ASN G 200 2.70 -59.42 -20.01
CA ASN G 200 1.94 -60.65 -20.16
C ASN G 200 2.28 -61.58 -19.00
N ILE G 201 1.34 -62.49 -18.71
CA ILE G 201 1.49 -63.40 -17.58
C ILE G 201 2.60 -64.42 -17.85
N GLY G 202 2.89 -64.70 -19.13
CA GLY G 202 4.01 -65.56 -19.46
C GLY G 202 5.35 -64.96 -19.09
N ASP G 203 5.50 -63.63 -19.28
CA ASP G 203 6.70 -62.95 -18.84
C ASP G 203 6.82 -62.98 -17.33
N GLN G 204 5.68 -62.84 -16.63
CA GLN G 204 5.64 -62.96 -15.17
C GLN G 204 6.14 -64.32 -14.71
N ARG G 205 5.64 -65.39 -15.35
CA ARG G 205 6.06 -66.75 -14.99
C ARG G 205 7.52 -67.00 -15.34
N ALA G 206 8.00 -66.46 -16.47
CA ALA G 206 9.38 -66.68 -16.86
C ALA G 206 10.34 -65.92 -15.95
N LEU G 207 9.95 -64.73 -15.49
CA LEU G 207 10.85 -63.92 -14.69
C LEU G 207 10.81 -64.32 -13.22
N TYR G 208 9.65 -64.22 -12.58
CA TYR G 208 9.55 -64.35 -11.14
C TYR G 208 8.94 -65.67 -10.66
N HIS G 209 8.66 -66.60 -11.58
CA HIS G 209 8.25 -67.97 -11.30
C HIS G 209 6.93 -68.09 -10.53
N LYS G 210 6.19 -66.99 -10.37
CA LYS G 210 4.91 -67.00 -9.68
C LYS G 210 3.94 -66.11 -10.42
N GLU G 211 2.70 -66.60 -10.59
CA GLU G 211 1.69 -65.84 -11.32
C GLU G 211 1.26 -64.61 -10.53
N ASN G 212 1.17 -64.71 -9.22
CA ASN G 212 0.76 -63.62 -8.35
C ASN G 212 1.86 -63.31 -7.36
N ALA G 213 2.10 -62.02 -7.13
CA ALA G 213 3.14 -61.58 -6.20
C ALA G 213 2.66 -60.33 -5.48
N TYR G 214 3.31 -60.04 -4.36
CA TYR G 214 2.99 -58.88 -3.55
C TYR G 214 4.27 -58.17 -3.13
N VAL G 215 4.19 -56.84 -3.04
CA VAL G 215 5.30 -56.00 -2.59
C VAL G 215 4.79 -55.14 -1.44
N SER G 216 5.49 -55.21 -0.31
CA SER G 216 5.11 -54.45 0.87
C SER G 216 6.29 -53.62 1.36
N VAL G 217 6.06 -52.32 1.53
CA VAL G 217 7.05 -51.42 2.10
C VAL G 217 6.45 -50.86 3.39
N VAL G 218 7.12 -51.13 4.51
CA VAL G 218 6.60 -50.79 5.83
C VAL G 218 7.59 -49.89 6.53
N SER G 219 7.11 -48.74 7.02
CA SER G 219 7.90 -47.86 7.86
C SER G 219 7.05 -47.46 9.06
N SER G 220 7.66 -46.71 9.98
CA SER G 220 6.94 -46.27 11.16
C SER G 220 5.87 -45.25 10.81
N HIS G 221 6.13 -44.41 9.80
CA HIS G 221 5.19 -43.37 9.39
C HIS G 221 4.71 -43.53 7.96
N TYR G 222 5.14 -44.59 7.26
CA TYR G 222 4.72 -44.83 5.88
C TYR G 222 4.47 -46.32 5.71
N SER G 223 3.21 -46.69 5.47
CA SER G 223 2.82 -48.08 5.30
C SER G 223 1.97 -48.21 4.05
N ARG G 224 2.46 -49.00 3.09
CA ARG G 224 1.78 -49.20 1.83
C ARG G 224 2.01 -50.62 1.34
N LYS G 225 1.00 -51.18 0.67
CA LYS G 225 1.09 -52.50 0.06
C LYS G 225 0.86 -52.37 -1.43
N PHE G 226 1.77 -52.93 -2.22
CA PHE G 226 1.79 -52.76 -3.67
C PHE G 226 1.42 -54.07 -4.35
N THR G 227 0.55 -53.99 -5.35
CA THR G 227 0.13 -55.17 -6.09
C THR G 227 0.38 -54.94 -7.59
N PRO G 228 1.13 -55.82 -8.24
CA PRO G 228 1.40 -55.66 -9.67
C PRO G 228 0.15 -55.86 -10.51
N GLU G 229 0.12 -55.19 -11.65
CA GLU G 229 -0.98 -55.30 -12.62
C GLU G 229 -0.41 -55.76 -13.95
N ILE G 230 -0.98 -56.81 -14.52
CA ILE G 230 -0.52 -57.39 -15.77
C ILE G 230 -1.49 -56.98 -16.86
N ALA G 231 -1.00 -56.18 -17.82
CA ALA G 231 -1.82 -55.71 -18.93
C ALA G 231 -0.91 -55.35 -20.09
N LYS G 232 -1.50 -55.30 -21.28
CA LYS G 232 -0.79 -54.93 -22.50
C LYS G 232 -1.01 -53.45 -22.77
N ARG G 233 0.07 -52.69 -22.80
CA ARG G 233 0.06 -51.24 -22.94
C ARG G 233 0.91 -50.82 -24.13
N PRO G 234 0.61 -49.66 -24.75
CA PRO G 234 1.37 -49.24 -25.93
C PRO G 234 2.83 -48.94 -25.61
N LYS G 235 3.68 -49.18 -26.60
CA LYS G 235 5.12 -49.07 -26.41
C LYS G 235 5.56 -47.63 -26.21
N VAL G 236 6.38 -47.41 -25.18
CA VAL G 236 7.15 -46.20 -25.01
C VAL G 236 8.61 -46.61 -24.83
N ARG G 237 9.48 -46.07 -25.69
CA ARG G 237 10.91 -46.43 -25.75
C ARG G 237 11.10 -47.94 -25.96
N ASP G 238 10.25 -48.51 -26.82
CA ASP G 238 10.28 -49.93 -27.20
C ASP G 238 10.16 -50.82 -25.95
N GLN G 239 9.15 -50.54 -25.14
CA GLN G 239 8.88 -51.33 -23.93
C GLN G 239 7.38 -51.52 -23.77
N GLU G 240 6.93 -52.77 -23.82
CA GLU G 240 5.54 -53.06 -23.49
C GLU G 240 5.26 -52.81 -22.01
N GLY G 241 6.10 -53.31 -21.12
CA GLY G 241 5.84 -53.21 -19.70
C GLY G 241 6.26 -51.86 -19.14
N ARG G 242 5.74 -51.54 -17.97
CA ARG G 242 6.15 -50.36 -17.21
C ARG G 242 6.50 -50.76 -15.79
N ILE G 243 7.44 -50.03 -15.18
CA ILE G 243 7.69 -50.12 -13.75
C ILE G 243 7.45 -48.74 -13.15
N ASN G 244 6.95 -48.71 -11.92
CA ASN G 244 6.60 -47.46 -11.25
C ASN G 244 7.52 -47.23 -10.07
N TYR G 245 8.12 -46.04 -10.02
CA TYR G 245 9.09 -45.68 -9.01
C TYR G 245 8.41 -44.93 -7.87
N TYR G 246 8.75 -45.30 -6.64
CA TYR G 246 8.19 -44.68 -5.44
C TYR G 246 9.31 -44.31 -4.50
N TRP G 247 9.09 -43.27 -3.70
CA TRP G 247 10.09 -42.76 -2.79
C TRP G 247 9.45 -42.48 -1.43
N THR G 248 10.29 -42.49 -0.40
CA THR G 248 9.85 -42.14 0.94
C THR G 248 11.03 -41.51 1.69
N LEU G 249 10.70 -40.82 2.77
CA LEU G 249 11.70 -40.16 3.60
C LEU G 249 11.82 -40.90 4.92
N LEU G 250 13.04 -41.27 5.30
CA LEU G 250 13.30 -42.03 6.50
C LEU G 250 13.86 -41.11 7.58
N GLU G 251 13.14 -40.98 8.69
CA GLU G 251 13.59 -40.18 9.80
C GLU G 251 14.75 -40.87 10.53
N PRO G 252 15.58 -40.10 11.23
CA PRO G 252 16.59 -40.74 12.09
C PRO G 252 15.95 -41.56 13.19
N GLY G 253 16.57 -42.69 13.51
CA GLY G 253 16.00 -43.62 14.46
C GLY G 253 14.90 -44.49 13.91
N ASP G 254 14.67 -44.48 12.60
CA ASP G 254 13.63 -45.26 11.96
C ASP G 254 14.25 -46.33 11.09
N THR G 255 13.50 -47.40 10.86
CA THR G 255 13.95 -48.52 10.04
C THR G 255 12.88 -48.87 9.02
N ILE G 256 13.29 -48.95 7.75
CA ILE G 256 12.40 -49.35 6.67
C ILE G 256 12.65 -50.83 6.37
N ILE G 257 11.58 -51.57 6.13
CA ILE G 257 11.65 -53.00 5.88
C ILE G 257 10.91 -53.30 4.59
N PHE G 258 11.55 -54.06 3.70
CA PHE G 258 10.97 -54.44 2.42
C PHE G 258 10.52 -55.89 2.48
N GLU G 259 9.24 -56.12 2.15
CA GLU G 259 8.65 -57.44 2.16
C GLU G 259 8.06 -57.71 0.77
N ALA G 260 8.70 -58.62 0.02
CA ALA G 260 8.24 -58.90 -1.33
C ALA G 260 8.67 -60.31 -1.73
N ASN G 261 7.83 -60.96 -2.53
CA ASN G 261 8.12 -62.27 -3.10
C ASN G 261 8.38 -62.20 -4.60
N GLY G 262 8.64 -61.01 -5.13
CA GLY G 262 8.81 -60.83 -6.55
C GLY G 262 8.31 -59.47 -6.97
N ASN G 263 8.58 -59.14 -8.24
CA ASN G 263 8.15 -57.89 -8.86
C ASN G 263 8.66 -56.67 -8.10
N LEU G 264 9.88 -56.75 -7.58
CA LEU G 264 10.45 -55.68 -6.78
C LEU G 264 11.76 -55.22 -7.40
N ILE G 265 11.91 -53.91 -7.57
CA ILE G 265 13.17 -53.31 -7.95
C ILE G 265 13.82 -52.80 -6.66
N ALA G 266 14.75 -53.56 -6.13
CA ALA G 266 15.32 -53.26 -4.82
C ALA G 266 16.22 -52.02 -4.90
N PRO G 267 16.25 -51.23 -3.83
CA PRO G 267 17.19 -50.10 -3.78
C PRO G 267 18.62 -50.58 -3.71
N ARG G 268 19.52 -49.80 -4.29
CA ARG G 268 20.95 -50.08 -4.24
C ARG G 268 21.75 -48.94 -3.65
N TYR G 269 21.43 -47.70 -4.01
CA TYR G 269 22.07 -46.52 -3.46
C TYR G 269 21.03 -45.70 -2.71
N ALA G 270 21.37 -45.29 -1.49
CA ALA G 270 20.50 -44.44 -0.69
C ALA G 270 21.08 -43.04 -0.59
N PHE G 271 20.19 -42.06 -0.52
CA PHE G 271 20.57 -40.66 -0.52
C PHE G 271 20.36 -40.07 0.86
N ALA G 272 21.42 -39.51 1.43
CA ALA G 272 21.36 -38.83 2.71
C ALA G 272 21.36 -37.33 2.48
N LEU G 273 20.35 -36.65 2.98
CA LEU G 273 20.15 -35.23 2.73
C LEU G 273 19.82 -34.50 4.02
N SER G 274 20.18 -33.22 4.05
CA SER G 274 19.80 -32.31 5.12
C SER G 274 19.03 -31.15 4.52
N ARG G 275 18.12 -30.59 5.31
CA ARG G 275 17.25 -29.54 4.82
C ARG G 275 18.03 -28.24 4.60
N GLY G 276 17.89 -27.68 3.40
CA GLY G 276 18.62 -26.47 3.04
C GLY G 276 17.79 -25.22 3.20
N PHE G 277 17.90 -24.31 2.24
CA PHE G 277 17.21 -23.03 2.30
C PHE G 277 15.83 -23.06 1.65
N GLY G 278 15.46 -24.17 1.00
CA GLY G 278 14.17 -24.27 0.36
C GLY G 278 14.08 -23.50 -0.94
N SER G 279 14.86 -23.92 -1.94
CA SER G 279 14.89 -23.26 -3.24
C SER G 279 13.87 -23.89 -4.19
N GLY G 280 13.99 -23.54 -5.47
CA GLY G 280 13.18 -24.13 -6.51
C GLY G 280 13.97 -24.39 -7.77
N ILE G 281 13.49 -25.32 -8.60
CA ILE G 281 14.17 -25.62 -9.86
C ILE G 281 13.90 -24.52 -10.86
N ILE G 282 14.72 -24.46 -11.92
CA ILE G 282 14.59 -23.45 -12.96
C ILE G 282 14.71 -24.15 -14.31
N ASN G 283 14.09 -23.56 -15.34
CA ASN G 283 14.16 -24.07 -16.71
C ASN G 283 14.65 -22.96 -17.61
N SER G 284 15.89 -23.07 -18.07
CA SER G 284 16.49 -22.03 -18.90
C SER G 284 17.59 -22.64 -19.76
N ASN G 285 17.99 -21.90 -20.79
CA ASN G 285 19.05 -22.30 -21.69
C ASN G 285 20.27 -21.40 -21.62
N ALA G 286 20.35 -20.52 -20.61
CA ALA G 286 21.48 -19.64 -20.49
C ALA G 286 22.71 -20.41 -20.02
N PRO G 287 23.91 -20.04 -20.48
CA PRO G 287 25.11 -20.80 -20.11
C PRO G 287 25.53 -20.56 -18.66
N MET G 288 26.30 -21.51 -18.15
CA MET G 288 26.78 -21.45 -16.77
C MET G 288 27.98 -20.51 -16.66
N ASP G 289 28.09 -19.83 -15.53
CA ASP G 289 29.18 -18.87 -15.31
C ASP G 289 29.55 -18.86 -13.84
N GLU G 290 30.79 -18.44 -13.57
CA GLU G 290 31.35 -18.40 -12.22
C GLU G 290 31.10 -17.08 -11.51
N CYS G 291 30.20 -16.25 -12.05
CA CYS G 291 29.85 -14.99 -11.41
C CYS G 291 29.11 -15.24 -10.11
N ASP G 292 29.15 -14.25 -9.21
CA ASP G 292 28.43 -14.31 -7.95
C ASP G 292 27.38 -13.20 -7.91
N ALA G 293 26.13 -13.56 -7.64
CA ALA G 293 25.04 -12.60 -7.61
C ALA G 293 24.12 -12.92 -6.44
N LYS G 294 23.35 -11.90 -6.05
CA LYS G 294 22.41 -12.02 -4.93
C LYS G 294 21.01 -12.42 -5.38
N CYS G 295 20.64 -12.13 -6.62
CA CYS G 295 19.34 -12.48 -7.17
C CYS G 295 19.53 -13.25 -8.47
N GLN G 296 18.65 -14.22 -8.72
CA GLN G 296 18.74 -15.07 -9.89
C GLN G 296 17.42 -15.08 -10.64
N THR G 297 17.51 -15.09 -11.97
CA THR G 297 16.38 -15.08 -12.89
C THR G 297 16.77 -15.98 -14.05
N PRO G 298 15.82 -16.76 -14.60
CA PRO G 298 16.18 -17.68 -15.71
C PRO G 298 16.77 -17.01 -16.93
N GLN G 299 16.37 -15.78 -17.26
CA GLN G 299 17.02 -15.08 -18.37
C GLN G 299 18.44 -14.66 -18.01
N GLY G 300 18.66 -14.19 -16.79
CA GLY G 300 19.99 -13.79 -16.37
C GLY G 300 19.94 -13.14 -15.01
N ALA G 301 21.09 -13.15 -14.34
CA ALA G 301 21.18 -12.69 -12.96
C ALA G 301 20.95 -11.19 -12.85
N ILE G 302 20.44 -10.77 -11.68
CA ILE G 302 20.08 -9.34 -11.50
C ILE G 302 20.87 -8.79 -10.31
N ASN G 303 21.30 -7.53 -10.38
CA ASN G 303 21.98 -6.92 -9.20
C ASN G 303 20.87 -6.29 -8.35
N SER G 304 20.60 -6.83 -7.17
CA SER G 304 19.43 -6.34 -6.38
C SER G 304 19.78 -5.08 -5.58
N SER G 305 20.04 -3.97 -6.26
CA SER G 305 20.27 -2.70 -5.50
C SER G 305 19.04 -1.82 -5.61
N LEU G 306 18.06 -2.25 -6.41
CA LEU G 306 16.86 -1.42 -6.61
C LEU G 306 15.61 -2.18 -6.14
N PRO G 307 14.56 -1.52 -5.60
CA PRO G 307 13.41 -2.24 -5.04
C PRO G 307 12.56 -3.10 -5.98
N PHE G 308 12.27 -2.65 -7.20
CA PHE G 308 11.34 -3.43 -8.06
C PHE G 308 11.99 -3.79 -9.41
N GLN G 309 11.85 -5.05 -9.83
CA GLN G 309 12.37 -5.47 -11.15
C GLN G 309 11.19 -5.77 -12.07
N ASN G 310 11.41 -5.81 -13.38
CA ASN G 310 10.31 -6.16 -14.27
C ASN G 310 10.74 -7.08 -15.42
N VAL G 311 11.82 -7.86 -15.25
CA VAL G 311 12.29 -8.66 -16.36
C VAL G 311 11.57 -10.01 -16.42
N HIS G 312 11.11 -10.53 -15.27
CA HIS G 312 10.45 -11.83 -15.25
C HIS G 312 9.67 -11.98 -13.95
N PRO G 313 8.46 -12.54 -14.00
CA PRO G 313 7.71 -12.75 -12.74
C PRO G 313 8.31 -13.82 -11.85
N VAL G 314 9.02 -14.78 -12.41
CA VAL G 314 9.57 -15.91 -11.66
C VAL G 314 11.01 -15.61 -11.29
N THR G 315 11.31 -15.58 -9.99
CA THR G 315 12.65 -15.35 -9.49
C THR G 315 12.96 -16.37 -8.40
N ILE G 316 14.23 -16.72 -8.30
CA ILE G 316 14.72 -17.65 -7.27
C ILE G 316 15.76 -16.93 -6.44
N GLY G 317 15.59 -16.96 -5.12
CA GLY G 317 16.46 -16.26 -4.22
C GLY G 317 15.89 -14.92 -3.78
N GLU G 318 16.67 -14.23 -2.95
CA GLU G 318 16.29 -12.89 -2.51
C GLU G 318 16.37 -11.93 -3.70
N CYS G 319 15.21 -11.45 -4.13
CA CYS G 319 15.08 -10.72 -5.39
C CYS G 319 14.10 -9.57 -5.20
N PRO G 320 14.20 -8.53 -6.02
CA PRO G 320 13.19 -7.47 -6.00
C PRO G 320 11.84 -7.98 -6.46
N LYS G 321 10.78 -7.34 -5.97
CA LYS G 321 9.42 -7.72 -6.35
C LYS G 321 9.15 -7.40 -7.80
N TYR G 322 8.45 -8.31 -8.48
CA TYR G 322 8.12 -8.13 -9.89
C TYR G 322 7.03 -7.09 -10.07
N VAL G 323 7.19 -6.25 -11.10
CA VAL G 323 6.19 -5.27 -11.47
C VAL G 323 5.98 -5.32 -12.98
N ARG G 324 4.89 -4.71 -13.42
CA ARG G 324 4.53 -4.65 -14.84
C ARG G 324 4.75 -3.28 -15.44
N SER G 325 5.28 -2.33 -14.68
CA SER G 325 5.47 -0.98 -15.19
C SER G 325 6.63 -0.92 -16.17
N ALA G 326 6.45 -0.13 -17.23
CA ALA G 326 7.51 0.01 -18.22
C ALA G 326 8.69 0.81 -17.67
N LYS G 327 8.42 1.94 -17.01
CA LYS G 327 9.46 2.76 -16.44
C LYS G 327 9.01 3.27 -15.07
N LEU G 328 9.94 3.27 -14.11
CA LEU G 328 9.71 3.80 -12.77
C LEU G 328 10.93 4.64 -12.41
N ARG G 329 10.87 5.93 -12.74
CA ARG G 329 12.00 6.83 -12.54
C ARG G 329 11.64 7.87 -11.48
N MET G 330 12.53 8.06 -10.52
CA MET G 330 12.33 9.00 -9.44
C MET G 330 13.22 10.22 -9.68
N VAL G 331 12.64 11.40 -9.58
CA VAL G 331 13.39 12.63 -9.82
C VAL G 331 14.22 12.95 -8.58
N THR G 332 15.46 13.41 -8.82
CA THR G 332 16.34 13.89 -7.76
C THR G 332 16.71 15.35 -7.95
N GLY G 333 16.08 16.03 -8.90
CA GLY G 333 16.39 17.42 -9.16
C GLY G 333 15.13 18.25 -9.40
N LEU G 334 15.28 19.33 -10.17
CA LEU G 334 14.19 20.24 -10.46
C LEU G 334 13.88 20.22 -11.95
N ARG G 335 12.89 21.04 -12.35
CA ARG G 335 12.42 21.07 -13.72
C ARG G 335 13.45 21.76 -14.61
N ASN G 336 14.02 21.02 -15.56
CA ASN G 336 15.04 21.55 -16.46
C ASN G 336 14.38 22.46 -17.48
N ILE G 337 14.41 23.76 -17.24
CA ILE G 337 13.87 24.76 -18.14
C ILE G 337 15.05 25.52 -18.74
N PRO G 338 15.35 25.34 -20.03
CA PRO G 338 16.48 26.06 -20.63
C PRO G 338 16.19 27.55 -20.77
N SER G 339 17.26 28.34 -20.74
CA SER G 339 17.14 29.79 -20.84
C SER G 339 16.81 30.21 -22.27
N ALA H 7 19.31 36.72 -15.03
CA ALA H 7 18.06 36.30 -15.64
C ALA H 7 17.06 35.85 -14.58
N GLY H 8 15.77 36.07 -14.85
CA GLY H 8 14.74 35.69 -13.90
C GLY H 8 14.55 34.18 -13.90
N PHE H 9 14.22 33.62 -12.73
CA PHE H 9 13.99 32.20 -12.62
C PHE H 9 12.67 31.79 -13.28
N ILE H 10 11.71 32.71 -13.33
CA ILE H 10 10.44 32.43 -14.00
C ILE H 10 10.64 32.27 -15.50
N GLU H 11 11.45 33.16 -16.10
CA GLU H 11 11.65 33.15 -17.55
C GLU H 11 12.43 31.91 -17.98
N GLY H 12 13.46 31.54 -17.23
CA GLY H 12 14.26 30.39 -17.59
C GLY H 12 15.25 30.02 -16.51
N GLY H 13 15.83 28.84 -16.67
CA GLY H 13 16.84 28.37 -15.74
C GLY H 13 18.24 28.83 -16.11
N TRP H 14 19.21 28.55 -15.22
CA TRP H 14 20.60 29.00 -15.47
C TRP H 14 21.51 27.79 -15.70
N THR H 15 22.05 27.64 -16.91
CA THR H 15 23.03 26.56 -17.19
C THR H 15 24.33 26.82 -16.45
N GLY H 16 24.68 28.09 -16.24
CA GLY H 16 26.00 28.44 -15.65
C GLY H 16 26.27 27.92 -14.25
N MET H 17 25.28 27.85 -13.35
CA MET H 17 25.59 27.48 -11.95
C MET H 17 25.75 25.97 -11.82
N VAL H 18 26.85 25.43 -12.31
CA VAL H 18 27.11 23.98 -12.18
C VAL H 18 27.40 23.65 -10.72
N ASP H 19 27.89 24.62 -9.95
CA ASP H 19 28.31 24.35 -8.56
C ASP H 19 27.14 23.92 -7.67
N GLY H 20 26.00 24.63 -7.72
CA GLY H 20 24.88 24.32 -6.82
C GLY H 20 23.52 24.59 -7.44
N TRP H 21 22.46 23.96 -6.91
CA TRP H 21 21.08 24.15 -7.43
C TRP H 21 20.63 25.60 -7.22
N TYR H 22 20.95 26.18 -6.07
CA TYR H 22 20.50 27.56 -5.76
C TYR H 22 21.71 28.50 -5.79
N GLY H 23 21.57 29.67 -6.41
CA GLY H 23 22.68 30.66 -6.44
C GLY H 23 22.20 32.06 -6.78
N TYR H 24 23.01 33.07 -6.51
CA TYR H 24 22.67 34.48 -6.87
C TYR H 24 23.53 34.94 -8.03
N HIS H 25 22.92 35.30 -9.17
CA HIS H 25 23.73 35.89 -10.27
C HIS H 25 24.21 37.26 -9.82
N HIS H 26 25.49 37.56 -9.97
CA HIS H 26 26.00 38.81 -9.44
C HIS H 26 26.35 39.75 -10.58
N GLN H 27 25.90 40.99 -10.48
CA GLN H 27 26.08 42.02 -11.49
C GLN H 27 26.67 43.25 -10.82
N ASN H 28 27.89 43.62 -11.22
CA ASN H 28 28.55 44.78 -10.65
C ASN H 28 29.49 45.38 -11.69
N GLU H 29 30.00 46.57 -11.39
CA GLU H 29 30.78 47.32 -12.36
C GLU H 29 32.15 46.67 -12.62
N GLN H 30 32.81 46.18 -11.56
CA GLN H 30 34.15 45.63 -11.74
C GLN H 30 34.11 44.24 -12.34
N GLY H 31 32.96 43.57 -12.31
CA GLY H 31 32.85 42.23 -12.86
C GLY H 31 31.43 41.70 -12.87
N SER H 32 31.12 40.87 -13.86
CA SER H 32 29.80 40.26 -14.01
C SER H 32 29.98 38.76 -14.16
N GLY H 33 29.21 37.99 -13.40
CA GLY H 33 29.31 36.55 -13.46
C GLY H 33 28.22 35.88 -12.68
N TYR H 34 28.54 34.69 -12.17
CA TYR H 34 27.60 33.86 -11.43
C TYR H 34 28.17 33.50 -10.07
N ALA H 35 27.28 33.02 -9.19
CA ALA H 35 27.66 32.61 -7.85
C ALA H 35 26.66 31.58 -7.35
N ALA H 36 27.04 30.87 -6.29
CA ALA H 36 26.22 29.80 -5.74
C ALA H 36 25.98 30.01 -4.24
N ASP H 37 24.74 29.79 -3.82
CA ASP H 37 24.37 29.82 -2.41
C ASP H 37 24.49 28.39 -1.87
N GLN H 38 25.51 28.16 -1.05
CA GLN H 38 25.82 26.76 -0.64
C GLN H 38 24.99 26.27 0.54
N LYS H 39 24.66 27.15 1.48
CA LYS H 39 23.93 26.68 2.69
C LYS H 39 22.71 25.89 2.22
N SER H 40 21.82 26.53 1.46
CA SER H 40 20.58 25.85 1.05
C SER H 40 20.87 24.64 0.16
N THR H 41 21.78 24.77 -0.80
CA THR H 41 21.97 23.64 -1.74
C THR H 41 22.49 22.42 -0.98
N GLN H 42 23.44 22.61 -0.07
CA GLN H 42 24.03 21.42 0.61
C GLN H 42 22.92 20.74 1.41
N ASN H 43 22.09 21.53 2.09
CA ASN H 43 21.07 20.90 2.95
C ASN H 43 20.15 20.07 2.06
N ALA H 44 19.74 20.62 0.93
CA ALA H 44 18.80 19.89 0.05
C ALA H 44 19.45 18.62 -0.49
N ILE H 45 20.71 18.69 -0.94
CA ILE H 45 21.31 17.49 -1.58
C ILE H 45 21.39 16.37 -0.55
N ASN H 46 21.84 16.68 0.66
CA ASN H 46 22.02 15.62 1.68
C ASN H 46 20.64 15.04 1.95
N CYS H 47 19.64 15.92 2.04
CA CYS H 47 18.26 15.51 2.40
C CYS H 47 17.61 14.66 1.29
N ILE H 48 17.69 15.10 0.04
CA ILE H 48 17.01 14.35 -1.06
C ILE H 48 17.56 12.93 -1.00
N THR H 49 18.81 12.82 -0.56
CA THR H 49 19.44 11.47 -0.50
C THR H 49 18.60 10.62 0.44
N ASN H 50 18.13 11.21 1.55
CA ASN H 50 17.38 10.40 2.53
C ASN H 50 16.13 9.85 1.85
N LYS H 51 15.44 10.67 1.05
CA LYS H 51 14.18 10.17 0.45
C LYS H 51 14.51 8.98 -0.44
N VAL H 52 15.52 9.13 -1.30
CA VAL H 52 15.85 8.05 -2.26
C VAL H 52 16.27 6.83 -1.45
N ASN H 53 17.07 7.05 -0.41
CA ASN H 53 17.54 5.93 0.44
C ASN H 53 16.32 5.29 1.11
N SER H 54 15.36 6.09 1.57
CA SER H 54 14.22 5.50 2.32
C SER H 54 13.46 4.55 1.40
N VAL H 55 13.25 4.93 0.15
CA VAL H 55 12.45 4.08 -0.77
C VAL H 55 13.23 2.80 -1.07
N ILE H 56 14.57 2.87 -1.12
CA ILE H 56 15.35 1.67 -1.53
C ILE H 56 15.84 0.87 -0.31
N GLU H 57 16.20 1.52 0.80
CA GLU H 57 16.66 0.80 2.02
C GLU H 57 15.54 0.06 2.75
N LYS H 58 14.36 0.67 2.89
CA LYS H 58 13.30 0.02 3.70
C LYS H 58 12.99 -1.32 3.04
N MET H 59 13.03 -1.34 1.71
CA MET H 59 12.75 -2.60 0.97
C MET H 59 13.65 -3.73 1.49
N ASN H 60 13.04 -4.75 2.08
CA ASN H 60 13.72 -5.95 2.57
C ASN H 60 13.30 -7.15 1.74
N THR H 61 14.25 -8.00 1.39
CA THR H 61 14.01 -9.20 0.60
C THR H 61 14.53 -10.43 1.34
N GLN H 62 13.88 -11.56 1.10
CA GLN H 62 14.25 -12.82 1.72
C GLN H 62 14.32 -13.92 0.67
N PHE H 63 14.96 -15.03 1.03
CA PHE H 63 15.14 -16.13 0.11
C PHE H 63 13.82 -16.82 -0.15
N THR H 64 13.22 -16.55 -1.32
CA THR H 64 11.92 -17.11 -1.66
C THR H 64 12.01 -17.78 -3.02
N ALA H 65 11.20 -18.81 -3.20
CA ALA H 65 11.09 -19.55 -4.46
C ALA H 65 9.64 -19.47 -4.93
N VAL H 66 9.36 -18.52 -5.82
CA VAL H 66 7.98 -18.30 -6.24
C VAL H 66 7.55 -19.37 -7.26
N GLY H 67 8.51 -20.07 -7.84
CA GLY H 67 8.18 -21.10 -8.82
C GLY H 67 7.63 -22.34 -8.15
N LYS H 68 6.41 -22.73 -8.53
CA LYS H 68 5.75 -23.91 -8.00
C LYS H 68 5.25 -24.77 -9.15
N GLU H 69 5.43 -26.09 -9.02
CA GLU H 69 5.04 -27.03 -10.05
C GLU H 69 3.90 -27.91 -9.54
N PHE H 70 2.78 -27.94 -10.26
CA PHE H 70 1.60 -28.71 -9.77
C PHE H 70 1.12 -29.69 -10.85
N ASN H 71 0.68 -30.88 -10.44
CA ASN H 71 0.22 -31.91 -11.41
C ASN H 71 -1.21 -31.63 -11.87
N LYS H 72 -1.71 -32.38 -12.86
CA LYS H 72 -3.06 -32.10 -13.46
C LYS H 72 -4.18 -32.33 -12.44
N LEU H 73 -3.95 -33.16 -11.42
CA LEU H 73 -5.02 -33.49 -10.46
C LEU H 73 -4.90 -32.58 -9.22
N GLU H 74 -4.03 -31.58 -9.27
CA GLU H 74 -3.88 -30.61 -8.15
C GLU H 74 -4.26 -29.23 -8.66
N ARG H 75 -5.15 -29.14 -9.65
CA ARG H 75 -5.46 -27.84 -10.29
C ARG H 75 -5.98 -26.85 -9.26
N ARG H 76 -6.78 -27.28 -8.28
CA ARG H 76 -7.36 -26.28 -7.36
C ARG H 76 -6.21 -25.54 -6.66
N MET H 77 -5.19 -26.28 -6.23
CA MET H 77 -4.03 -25.64 -5.55
C MET H 77 -3.35 -24.69 -6.54
N GLU H 78 -3.20 -25.10 -7.79
CA GLU H 78 -2.44 -24.26 -8.74
C GLU H 78 -3.15 -22.92 -8.88
N ASN H 79 -4.48 -22.95 -8.98
CA ASN H 79 -5.23 -21.68 -9.18
C ASN H 79 -4.90 -20.78 -8.00
N LEU H 80 -4.84 -21.34 -6.80
CA LEU H 80 -4.56 -20.56 -5.59
C LEU H 80 -3.22 -19.85 -5.69
N ASN H 81 -2.20 -20.53 -6.22
CA ASN H 81 -0.88 -19.91 -6.38
C ASN H 81 -0.92 -18.78 -7.39
N LYS H 82 -1.66 -18.95 -8.49
CA LYS H 82 -1.83 -17.89 -9.47
C LYS H 82 -2.55 -16.69 -8.86
N LYS H 83 -3.60 -16.93 -8.06
CA LYS H 83 -4.28 -15.83 -7.39
C LYS H 83 -3.34 -15.10 -6.45
N VAL H 84 -2.55 -15.85 -5.68
CA VAL H 84 -1.66 -15.25 -4.68
C VAL H 84 -0.60 -14.36 -5.34
N ASP H 85 0.11 -14.90 -6.33
CA ASP H 85 1.21 -14.11 -6.88
C ASP H 85 0.69 -13.00 -7.81
N ASP H 86 -0.45 -13.21 -8.47
CA ASP H 86 -1.06 -12.14 -9.25
C ASP H 86 -1.50 -11.00 -8.37
N GLY H 87 -2.12 -11.30 -7.22
CA GLY H 87 -2.49 -10.24 -6.29
C GLY H 87 -1.29 -9.53 -5.71
N PHE H 88 -0.23 -10.28 -5.41
CA PHE H 88 1.00 -9.66 -4.90
C PHE H 88 1.60 -8.69 -5.90
N ILE H 89 1.73 -9.11 -7.17
CA ILE H 89 2.36 -8.22 -8.14
C ILE H 89 1.45 -7.05 -8.48
N ASP H 90 0.13 -7.23 -8.41
CA ASP H 90 -0.78 -6.12 -8.68
C ASP H 90 -0.71 -5.06 -7.59
N ILE H 91 -0.74 -5.49 -6.32
CA ILE H 91 -0.62 -4.55 -5.21
C ILE H 91 0.73 -3.85 -5.26
N TRP H 92 1.80 -4.60 -5.59
CA TRP H 92 3.12 -3.99 -5.67
C TRP H 92 3.21 -2.96 -6.78
N THR H 93 2.58 -3.26 -7.93
CA THR H 93 2.60 -2.30 -9.07
C THR H 93 1.81 -1.04 -8.69
N TYR H 94 0.55 -1.21 -8.29
CA TYR H 94 -0.29 -0.01 -8.04
C TYR H 94 0.34 0.81 -6.91
N ASN H 95 0.76 0.15 -5.85
CA ASN H 95 1.29 0.93 -4.70
C ASN H 95 2.55 1.66 -5.16
N ALA H 96 3.44 0.95 -5.86
CA ALA H 96 4.73 1.59 -6.24
C ALA H 96 4.47 2.72 -7.24
N GLU H 97 3.61 2.49 -8.22
CA GLU H 97 3.44 3.53 -9.26
C GLU H 97 2.88 4.79 -8.59
N LEU H 98 1.89 4.62 -7.71
CA LEU H 98 1.30 5.80 -7.02
C LEU H 98 2.37 6.43 -6.12
N LEU H 99 3.17 5.61 -5.43
CA LEU H 99 4.17 6.18 -4.49
C LEU H 99 5.17 7.01 -5.29
N VAL H 100 5.63 6.48 -6.42
CA VAL H 100 6.65 7.22 -7.22
C VAL H 100 6.02 8.53 -7.69
N LEU H 101 4.77 8.46 -8.18
CA LEU H 101 4.14 9.68 -8.73
C LEU H 101 3.98 10.72 -7.62
N LEU H 102 3.48 10.31 -6.47
CA LEU H 102 3.23 11.30 -5.37
C LEU H 102 4.58 11.89 -4.95
N GLU H 103 5.59 11.04 -4.79
CA GLU H 103 6.91 11.52 -4.31
C GLU H 103 7.47 12.52 -5.32
N ASN H 104 7.32 12.23 -6.61
CA ASN H 104 7.94 13.12 -7.63
C ASN H 104 7.30 14.50 -7.50
N GLU H 105 5.98 14.56 -7.35
CA GLU H 105 5.30 15.88 -7.30
C GLU H 105 5.81 16.63 -6.06
N ARG H 106 5.90 15.95 -4.93
CA ARG H 106 6.36 16.62 -3.68
C ARG H 106 7.80 17.10 -3.88
N THR H 107 8.65 16.29 -4.51
CA THR H 107 10.08 16.67 -4.64
C THR H 107 10.17 17.96 -5.45
N LEU H 108 9.42 18.04 -6.55
CA LEU H 108 9.45 19.26 -7.38
C LEU H 108 8.91 20.43 -6.54
N ASP H 109 7.85 20.19 -5.79
CA ASP H 109 7.27 21.26 -4.93
C ASP H 109 8.25 21.65 -3.83
N PHE H 110 8.92 20.67 -3.21
CA PHE H 110 9.91 20.97 -2.14
C PHE H 110 10.91 21.94 -2.73
N HIS H 111 11.33 21.68 -3.97
CA HIS H 111 12.27 22.57 -4.64
C HIS H 111 11.67 23.96 -4.84
N ASP H 112 10.40 24.03 -5.25
CA ASP H 112 9.76 25.34 -5.44
C ASP H 112 9.62 26.07 -4.10
N SER H 113 9.33 25.34 -3.03
CA SER H 113 9.25 25.95 -1.70
C SER H 113 10.61 26.48 -1.26
N ASN H 114 11.69 25.76 -1.56
CA ASN H 114 13.03 26.26 -1.25
C ASN H 114 13.35 27.53 -2.01
N VAL H 115 12.98 27.57 -3.30
CA VAL H 115 13.21 28.78 -4.10
C VAL H 115 12.45 29.97 -3.52
N LYS H 116 11.18 29.74 -3.15
CA LYS H 116 10.38 30.82 -2.56
C LYS H 116 10.94 31.25 -1.20
N ASN H 117 11.44 30.30 -0.42
CA ASN H 117 12.01 30.63 0.89
C ASN H 117 13.28 31.45 0.74
N LEU H 118 14.13 31.10 -0.22
CA LEU H 118 15.34 31.90 -0.46
C LEU H 118 14.98 33.29 -0.99
N TYR H 119 13.95 33.37 -1.83
CA TYR H 119 13.45 34.65 -2.31
C TYR H 119 12.99 35.53 -1.16
N GLU H 120 12.20 34.96 -0.23
CA GLU H 120 11.74 35.73 0.91
C GLU H 120 12.87 36.08 1.86
N LYS H 121 13.88 35.21 1.97
CA LYS H 121 15.03 35.50 2.83
C LYS H 121 15.84 36.68 2.31
N VAL H 122 16.15 36.68 1.01
CA VAL H 122 16.92 37.79 0.45
C VAL H 122 16.07 39.05 0.43
N LYS H 123 14.74 38.92 0.32
CA LYS H 123 13.88 40.10 0.38
C LYS H 123 13.82 40.66 1.80
N SER H 124 13.80 39.81 2.82
CA SER H 124 13.83 40.30 4.19
C SER H 124 15.17 40.92 4.52
N GLN H 125 16.25 40.41 3.90
CA GLN H 125 17.55 41.07 4.00
C GLN H 125 17.53 42.44 3.33
N LEU H 126 16.85 42.56 2.19
CA LEU H 126 16.92 43.76 1.36
C LEU H 126 15.55 44.44 1.21
N LYS H 127 14.80 44.52 2.31
CA LYS H 127 13.38 44.98 2.43
C LYS H 127 13.06 46.18 1.53
N ASN H 128 13.80 47.27 1.57
CA ASN H 128 13.47 48.39 0.69
C ASN H 128 14.70 49.10 0.12
N ASN H 129 15.91 48.57 0.34
CA ASN H 129 17.09 49.22 -0.23
C ASN H 129 17.18 48.97 -1.73
N ALA H 130 16.50 47.95 -2.24
CA ALA H 130 16.45 47.65 -3.66
C ALA H 130 15.00 47.38 -4.08
N LYS H 131 14.68 47.77 -5.31
CA LYS H 131 13.34 47.57 -5.83
C LYS H 131 13.20 46.16 -6.41
N GLU H 132 11.95 45.75 -6.59
CA GLU H 132 11.63 44.44 -7.16
C GLU H 132 11.04 44.64 -8.56
N ILE H 133 11.68 44.04 -9.56
CA ILE H 133 11.19 44.15 -10.92
C ILE H 133 10.07 43.15 -11.18
N GLY H 134 9.95 42.15 -10.30
CA GLY H 134 8.95 41.11 -10.45
C GLY H 134 9.43 39.86 -11.17
N ASN H 135 10.55 39.93 -11.89
CA ASN H 135 11.12 38.78 -12.56
C ASN H 135 12.00 37.94 -11.64
N GLY H 136 12.41 38.48 -10.49
CA GLY H 136 13.28 37.74 -9.58
C GLY H 136 14.62 38.40 -9.37
N CYS H 137 14.73 39.69 -9.70
CA CYS H 137 15.97 40.43 -9.50
C CYS H 137 15.70 41.70 -8.71
N PHE H 138 16.74 42.17 -8.02
CA PHE H 138 16.68 43.36 -7.17
C PHE H 138 17.69 44.39 -7.70
N GLU H 139 17.18 45.42 -8.35
CA GLU H 139 18.03 46.55 -8.74
C GLU H 139 18.27 47.46 -7.54
N PHE H 140 19.52 47.64 -7.17
CA PHE H 140 19.90 48.51 -6.07
C PHE H 140 19.65 49.97 -6.43
N TYR H 141 18.99 50.72 -5.53
CA TYR H 141 19.07 52.17 -5.62
C TYR H 141 20.47 52.66 -5.27
N HIS H 142 21.02 52.17 -4.15
CA HIS H 142 22.33 52.59 -3.70
C HIS H 142 23.43 51.88 -4.49
N LYS H 143 24.67 52.27 -4.20
CA LYS H 143 25.81 51.63 -4.83
C LYS H 143 26.47 50.67 -3.85
N CYS H 144 26.57 49.40 -4.26
CA CYS H 144 27.11 48.34 -3.42
C CYS H 144 28.24 47.65 -4.15
N ASN H 145 29.40 47.56 -3.51
CA ASN H 145 30.53 46.87 -4.11
C ASN H 145 30.47 45.38 -3.81
N ASP H 146 31.59 44.69 -4.05
CA ASP H 146 31.62 43.24 -3.89
C ASP H 146 31.50 42.85 -2.42
N GLU H 147 32.00 43.71 -1.53
CA GLU H 147 32.01 43.37 -0.09
C GLU H 147 30.59 43.32 0.48
N CYS H 148 29.81 44.39 0.27
CA CYS H 148 28.46 44.43 0.85
C CYS H 148 27.53 43.45 0.14
N MET H 149 27.77 43.22 -1.14
CA MET H 149 26.90 42.31 -1.89
C MET H 149 27.21 40.86 -1.53
N GLU H 150 28.48 40.59 -1.24
CA GLU H 150 28.88 39.30 -0.67
C GLU H 150 28.31 39.14 0.74
N SER H 151 28.22 40.24 1.48
CA SER H 151 27.58 40.19 2.79
C SER H 151 26.08 39.89 2.67
N VAL H 152 25.47 40.36 1.59
CA VAL H 152 24.09 39.96 1.26
C VAL H 152 24.04 38.46 1.01
N LYS H 153 25.01 37.93 0.26
CA LYS H 153 25.13 36.48 0.12
C LYS H 153 25.45 35.83 1.47
N ASN H 154 26.29 36.48 2.28
CA ASN H 154 26.61 35.99 3.61
C ASN H 154 25.40 36.04 4.55
N GLY H 155 24.47 36.96 4.29
CA GLY H 155 23.36 37.19 5.19
C GLY H 155 23.67 38.18 6.31
N THR H 156 24.88 38.73 6.34
CA THR H 156 25.29 39.69 7.36
C THR H 156 25.20 41.13 6.85
N TYR H 157 24.36 41.40 5.86
CA TYR H 157 24.22 42.75 5.32
C TYR H 157 23.53 43.65 6.35
N ASP H 158 24.02 44.88 6.45
CA ASP H 158 23.49 45.86 7.39
C ASP H 158 22.75 46.95 6.63
N TYR H 159 21.51 47.20 7.02
CA TYR H 159 20.64 48.21 6.43
C TYR H 159 21.06 49.67 6.62
N PRO H 160 21.39 50.16 7.84
CA PRO H 160 21.51 51.62 8.00
C PRO H 160 22.71 52.24 7.29
N LYS H 161 23.72 51.45 6.92
CA LYS H 161 24.87 52.01 6.22
C LYS H 161 24.49 52.52 4.84
N TYR H 162 23.69 51.75 4.10
CA TYR H 162 23.27 52.13 2.76
C TYR H 162 21.87 52.72 2.73
N SER H 163 21.29 53.04 3.89
CA SER H 163 19.93 53.58 3.91
C SER H 163 19.88 55.01 3.38
N GLU H 164 20.89 55.82 3.70
CA GLU H 164 20.87 57.22 3.29
C GLU H 164 21.06 57.37 1.78
N GLU H 165 21.97 56.56 1.21
CA GLU H 165 22.17 56.59 -0.24
C GLU H 165 20.92 56.13 -0.98
N SER H 166 20.27 55.08 -0.48
CA SER H 166 19.03 54.61 -1.08
C SER H 166 17.93 55.66 -0.97
N LYS H 167 17.86 56.37 0.17
CA LYS H 167 16.86 57.41 0.37
C LYS H 167 17.08 58.58 -0.59
N LEU H 168 18.35 58.98 -0.77
CA LEU H 168 18.64 60.08 -1.69
C LEU H 168 18.41 59.66 -3.14
N ASN H 169 18.61 58.38 -3.45
CA ASN H 169 18.30 57.89 -4.78
C ASN H 169 16.79 57.83 -5.02
N ARG H 170 16.02 57.55 -3.96
CA ARG H 170 14.57 57.68 -4.06
C ARG H 170 14.17 59.13 -4.31
N GLU H 171 14.84 60.06 -3.63
CA GLU H 171 14.56 61.48 -3.83
C GLU H 171 14.89 61.93 -5.25
N LYS H 172 15.98 61.39 -5.83
CA LYS H 172 16.33 61.73 -7.20
C LYS H 172 15.29 61.20 -8.19
N ILE H 173 14.79 60.00 -7.97
CA ILE H 173 13.79 59.42 -8.86
C ILE H 173 12.39 59.62 -8.28
N ASP I 1 -3.88 37.56 -30.01
CA ASP I 1 -4.79 36.69 -30.74
C ASP I 1 -4.06 35.45 -31.25
N ILE I 2 -4.57 34.27 -30.88
CA ILE I 2 -4.01 33.03 -31.37
C ILE I 2 -4.37 32.85 -32.84
N GLN I 3 -3.51 32.15 -33.58
CA GLN I 3 -3.70 31.92 -35.01
C GLN I 3 -4.12 30.48 -35.24
N MET I 4 -5.23 30.30 -35.98
CA MET I 4 -5.72 28.98 -36.38
C MET I 4 -5.46 28.78 -37.87
N THR I 5 -4.79 27.68 -38.21
CA THR I 5 -4.60 27.26 -39.59
C THR I 5 -5.09 25.84 -39.75
N GLN I 6 -5.88 25.59 -40.79
CA GLN I 6 -6.45 24.28 -41.04
C GLN I 6 -5.99 23.79 -42.41
N SER I 7 -5.43 22.58 -42.44
CA SER I 7 -4.92 21.98 -43.67
C SER I 7 -5.42 20.54 -43.77
N PRO I 8 -5.75 20.07 -44.99
CA PRO I 8 -5.76 20.79 -46.28
C PRO I 8 -7.00 21.65 -46.45
N SER I 9 -7.01 22.46 -47.53
CA SER I 9 -8.17 23.31 -47.80
C SER I 9 -9.38 22.47 -48.17
N SER I 10 -9.19 21.45 -49.00
CA SER I 10 -10.28 20.57 -49.40
C SER I 10 -9.72 19.19 -49.71
N LEU I 11 -10.58 18.18 -49.66
CA LEU I 11 -10.19 16.81 -49.93
C LEU I 11 -11.42 16.05 -50.42
N SER I 12 -11.18 15.05 -51.27
CA SER I 12 -12.23 14.21 -51.82
C SER I 12 -12.02 12.77 -51.35
N ALA I 13 -13.08 12.14 -50.87
CA ALA I 13 -12.99 10.77 -50.39
C ALA I 13 -14.30 10.05 -50.67
N SER I 14 -14.23 8.73 -50.69
CA SER I 14 -15.39 7.89 -50.98
C SER I 14 -15.92 7.28 -49.68
N VAL I 15 -16.94 6.45 -49.82
CA VAL I 15 -17.59 5.80 -48.68
C VAL I 15 -16.70 4.67 -48.18
N GLY I 16 -16.47 4.63 -46.87
CA GLY I 16 -15.67 3.59 -46.26
C GLY I 16 -14.19 3.89 -46.15
N ASP I 17 -13.74 5.05 -46.65
CA ASP I 17 -12.33 5.39 -46.58
C ASP I 17 -11.95 5.90 -45.19
N THR I 18 -10.66 6.12 -44.99
CA THR I 18 -10.16 6.74 -43.77
C THR I 18 -9.45 8.04 -44.13
N VAL I 19 -9.79 9.12 -43.44
CA VAL I 19 -9.20 10.43 -43.66
C VAL I 19 -8.77 11.01 -42.32
N THR I 20 -7.67 11.74 -42.32
CA THR I 20 -7.20 12.48 -41.15
C THR I 20 -7.20 13.96 -41.48
N ILE I 21 -7.97 14.73 -40.72
CA ILE I 21 -8.07 16.18 -40.89
C ILE I 21 -7.33 16.84 -39.74
N THR I 22 -6.56 17.89 -40.07
CA THR I 22 -5.67 18.54 -39.12
C THR I 22 -6.01 20.01 -39.00
N CYS I 23 -6.05 20.51 -37.77
CA CYS I 23 -6.04 21.93 -37.48
C CYS I 23 -4.78 22.23 -36.68
N ARG I 24 -4.15 23.38 -36.95
CA ARG I 24 -2.87 23.72 -36.36
C ARG I 24 -2.99 25.01 -35.58
N ALA I 25 -2.30 25.08 -34.44
CA ALA I 25 -2.31 26.25 -33.58
C ALA I 25 -0.91 26.84 -33.52
N SER I 26 -0.83 28.16 -33.72
CA SER I 26 0.46 28.85 -33.60
C SER I 26 0.96 28.85 -32.16
N GLN I 27 0.05 29.04 -31.20
CA GLN I 27 0.40 29.01 -29.79
C GLN I 27 0.00 27.64 -29.23
N SER I 28 0.83 27.12 -28.32
CA SER I 28 0.63 25.76 -27.83
C SER I 28 -0.57 25.69 -26.90
N ILE I 29 -1.55 24.87 -27.27
CA ILE I 29 -2.72 24.59 -26.45
C ILE I 29 -2.65 23.12 -26.05
N SER I 30 -2.75 22.84 -24.76
CA SER I 30 -2.41 21.52 -24.24
C SER I 30 -3.34 20.40 -24.74
N SER I 31 -4.59 20.39 -24.29
CA SER I 31 -5.53 19.35 -24.72
C SER I 31 -6.94 19.93 -24.86
N TRP I 32 -7.01 21.20 -25.28
CA TRP I 32 -8.33 21.91 -25.29
C TRP I 32 -8.73 22.47 -26.66
N LEU I 33 -9.45 21.70 -27.48
CA LEU I 33 -9.98 22.17 -28.74
C LEU I 33 -11.42 21.68 -28.91
N ALA I 34 -12.12 22.28 -29.87
CA ALA I 34 -13.46 21.88 -30.23
C ALA I 34 -13.54 21.64 -31.73
N TRP I 35 -14.26 20.59 -32.12
CA TRP I 35 -14.45 20.24 -33.52
C TRP I 35 -15.94 20.24 -33.84
N TYR I 36 -16.35 21.06 -34.80
CA TYR I 36 -17.73 21.08 -35.27
C TYR I 36 -17.80 20.79 -36.76
N GLN I 37 -18.89 20.15 -37.17
CA GLN I 37 -19.22 19.96 -38.58
C GLN I 37 -20.50 20.75 -38.87
N GLN I 38 -20.57 21.33 -40.06
CA GLN I 38 -21.67 22.22 -40.43
C GLN I 38 -22.23 21.80 -41.77
N LYS I 39 -23.52 21.46 -41.78
CA LYS I 39 -24.21 21.22 -43.05
C LYS I 39 -24.45 22.54 -43.77
N PRO I 40 -24.56 22.53 -45.10
CA PRO I 40 -24.83 23.78 -45.81
C PRO I 40 -26.23 24.32 -45.48
N GLY I 41 -26.25 25.50 -44.87
CA GLY I 41 -27.50 26.12 -44.46
C GLY I 41 -28.02 25.68 -43.12
N LYS I 42 -27.30 24.84 -42.39
CA LYS I 42 -27.74 24.32 -41.10
C LYS I 42 -26.75 24.70 -40.02
N ALA I 43 -27.20 24.57 -38.77
CA ALA I 43 -26.36 24.93 -37.63
C ALA I 43 -25.28 23.88 -37.41
N PRO I 44 -24.09 24.29 -36.98
CA PRO I 44 -23.06 23.30 -36.64
C PRO I 44 -23.37 22.58 -35.32
N ASN I 45 -23.00 21.30 -35.28
CA ASN I 45 -23.17 20.48 -34.10
C ASN I 45 -21.80 20.20 -33.47
N LEU I 46 -21.81 19.69 -32.25
CA LEU I 46 -20.60 19.48 -31.47
C LEU I 46 -20.17 18.02 -31.58
N LEU I 47 -18.93 17.79 -32.00
CA LEU I 47 -18.39 16.45 -32.18
C LEU I 47 -17.47 16.04 -31.05
N ILE I 48 -16.37 16.77 -30.85
CA ILE I 48 -15.31 16.42 -29.91
C ILE I 48 -15.02 17.62 -29.03
N TYR I 49 -15.02 17.41 -27.72
CA TYR I 49 -14.61 18.42 -26.76
C TYR I 49 -13.37 17.90 -26.04
N ARG I 50 -12.45 18.80 -25.66
CA ARG I 50 -11.18 18.42 -24.96
C ARG I 50 -10.26 17.59 -25.86
N ALA I 51 -10.53 17.55 -27.16
CA ALA I 51 -9.71 16.91 -28.17
C ALA I 51 -9.52 15.40 -27.99
N SER I 52 -10.09 14.80 -26.94
CA SER I 52 -9.95 13.37 -26.71
C SER I 52 -11.23 12.67 -26.29
N THR I 53 -12.30 13.40 -26.03
CA THR I 53 -13.54 12.83 -25.52
C THR I 53 -14.65 12.98 -26.56
N LEU I 54 -15.59 12.05 -26.53
CA LEU I 54 -16.64 11.95 -27.53
C LEU I 54 -17.95 12.47 -26.93
N GLN I 55 -18.61 13.35 -27.66
CA GLN I 55 -19.91 13.88 -27.22
C GLN I 55 -20.98 12.80 -27.36
N SER I 56 -21.88 12.73 -26.38
CA SER I 56 -23.01 11.82 -26.44
C SER I 56 -23.94 12.21 -27.58
N GLY I 57 -24.51 11.21 -28.24
CA GLY I 57 -25.31 11.42 -29.42
C GLY I 57 -24.51 11.51 -30.71
N VAL I 58 -23.21 11.32 -30.66
CA VAL I 58 -22.33 11.37 -31.82
C VAL I 58 -21.79 9.95 -32.03
N PRO I 59 -21.79 9.44 -33.28
CA PRO I 59 -21.32 8.07 -33.51
C PRO I 59 -19.85 7.90 -33.18
N SER I 60 -19.47 6.66 -32.85
CA SER I 60 -18.14 6.32 -32.39
C SER I 60 -17.10 6.27 -33.51
N ARG I 61 -17.47 6.62 -34.74
CA ARG I 61 -16.49 6.67 -35.82
C ARG I 61 -15.57 7.88 -35.70
N PHE I 62 -15.93 8.85 -34.85
CA PHE I 62 -15.15 10.07 -34.71
C PHE I 62 -14.13 9.92 -33.60
N SER I 63 -12.89 10.26 -33.90
CA SER I 63 -11.80 10.18 -32.94
C SER I 63 -10.91 11.41 -33.07
N GLY I 64 -10.48 11.92 -31.93
CA GLY I 64 -9.59 13.07 -31.88
C GLY I 64 -8.30 12.72 -31.13
N SER I 65 -7.20 13.33 -31.56
CA SER I 65 -5.91 13.05 -30.96
C SER I 65 -4.98 14.23 -31.20
N GLY I 66 -3.86 14.23 -30.48
CA GLY I 66 -2.84 15.24 -30.62
C GLY I 66 -2.58 15.98 -29.31
N SER I 67 -1.48 16.73 -29.32
CA SER I 67 -1.09 17.55 -28.19
C SER I 67 -0.16 18.64 -28.68
N GLY I 68 -0.05 19.71 -27.89
CA GLY I 68 0.86 20.78 -28.24
C GLY I 68 0.31 21.68 -29.33
N THR I 69 1.01 21.73 -30.46
CA THR I 69 0.60 22.62 -31.53
C THR I 69 -0.23 21.88 -32.58
N ASP I 70 0.04 20.59 -32.78
CA ASP I 70 -0.57 19.82 -33.84
C ASP I 70 -1.63 18.87 -33.29
N PHE I 71 -2.82 18.91 -33.87
CA PHE I 71 -3.92 18.03 -33.49
C PHE I 71 -4.55 17.45 -34.75
N THR I 72 -5.07 16.23 -34.63
CA THR I 72 -5.67 15.54 -35.75
C THR I 72 -7.03 14.96 -35.33
N LEU I 73 -7.93 14.89 -36.30
CA LEU I 73 -9.18 14.15 -36.15
C LEU I 73 -9.19 13.07 -37.23
N THR I 74 -9.52 11.85 -36.85
CA THR I 74 -9.45 10.69 -37.74
C THR I 74 -10.84 10.11 -37.91
N ILE I 75 -11.27 9.95 -39.16
CA ILE I 75 -12.53 9.28 -39.46
C ILE I 75 -12.22 7.81 -39.71
N SER I 76 -12.88 6.92 -38.95
CA SER I 76 -12.66 5.49 -39.13
C SER I 76 -13.23 5.01 -40.46
N SER I 77 -14.42 5.51 -40.81
CA SER I 77 -15.06 5.12 -42.10
C SER I 77 -16.00 6.24 -42.53
N LEU I 78 -15.75 6.84 -43.69
CA LEU I 78 -16.60 7.98 -44.13
C LEU I 78 -18.03 7.48 -44.36
N GLN I 79 -19.02 8.28 -43.98
CA GLN I 79 -20.44 7.92 -44.25
C GLN I 79 -21.05 9.13 -44.96
N SER I 80 -22.18 8.97 -45.63
CA SER I 80 -22.74 10.08 -46.44
C SER I 80 -23.00 11.29 -45.55
N GLU I 81 -23.49 11.07 -44.33
CA GLU I 81 -23.84 12.20 -43.42
C GLU I 81 -22.61 13.02 -43.03
N ASP I 82 -21.41 12.46 -43.09
CA ASP I 82 -20.21 13.18 -42.58
C ASP I 82 -19.52 14.02 -43.65
N PHE I 83 -20.11 14.15 -44.84
CA PHE I 83 -19.40 14.85 -45.94
C PHE I 83 -19.31 16.37 -45.76
N ALA I 84 -19.98 16.95 -44.77
CA ALA I 84 -20.02 18.43 -44.63
C ALA I 84 -18.73 19.06 -44.11
N THR I 85 -18.65 20.39 -44.14
CA THR I 85 -17.45 21.15 -43.70
C THR I 85 -17.14 20.93 -42.22
N TYR I 86 -15.86 20.90 -41.85
CA TYR I 86 -15.45 20.75 -40.43
C TYR I 86 -14.73 22.01 -39.94
N PHE I 87 -14.88 22.36 -38.65
CA PHE I 87 -14.26 23.57 -38.07
C PHE I 87 -13.53 23.26 -36.76
N CYS I 88 -12.32 23.78 -36.57
CA CYS I 88 -11.51 23.60 -35.38
C CYS I 88 -11.50 24.90 -34.60
N GLN I 89 -11.60 24.81 -33.27
CA GLN I 89 -11.68 26.00 -32.43
C GLN I 89 -10.78 25.84 -31.21
N GLN I 90 -10.12 26.94 -30.84
CA GLN I 90 -9.35 27.02 -29.61
C GLN I 90 -10.18 27.71 -28.53
N SER I 91 -9.93 27.35 -27.28
CA SER I 91 -10.76 27.81 -26.17
C SER I 91 -9.97 28.22 -24.94
N THR I 92 -8.83 28.89 -25.09
CA THR I 92 -8.03 29.21 -23.91
C THR I 92 -8.12 30.68 -23.52
N SER I 93 -8.50 31.55 -24.45
CA SER I 93 -8.42 32.98 -24.17
C SER I 93 -9.33 33.75 -25.13
N SER I 94 -9.60 35.00 -24.76
CA SER I 94 -10.33 35.90 -25.63
C SER I 94 -9.35 36.73 -26.47
N PRO I 95 -9.68 37.02 -27.73
CA PRO I 95 -10.87 36.56 -28.47
C PRO I 95 -10.75 35.13 -28.97
N PHE I 96 -11.78 34.33 -28.73
CA PHE I 96 -11.77 32.94 -29.16
C PHE I 96 -11.91 32.88 -30.68
N THR I 97 -10.77 32.73 -31.35
CA THR I 97 -10.71 32.72 -32.81
C THR I 97 -11.19 31.36 -33.30
N PHE I 98 -11.89 31.36 -34.43
CA PHE I 98 -12.50 30.14 -34.94
C PHE I 98 -11.86 29.77 -36.27
N GLY I 99 -11.89 28.47 -36.60
CA GLY I 99 -11.19 27.95 -37.75
C GLY I 99 -11.75 28.40 -39.08
N PRO I 100 -10.95 28.24 -40.15
CA PRO I 100 -11.42 28.67 -41.47
C PRO I 100 -12.31 27.67 -42.17
N GLY I 101 -12.21 26.39 -41.86
CA GLY I 101 -13.11 25.42 -42.43
C GLY I 101 -12.46 24.61 -43.55
N THR I 102 -12.91 23.37 -43.70
CA THR I 102 -12.45 22.48 -44.76
C THR I 102 -13.63 21.68 -45.28
N LYS I 103 -13.82 21.70 -46.61
CA LYS I 103 -14.92 20.99 -47.25
C LYS I 103 -14.43 19.64 -47.76
N LEU I 104 -15.30 18.64 -47.62
CA LEU I 104 -15.04 17.28 -48.12
C LEU I 104 -16.02 16.97 -49.23
N ASP I 105 -15.52 16.51 -50.36
CA ASP I 105 -16.32 16.24 -51.54
C ASP I 105 -16.40 14.73 -51.78
N ILE I 106 -17.42 14.34 -52.55
CA ILE I 106 -17.67 12.94 -52.86
C ILE I 106 -16.85 12.56 -54.09
N LYS I 107 -16.03 11.51 -53.95
CA LYS I 107 -15.23 11.02 -55.06
C LYS I 107 -15.55 9.56 -55.36
N GLN J 1 -33.90 18.40 -23.25
CA GLN J 1 -33.46 18.94 -24.56
C GLN J 1 -33.72 20.45 -24.58
N VAL J 2 -32.77 21.22 -25.11
CA VAL J 2 -32.89 22.71 -25.14
C VAL J 2 -33.09 23.12 -26.60
N GLN J 3 -34.10 23.97 -26.87
CA GLN J 3 -34.33 24.45 -28.25
C GLN J 3 -34.23 25.98 -28.27
N LEU J 4 -33.41 26.51 -29.16
CA LEU J 4 -33.19 27.98 -29.20
C LEU J 4 -33.98 28.54 -30.39
N GLN J 5 -34.76 29.60 -30.17
CA GLN J 5 -35.53 30.23 -31.27
C GLN J 5 -35.13 31.71 -31.38
N GLU J 6 -34.89 32.19 -32.58
CA GLU J 6 -34.42 33.60 -32.74
C GLU J 6 -35.33 34.37 -33.69
N SER J 7 -35.71 35.60 -33.32
CA SER J 7 -36.52 36.45 -34.19
C SER J 7 -35.74 37.70 -34.54
N GLY J 8 -35.89 38.17 -35.78
CA GLY J 8 -35.19 39.35 -36.23
C GLY J 8 -35.93 40.08 -37.33
N PRO J 9 -35.56 41.34 -37.57
CA PRO J 9 -36.21 42.11 -38.64
C PRO J 9 -35.87 41.61 -40.03
N GLY J 10 -34.64 41.15 -40.24
CA GLY J 10 -34.22 40.64 -41.53
C GLY J 10 -33.64 41.66 -42.48
N LEU J 11 -33.89 42.95 -42.23
CA LEU J 11 -33.34 44.02 -43.05
C LEU J 11 -33.17 45.24 -42.17
N VAL J 12 -32.02 45.91 -42.29
CA VAL J 12 -31.75 47.14 -41.51
C VAL J 12 -30.80 48.03 -42.32
N LYS J 13 -31.16 49.29 -42.54
CA LYS J 13 -30.30 50.20 -43.33
C LYS J 13 -29.07 50.58 -42.50
N PRO J 14 -27.94 50.98 -43.10
CA PRO J 14 -26.73 51.27 -42.33
C PRO J 14 -26.91 52.40 -41.31
N SER J 15 -26.24 52.31 -40.15
CA SER J 15 -26.31 53.34 -39.08
C SER J 15 -27.67 53.34 -38.40
N GLU J 16 -28.42 52.24 -38.51
CA GLU J 16 -29.73 52.12 -37.82
C GLU J 16 -29.61 51.08 -36.71
N ILE J 17 -30.10 51.39 -35.51
CA ILE J 17 -30.02 50.45 -34.36
C ILE J 17 -30.50 49.07 -34.79
N LEU J 18 -29.88 48.01 -34.24
CA LEU J 18 -30.23 46.63 -34.58
C LEU J 18 -30.53 45.89 -33.29
N SER J 19 -31.75 45.36 -33.18
CA SER J 19 -32.21 44.66 -31.99
C SER J 19 -32.54 43.22 -32.36
N LEU J 20 -32.03 42.28 -31.58
CA LEU J 20 -32.25 40.86 -31.81
C LEU J 20 -32.74 40.20 -30.53
N THR J 21 -33.73 39.33 -30.64
CA THR J 21 -34.29 38.61 -29.50
C THR J 21 -34.18 37.11 -29.77
N CYS J 22 -33.61 36.38 -28.82
CA CYS J 22 -33.54 34.92 -28.88
C CYS J 22 -34.16 34.36 -27.61
N ALA J 23 -35.18 33.53 -27.77
CA ALA J 23 -35.90 32.93 -26.65
C ALA J 23 -35.58 31.44 -26.57
N VAL J 24 -35.55 30.92 -25.36
CA VAL J 24 -35.19 29.52 -25.09
C VAL J 24 -36.43 28.79 -24.59
N SER J 25 -36.62 27.56 -25.07
CA SER J 25 -37.72 26.71 -24.64
C SER J 25 -37.15 25.46 -23.99
N GLY J 26 -37.70 25.08 -22.84
CA GLY J 26 -37.23 23.92 -22.11
C GLY J 26 -36.04 24.15 -21.22
N GLY J 27 -35.55 25.39 -21.11
CA GLY J 27 -34.41 25.68 -20.27
C GLY J 27 -34.58 27.02 -19.58
N SER J 28 -33.74 27.25 -18.59
CA SER J 28 -33.76 28.47 -17.80
C SER J 28 -32.39 29.12 -17.84
N PHE J 29 -32.31 30.34 -17.31
CA PHE J 29 -31.06 31.11 -17.27
C PHE J 29 -30.33 30.84 -15.94
N SER J 30 -30.12 29.56 -15.66
CA SER J 30 -29.51 29.13 -14.41
C SER J 30 -28.39 28.15 -14.70
N SER J 31 -27.18 28.48 -14.21
CA SER J 31 -26.00 27.61 -14.25
C SER J 31 -25.58 27.25 -15.68
N TYR J 32 -25.92 28.10 -16.65
CA TYR J 32 -25.56 27.86 -18.04
C TYR J 32 -25.37 29.21 -18.72
N CYS J 33 -24.18 29.46 -19.25
CA CYS J 33 -23.93 30.71 -19.94
C CYS J 33 -24.60 30.70 -21.31
N TRP J 34 -24.72 31.89 -21.91
CA TRP J 34 -25.37 32.03 -23.20
C TRP J 34 -24.53 32.95 -24.08
N GLY J 35 -24.24 32.51 -25.30
CA GLY J 35 -23.36 33.23 -26.18
C GLY J 35 -23.99 33.53 -27.52
N TRP J 36 -23.33 34.40 -28.28
CA TRP J 36 -23.80 34.85 -29.58
C TRP J 36 -22.72 34.59 -30.63
N ILE J 37 -23.12 34.00 -31.76
CA ILE J 37 -22.22 33.62 -32.83
C ILE J 37 -22.77 34.17 -34.15
N ARG J 38 -21.90 34.73 -34.98
CA ARG J 38 -22.28 35.19 -36.30
C ARG J 38 -21.28 34.69 -37.34
N GLN J 39 -21.73 34.66 -38.59
CA GLN J 39 -20.83 34.35 -39.70
C GLN J 39 -21.26 35.08 -40.97
N PRO J 40 -20.34 35.72 -41.67
CA PRO J 40 -20.64 36.27 -42.99
C PRO J 40 -20.74 35.15 -44.02
N PRO J 41 -21.39 35.40 -45.15
CA PRO J 41 -21.47 34.35 -46.19
C PRO J 41 -20.11 34.04 -46.78
N GLY J 42 -19.79 32.75 -46.83
CA GLY J 42 -18.50 32.31 -47.35
C GLY J 42 -17.33 32.59 -46.43
N LYS J 43 -17.60 32.82 -45.15
CA LYS J 43 -16.46 33.01 -44.23
C LYS J 43 -16.62 32.08 -43.04
N GLY J 44 -15.82 32.33 -42.00
CA GLY J 44 -15.86 31.51 -40.81
C GLY J 44 -16.78 32.05 -39.73
N LEU J 45 -16.81 31.35 -38.60
CA LEU J 45 -17.62 31.76 -37.47
C LEU J 45 -16.89 32.80 -36.62
N GLU J 46 -17.65 33.78 -36.11
CA GLU J 46 -17.13 34.76 -35.16
C GLU J 46 -17.93 34.70 -33.87
N TRP J 47 -17.31 35.13 -32.78
CA TRP J 47 -17.96 35.16 -31.47
C TRP J 47 -18.15 36.61 -31.06
N ILE J 48 -19.39 36.98 -30.72
CA ILE J 48 -19.69 38.36 -30.36
C ILE J 48 -19.53 38.56 -28.85
N GLY J 49 -20.33 37.87 -28.05
CA GLY J 49 -20.31 38.08 -26.61
C GLY J 49 -21.01 36.95 -25.90
N SER J 50 -21.00 37.04 -24.56
CA SER J 50 -21.54 35.97 -23.74
C SER J 50 -22.16 36.53 -22.46
N ILE J 51 -23.34 36.03 -22.12
CA ILE J 51 -24.00 36.44 -20.85
C ILE J 51 -24.20 35.16 -20.05
N CYS J 52 -23.71 35.13 -18.81
CA CYS J 52 -23.76 33.87 -18.02
C CYS J 52 -24.55 34.06 -16.73
N GLY J 53 -25.02 32.97 -16.14
CA GLY J 53 -25.85 33.07 -14.93
C GLY J 53 -27.08 33.88 -15.25
N SER J 54 -27.31 34.96 -14.50
CA SER J 54 -28.43 35.87 -14.85
C SER J 54 -27.89 37.29 -14.91
N GLY J 55 -27.07 37.58 -15.91
CA GLY J 55 -26.47 38.92 -16.05
C GLY J 55 -25.27 39.03 -15.14
N GLY J 56 -24.94 37.94 -14.44
CA GLY J 56 -23.79 37.95 -13.53
C GLY J 56 -22.51 38.16 -14.30
N SER J 57 -22.37 37.50 -15.45
CA SER J 57 -21.11 37.59 -16.22
C SER J 57 -21.38 38.16 -17.61
N ASN J 58 -20.65 39.20 -18.01
CA ASN J 58 -20.82 39.76 -19.37
C ASN J 58 -19.43 39.82 -20.01
N TYR J 59 -19.18 38.99 -21.02
CA TYR J 59 -17.87 39.03 -21.73
C TYR J 59 -18.15 39.40 -23.19
N LEU J 60 -17.49 40.45 -23.69
CA LEU J 60 -17.69 40.88 -25.10
C LEU J 60 -16.39 40.65 -25.88
N ASN J 61 -16.49 40.37 -27.19
CA ASN J 61 -15.27 40.22 -28.03
C ASN J 61 -14.56 41.57 -28.00
N PRO J 62 -13.23 41.63 -27.82
CA PRO J 62 -12.56 42.92 -27.67
C PRO J 62 -12.76 43.82 -28.89
N SER J 63 -12.70 43.25 -30.10
CA SER J 63 -12.79 44.08 -31.32
C SER J 63 -14.16 44.76 -31.45
N LEU J 64 -15.25 44.06 -31.17
CA LEU J 64 -16.60 44.64 -31.38
C LEU J 64 -17.10 45.23 -30.06
N LYS J 65 -16.31 45.16 -29.01
CA LYS J 65 -16.76 45.60 -27.66
C LYS J 65 -17.51 46.94 -27.71
N SER J 66 -16.99 47.93 -28.44
CA SER J 66 -17.59 49.29 -28.35
C SER J 66 -19.05 49.31 -28.81
N ARG J 67 -19.38 48.60 -29.89
CA ARG J 67 -20.76 48.73 -30.43
C ARG J 67 -21.71 47.66 -29.88
N VAL J 68 -21.22 46.71 -29.08
CA VAL J 68 -22.14 45.62 -28.67
C VAL J 68 -22.58 45.76 -27.22
N THR J 69 -23.88 45.56 -26.96
CA THR J 69 -24.41 45.59 -25.57
C THR J 69 -25.32 44.38 -25.40
N LEU J 70 -25.16 43.61 -24.32
CA LEU J 70 -25.93 42.35 -24.17
C LEU J 70 -26.77 42.39 -22.89
N SER J 71 -28.08 42.20 -22.99
CA SER J 71 -29.00 42.20 -21.85
C SER J 71 -29.51 40.78 -21.62
N VAL J 72 -29.77 40.45 -20.35
CA VAL J 72 -30.19 39.04 -20.01
C VAL J 72 -31.72 38.90 -20.01
N ASP J 73 -32.44 39.79 -19.32
CA ASP J 73 -33.93 39.75 -19.30
C ASP J 73 -34.44 38.36 -18.90
N THR J 74 -33.98 37.84 -17.75
CA THR J 74 -34.34 36.45 -17.32
C THR J 74 -35.84 36.30 -17.14
N SER J 75 -36.51 37.35 -16.67
CA SER J 75 -37.95 37.21 -16.33
C SER J 75 -38.76 36.76 -17.54
N LYS J 76 -38.44 37.29 -18.73
CA LYS J 76 -39.21 36.94 -19.95
C LYS J 76 -38.56 35.73 -20.61
N ASN J 77 -37.50 35.18 -20.02
CA ASN J 77 -36.79 33.99 -20.56
C ASN J 77 -36.29 34.30 -21.98
N GLN J 78 -35.77 35.50 -22.21
CA GLN J 78 -35.19 35.81 -23.54
C GLN J 78 -33.95 36.70 -23.39
N PHE J 79 -32.80 36.28 -23.94
CA PHE J 79 -31.62 37.13 -23.90
C PHE J 79 -31.47 37.84 -25.24
N SER J 80 -31.10 39.12 -25.19
CA SER J 80 -31.16 39.98 -26.36
C SER J 80 -29.82 40.65 -26.60
N LEU J 81 -29.60 41.03 -27.85
CA LEU J 81 -28.39 41.74 -28.28
C LEU J 81 -28.82 43.05 -28.92
N ILE J 82 -28.13 44.13 -28.56
CA ILE J 82 -28.41 45.46 -29.08
C ILE J 82 -27.18 45.95 -29.84
N LEU J 83 -27.37 46.37 -31.08
CA LEU J 83 -26.29 46.83 -31.93
C LEU J 83 -26.59 48.23 -32.44
N ASN J 84 -25.56 49.06 -32.50
CA ASN J 84 -25.63 50.41 -33.05
C ASN J 84 -24.50 50.65 -34.04
N SER J 85 -24.73 51.61 -34.94
CA SER J 85 -23.78 52.00 -35.99
C SER J 85 -23.38 50.82 -36.87
N VAL J 86 -24.36 50.01 -37.24
CA VAL J 86 -24.11 48.84 -38.08
C VAL J 86 -23.83 49.30 -39.51
N THR J 87 -22.80 48.73 -40.12
CA THR J 87 -22.37 49.08 -41.47
C THR J 87 -22.60 47.89 -42.40
N ALA J 88 -22.21 48.07 -43.67
CA ALA J 88 -22.37 47.02 -44.67
C ALA J 88 -21.41 45.86 -44.45
N ALA J 89 -20.32 46.07 -43.71
CA ALA J 89 -19.38 45.00 -43.41
C ALA J 89 -19.89 44.07 -42.32
N ASP J 90 -20.96 44.45 -41.62
CA ASP J 90 -21.50 43.66 -40.52
C ASP J 90 -22.63 42.73 -40.94
N THR J 91 -22.85 42.54 -42.23
CA THR J 91 -23.86 41.59 -42.67
C THR J 91 -23.40 40.17 -42.39
N ALA J 92 -24.29 39.37 -41.83
CA ALA J 92 -23.95 38.03 -41.36
C ALA J 92 -25.23 37.24 -41.14
N VAL J 93 -25.07 36.00 -40.69
CA VAL J 93 -26.19 35.17 -40.25
C VAL J 93 -26.02 34.97 -38.75
N TYR J 94 -26.97 35.49 -37.98
CA TYR J 94 -26.83 35.56 -36.53
C TYR J 94 -27.34 34.28 -35.88
N TYR J 95 -26.51 33.70 -35.00
CA TYR J 95 -26.81 32.47 -34.30
C TYR J 95 -26.80 32.74 -32.80
N CYS J 96 -27.83 32.25 -32.11
CA CYS J 96 -27.84 32.24 -30.64
C CYS J 96 -27.74 30.81 -30.17
N ALA J 97 -26.86 30.55 -29.21
CA ALA J 97 -26.64 29.14 -28.77
C ALA J 97 -26.25 29.04 -27.30
N ARG J 98 -26.15 27.82 -26.77
CA ARG J 98 -25.87 27.65 -25.32
C ARG J 98 -24.56 26.90 -25.09
N GLU J 99 -23.80 27.32 -24.08
CA GLU J 99 -22.53 26.66 -23.71
C GLU J 99 -22.89 25.66 -22.62
N GLY J 100 -22.90 24.37 -22.91
CA GLY J 100 -23.37 23.42 -21.89
C GLY J 100 -22.36 22.38 -21.46
N ILE J 101 -21.24 22.24 -22.16
CA ILE J 101 -20.33 21.15 -21.75
C ILE J 101 -19.86 21.47 -20.34
N THR J 102 -19.98 20.52 -19.42
CA THR J 102 -19.59 20.77 -18.01
C THR J 102 -18.68 19.64 -17.56
N ILE J 103 -17.51 19.95 -17.01
CA ILE J 103 -16.65 18.87 -16.45
C ILE J 103 -16.30 19.23 -15.00
N PHE J 104 -16.49 18.29 -14.08
CA PHE J 104 -16.05 18.52 -12.70
C PHE J 104 -16.75 19.73 -12.06
N GLY J 105 -18.00 19.97 -12.45
CA GLY J 105 -18.82 21.00 -11.84
C GLY J 105 -18.74 22.37 -12.50
N VAL J 106 -17.75 22.58 -13.35
CA VAL J 106 -17.57 23.88 -14.00
C VAL J 106 -17.82 23.71 -15.50
N VAL J 107 -18.38 24.74 -16.12
CA VAL J 107 -18.73 24.70 -17.53
C VAL J 107 -17.49 24.98 -18.38
N ILE J 108 -17.43 24.35 -19.54
CA ILE J 108 -16.35 24.59 -20.49
C ILE J 108 -16.64 25.90 -21.23
N PRO J 109 -15.70 26.83 -21.29
CA PRO J 109 -16.00 28.14 -21.88
C PRO J 109 -16.13 28.08 -23.39
N ARG J 110 -17.18 28.75 -23.89
CA ARG J 110 -17.35 28.93 -25.36
C ARG J 110 -17.18 27.66 -26.19
N VAL J 111 -17.70 26.52 -25.73
CA VAL J 111 -17.68 25.31 -26.54
C VAL J 111 -19.13 24.83 -26.63
N LEU J 112 -19.80 25.20 -27.72
CA LEU J 112 -21.25 25.26 -27.79
C LEU J 112 -21.81 23.93 -28.28
N ASP J 113 -22.71 23.33 -27.51
CA ASP J 113 -23.26 22.03 -27.89
C ASP J 113 -24.60 22.14 -28.62
N SER J 114 -25.48 23.04 -28.16
CA SER J 114 -26.81 23.20 -28.73
C SER J 114 -26.91 24.56 -29.40
N TRP J 115 -27.35 24.57 -30.65
CA TRP J 115 -27.38 25.78 -31.46
C TRP J 115 -28.80 26.05 -31.95
N GLY J 116 -29.06 27.32 -32.28
CA GLY J 116 -30.33 27.70 -32.85
C GLY J 116 -30.39 27.46 -34.34
N GLN J 117 -31.56 27.71 -34.92
CA GLN J 117 -31.74 27.50 -36.35
C GLN J 117 -30.96 28.54 -37.16
N GLY J 118 -30.94 29.77 -36.71
CA GLY J 118 -30.22 30.82 -37.40
C GLY J 118 -31.17 31.84 -38.00
N ALA J 119 -30.77 33.10 -37.94
CA ALA J 119 -31.53 34.20 -38.51
C ALA J 119 -30.62 35.02 -39.41
N VAL J 120 -31.10 35.33 -40.61
CA VAL J 120 -30.32 36.07 -41.60
C VAL J 120 -30.61 37.56 -41.42
N VAL J 121 -29.54 38.36 -41.39
CA VAL J 121 -29.63 39.81 -41.30
C VAL J 121 -28.70 40.40 -42.34
N THR J 122 -29.25 41.22 -43.24
CA THR J 122 -28.47 41.86 -44.27
C THR J 122 -28.56 43.37 -44.12
N VAL J 123 -27.49 44.05 -44.54
CA VAL J 123 -27.38 45.49 -44.45
C VAL J 123 -27.31 46.05 -45.86
N SER J 124 -28.26 46.91 -46.21
CA SER J 124 -28.35 47.43 -47.56
C SER J 124 -29.12 48.75 -47.52
N SER J 125 -29.07 49.47 -48.63
CA SER J 125 -29.80 50.71 -48.77
C SER J 125 -30.99 50.54 -49.69
N ASP K 1 -19.82 35.78 26.00
CA ASP K 1 -19.72 35.97 24.56
C ASP K 1 -20.48 34.86 23.83
N ILE K 2 -20.13 33.62 24.12
CA ILE K 2 -20.83 32.45 23.59
C ILE K 2 -21.90 32.07 24.60
N GLN K 3 -23.15 32.42 24.31
CA GLN K 3 -24.23 32.20 25.26
C GLN K 3 -24.59 30.73 25.36
N MET K 4 -24.88 30.27 26.57
CA MET K 4 -25.16 28.87 26.85
C MET K 4 -26.60 28.70 27.31
N THR K 5 -27.28 27.70 26.76
CA THR K 5 -28.64 27.36 27.16
C THR K 5 -28.72 25.86 27.44
N GLN K 6 -29.68 25.49 28.28
CA GLN K 6 -29.88 24.10 28.66
C GLN K 6 -31.35 23.73 28.52
N SER K 7 -31.60 22.46 28.19
CA SER K 7 -32.95 21.94 28.05
C SER K 7 -32.89 20.43 28.27
N PRO K 8 -33.82 19.87 29.07
CA PRO K 8 -34.87 20.54 29.86
C PRO K 8 -34.32 21.19 31.12
N SER K 9 -35.05 22.18 31.65
CA SER K 9 -34.62 22.85 32.87
C SER K 9 -34.69 21.92 34.08
N SER K 10 -35.79 21.17 34.20
CA SER K 10 -35.98 20.24 35.30
C SER K 10 -36.53 18.93 34.75
N LEU K 11 -35.98 17.82 35.23
CA LEU K 11 -36.42 16.50 34.80
C LEU K 11 -36.42 15.58 36.01
N SER K 12 -37.37 14.65 36.04
CA SER K 12 -37.48 13.67 37.11
C SER K 12 -37.57 12.27 36.49
N ALA K 13 -36.85 11.32 37.09
CA ALA K 13 -36.84 9.96 36.61
C ALA K 13 -36.54 9.01 37.76
N SER K 14 -36.86 7.74 37.55
CA SER K 14 -36.65 6.72 38.57
C SER K 14 -35.29 6.03 38.36
N VAL K 15 -35.01 5.05 39.20
CA VAL K 15 -33.75 4.34 39.14
C VAL K 15 -33.75 3.37 37.97
N GLY K 16 -32.69 3.42 37.16
CA GLY K 16 -32.55 2.56 36.01
C GLY K 16 -33.07 3.12 34.70
N ASP K 17 -33.60 4.33 34.70
CA ASP K 17 -34.13 4.93 33.49
C ASP K 17 -33.00 5.53 32.65
N THR K 18 -33.36 5.91 31.42
CA THR K 18 -32.44 6.55 30.48
C THR K 18 -32.85 8.00 30.31
N VAL K 19 -31.92 8.92 30.58
CA VAL K 19 -32.19 10.36 30.56
C VAL K 19 -31.20 11.02 29.62
N THR K 20 -31.71 11.85 28.72
CA THR K 20 -30.89 12.64 27.80
C THR K 20 -31.03 14.11 28.16
N ILE K 21 -29.89 14.77 28.39
CA ILE K 21 -29.85 16.19 28.70
C ILE K 21 -29.15 16.91 27.57
N THR K 22 -29.81 17.92 27.00
CA THR K 22 -29.34 18.60 25.80
C THR K 22 -29.03 20.06 26.13
N CYS K 23 -27.75 20.35 26.38
CA CYS K 23 -27.32 21.74 26.46
C CYS K 23 -27.06 22.26 25.05
N ARG K 24 -27.46 23.50 24.77
CA ARG K 24 -27.35 24.04 23.38
C ARG K 24 -26.56 25.33 23.37
N ALA K 25 -25.80 25.60 22.29
CA ALA K 25 -24.91 26.78 22.28
C ALA K 25 -25.30 27.79 21.20
N SER K 26 -25.10 29.08 21.47
CA SER K 26 -25.47 30.15 20.51
C SER K 26 -24.68 30.03 19.20
N GLN K 27 -23.38 29.75 19.29
CA GLN K 27 -22.54 29.70 18.07
C GLN K 27 -21.78 28.37 18.07
N SER K 28 -21.30 27.92 16.91
CA SER K 28 -20.65 26.59 16.88
C SER K 28 -19.44 26.58 17.80
N ILE K 29 -19.34 25.57 18.65
CA ILE K 29 -18.17 25.44 19.57
C ILE K 29 -17.40 24.20 19.15
N SER K 30 -17.64 23.73 17.93
CA SER K 30 -16.97 22.51 17.42
C SER K 30 -17.27 21.34 18.35
N SER K 31 -16.24 20.61 18.78
CA SER K 31 -16.47 19.41 19.62
C SER K 31 -16.03 19.67 21.06
N TRP K 32 -15.84 20.94 21.43
CA TRP K 32 -15.27 21.22 22.77
C TRP K 32 -16.37 21.48 23.81
N LEU K 33 -16.50 20.60 24.81
CA LEU K 33 -17.54 20.73 25.86
C LEU K 33 -17.08 20.06 27.15
N ALA K 34 -17.47 20.58 28.31
CA ALA K 34 -17.20 19.97 29.59
C ALA K 34 -18.51 19.76 30.33
N TRP K 35 -18.68 18.59 30.93
CA TRP K 35 -19.88 18.24 31.67
C TRP K 35 -19.52 18.02 33.13
N TYR K 36 -20.18 18.74 34.02
CA TYR K 36 -19.94 18.65 35.45
C TYR K 36 -21.22 18.33 36.19
N GLN K 37 -21.12 17.48 37.21
CA GLN K 37 -22.23 17.23 38.12
C GLN K 37 -21.85 17.76 39.50
N GLN K 38 -22.81 18.42 40.16
CA GLN K 38 -22.55 19.07 41.44
C GLN K 38 -23.51 18.51 42.49
N LYS K 39 -22.96 17.78 43.45
CA LYS K 39 -23.72 17.41 44.63
C LYS K 39 -24.04 18.66 45.44
N PRO K 40 -25.15 18.67 46.17
CA PRO K 40 -25.50 19.86 46.97
C PRO K 40 -24.49 20.11 48.08
N GLY K 41 -23.77 21.23 47.97
CA GLY K 41 -22.76 21.58 48.94
C GLY K 41 -21.43 20.91 48.77
N LYS K 42 -21.17 20.28 47.62
CA LYS K 42 -19.92 19.57 47.38
C LYS K 42 -19.25 20.11 46.12
N ALA K 43 -18.04 19.64 45.88
CA ALA K 43 -17.28 20.10 44.73
C ALA K 43 -17.75 19.38 43.47
N PRO K 44 -18.03 20.11 42.39
CA PRO K 44 -18.35 19.46 41.12
C PRO K 44 -17.16 18.69 40.55
N ASN K 45 -17.47 17.64 39.80
CA ASN K 45 -16.47 16.74 39.25
C ASN K 45 -16.64 16.63 37.74
N LEU K 46 -15.56 16.28 37.05
CA LEU K 46 -15.57 16.19 35.60
C LEU K 46 -16.23 14.88 35.16
N LEU K 47 -17.04 14.96 34.12
CA LEU K 47 -17.66 13.78 33.51
C LEU K 47 -17.19 13.55 32.09
N ILE K 48 -17.39 14.52 31.20
CA ILE K 48 -17.12 14.38 29.79
C ILE K 48 -16.27 15.55 29.33
N TYR K 49 -15.18 15.26 28.64
CA TYR K 49 -14.36 16.28 28.00
C TYR K 49 -14.31 16.03 26.50
N ARG K 50 -14.38 17.09 25.68
CA ARG K 50 -14.36 16.97 24.19
C ARG K 50 -15.66 16.34 23.67
N ALA K 51 -16.72 16.26 24.51
CA ALA K 51 -18.05 15.80 24.13
C ALA K 51 -18.14 14.34 23.68
N SER K 52 -17.04 13.59 23.65
CA SER K 52 -17.08 12.21 23.20
C SER K 52 -16.26 11.25 24.04
N THR K 53 -15.48 11.72 25.00
CA THR K 53 -14.53 10.88 25.73
C THR K 53 -14.84 10.90 27.22
N LEU K 54 -14.36 9.86 27.91
CA LEU K 54 -14.62 9.65 29.33
C LEU K 54 -13.35 9.90 30.12
N GLN K 55 -13.47 10.74 31.15
CA GLN K 55 -12.34 10.97 32.04
C GLN K 55 -12.22 9.81 33.03
N SER K 56 -10.98 9.42 33.34
CA SER K 56 -10.75 8.21 34.12
C SER K 56 -11.18 8.41 35.58
N GLY K 57 -11.74 7.36 36.16
CA GLY K 57 -12.35 7.45 37.47
C GLY K 57 -13.83 7.74 37.45
N VAL K 58 -14.44 7.84 36.28
CA VAL K 58 -15.88 8.06 36.12
C VAL K 58 -16.48 6.75 35.64
N PRO K 59 -17.63 6.32 36.17
CA PRO K 59 -18.27 5.08 35.69
C PRO K 59 -18.63 5.17 34.21
N SER K 60 -18.54 4.01 33.54
CA SER K 60 -18.72 3.96 32.09
C SER K 60 -20.19 4.01 31.67
N ARG K 61 -21.11 4.11 32.63
CA ARG K 61 -22.52 4.22 32.28
C ARG K 61 -22.83 5.55 31.60
N PHE K 62 -22.05 6.58 31.90
CA PHE K 62 -22.25 7.88 31.27
C PHE K 62 -21.70 7.88 29.84
N SER K 63 -22.43 8.54 28.95
CA SER K 63 -22.02 8.65 27.55
C SER K 63 -22.44 10.00 27.00
N GLY K 64 -21.56 10.62 26.22
CA GLY K 64 -21.86 11.89 25.59
C GLY K 64 -21.53 11.85 24.12
N SER K 65 -22.28 12.65 23.35
CA SER K 65 -22.11 12.70 21.90
C SER K 65 -22.70 14.01 21.39
N GLY K 66 -22.44 14.29 20.12
CA GLY K 66 -23.00 15.44 19.45
C GLY K 66 -21.93 16.33 18.83
N SER K 67 -22.39 17.17 17.92
CA SER K 67 -21.53 18.13 17.24
C SER K 67 -22.39 19.29 16.75
N GLY K 68 -21.73 20.40 16.43
CA GLY K 68 -22.47 21.56 15.95
C GLY K 68 -23.05 22.37 17.08
N THR K 69 -24.29 22.84 16.90
CA THR K 69 -24.92 23.67 17.91
C THR K 69 -25.65 22.84 18.96
N ASP K 70 -25.82 21.54 18.71
CA ASP K 70 -26.60 20.67 19.57
C ASP K 70 -25.73 19.54 20.10
N PHE K 71 -25.90 19.22 21.39
CA PHE K 71 -25.17 18.15 22.04
C PHE K 71 -26.09 17.42 23.00
N THR K 72 -25.77 16.16 23.27
CA THR K 72 -26.56 15.34 24.19
C THR K 72 -25.62 14.57 25.13
N LEU K 73 -26.10 14.33 26.34
CA LEU K 73 -25.48 13.40 27.27
C LEU K 73 -26.50 12.32 27.60
N THR K 74 -26.12 11.06 27.42
CA THR K 74 -26.99 9.93 27.67
C THR K 74 -26.46 9.10 28.81
N ILE K 75 -27.30 8.85 29.81
CA ILE K 75 -26.97 8.00 30.94
C ILE K 75 -27.79 6.71 30.79
N SER K 76 -27.11 5.56 30.91
CA SER K 76 -27.80 4.29 30.71
C SER K 76 -28.60 3.90 31.93
N SER K 77 -27.93 3.68 33.06
CA SER K 77 -28.58 3.35 34.33
C SER K 77 -28.30 4.47 35.32
N LEU K 78 -29.35 5.05 35.87
CA LEU K 78 -29.23 6.21 36.76
C LEU K 78 -29.43 5.73 38.18
N GLN K 79 -28.37 5.75 38.97
CA GLN K 79 -28.42 5.31 40.35
C GLN K 79 -28.70 6.48 41.29
N SER K 80 -28.56 6.23 42.60
CA SER K 80 -28.90 7.24 43.58
C SER K 80 -27.89 8.38 43.59
N GLU K 81 -26.62 8.07 43.32
CA GLU K 81 -25.58 9.10 43.37
C GLU K 81 -25.64 10.02 42.17
N ASP K 82 -26.36 9.61 41.12
CA ASP K 82 -26.43 10.41 39.90
C ASP K 82 -27.60 11.37 39.88
N PHE K 83 -28.28 11.57 41.01
CA PHE K 83 -29.46 12.44 41.04
C PHE K 83 -29.11 13.91 41.22
N ALA K 84 -27.83 14.24 41.32
CA ALA K 84 -27.43 15.63 41.51
C ALA K 84 -27.60 16.42 40.21
N THR K 85 -27.44 17.74 40.33
CA THR K 85 -27.58 18.62 39.18
C THR K 85 -26.41 18.44 38.21
N TYR K 86 -26.61 18.89 36.97
CA TYR K 86 -25.59 18.78 35.93
C TYR K 86 -25.37 20.13 35.28
N PHE K 87 -24.18 20.31 34.70
CA PHE K 87 -23.79 21.57 34.08
C PHE K 87 -23.15 21.33 32.73
N CYS K 88 -23.25 22.33 31.86
CA CYS K 88 -22.65 22.31 30.53
C CYS K 88 -21.72 23.52 30.40
N GLN K 89 -20.51 23.29 29.91
CA GLN K 89 -19.50 24.34 29.80
C GLN K 89 -18.85 24.31 28.42
N GLN K 90 -18.63 25.49 27.86
CA GLN K 90 -17.90 25.66 26.61
C GLN K 90 -16.48 26.11 26.94
N SER K 91 -15.53 25.77 26.07
CA SER K 91 -14.12 26.02 26.33
C SER K 91 -13.37 26.61 25.14
N THR K 92 -14.05 27.36 24.26
CA THR K 92 -13.36 27.82 23.04
C THR K 92 -12.84 29.24 23.19
N SER K 93 -13.41 30.04 24.09
CA SER K 93 -13.06 31.45 24.14
C SER K 93 -13.46 32.03 25.50
N SER K 94 -12.91 33.20 25.80
CA SER K 94 -13.30 33.93 26.99
C SER K 94 -14.51 34.81 26.70
N PRO K 95 -15.44 34.95 27.67
CA PRO K 95 -15.49 34.28 28.97
C PRO K 95 -15.99 32.84 28.86
N PHE K 96 -15.48 31.97 29.72
CA PHE K 96 -15.82 30.54 29.68
C PHE K 96 -17.04 30.33 30.55
N THR K 97 -18.20 30.73 30.02
CA THR K 97 -19.44 30.67 30.78
C THR K 97 -19.92 29.24 30.93
N PHE K 98 -20.82 29.03 31.89
CA PHE K 98 -21.34 27.71 32.21
C PHE K 98 -22.84 27.68 31.92
N GLY K 99 -23.39 26.47 31.89
CA GLY K 99 -24.81 26.29 31.69
C GLY K 99 -25.60 26.69 32.92
N PRO K 100 -26.88 27.01 32.72
CA PRO K 100 -27.75 27.33 33.88
C PRO K 100 -27.90 26.17 34.85
N GLY K 101 -27.91 24.95 34.36
CA GLY K 101 -28.00 23.79 35.24
C GLY K 101 -29.33 23.06 35.08
N THR K 102 -29.27 21.74 35.19
CA THR K 102 -30.44 20.88 35.10
C THR K 102 -30.49 19.98 36.33
N LYS K 103 -31.60 20.02 37.05
CA LYS K 103 -31.76 19.30 38.31
C LYS K 103 -32.49 17.99 38.06
N LEU K 104 -32.01 16.94 38.72
CA LEU K 104 -32.64 15.62 38.66
C LEU K 104 -33.26 15.31 40.02
N ASP K 105 -34.39 14.61 40.00
CA ASP K 105 -35.11 14.28 41.22
C ASP K 105 -35.82 12.94 41.06
N ILE K 106 -36.11 12.31 42.20
CA ILE K 106 -36.84 11.04 42.20
C ILE K 106 -38.30 11.31 41.90
N LYS K 107 -38.84 10.56 40.91
CA LYS K 107 -40.23 10.62 40.41
C LYS K 107 -40.85 12.02 40.32
N GLN L 1 -3.16 11.89 42.77
CA GLN L 1 -4.26 12.80 43.06
C GLN L 1 -3.80 13.94 43.97
N VAL L 2 -4.07 15.18 43.55
CA VAL L 2 -3.71 16.33 44.36
C VAL L 2 -4.83 16.66 45.34
N GLN L 3 -4.43 17.17 46.51
CA GLN L 3 -5.36 17.63 47.53
C GLN L 3 -5.33 19.16 47.57
N LEU L 4 -6.50 19.77 47.53
CA LEU L 4 -6.64 21.23 47.53
C LEU L 4 -7.28 21.68 48.84
N GLN L 5 -6.63 22.63 49.51
CA GLN L 5 -7.15 23.23 50.73
C GLN L 5 -7.12 24.75 50.59
N GLU L 6 -8.25 25.40 50.89
CA GLU L 6 -8.38 26.84 50.76
C GLU L 6 -8.73 27.45 52.10
N SER L 7 -8.14 28.60 52.40
CA SER L 7 -8.40 29.33 53.64
C SER L 7 -8.97 30.70 53.31
N GLY L 8 -10.07 31.05 53.97
CA GLY L 8 -10.72 32.32 53.75
C GLY L 8 -11.02 33.05 55.04
N PRO L 9 -11.16 34.38 54.95
CA PRO L 9 -11.51 35.14 56.16
C PRO L 9 -12.88 34.79 56.73
N GLY L 10 -13.84 34.44 55.89
CA GLY L 10 -15.17 34.08 56.33
C GLY L 10 -16.13 35.24 56.50
N LEU L 11 -15.63 36.47 56.53
CA LEU L 11 -16.47 37.65 56.66
C LEU L 11 -15.71 38.83 56.09
N VAL L 12 -16.42 39.71 55.38
CA VAL L 12 -15.79 40.84 54.72
C VAL L 12 -16.75 42.03 54.73
N LYS L 13 -16.23 43.20 55.08
CA LYS L 13 -16.94 44.48 55.04
C LYS L 13 -17.05 44.94 53.57
N PRO L 14 -17.95 45.86 53.27
CA PRO L 14 -17.96 46.46 51.92
C PRO L 14 -16.71 47.29 51.66
N SER L 15 -16.19 47.14 50.43
CA SER L 15 -15.15 48.02 49.86
C SER L 15 -13.83 47.97 50.64
N GLU L 16 -13.20 46.81 50.69
CA GLU L 16 -11.79 46.71 51.03
C GLU L 16 -11.18 45.51 50.31
N ILE L 17 -9.90 45.26 50.57
CA ILE L 17 -9.21 44.13 49.97
C ILE L 17 -9.78 42.82 50.50
N LEU L 18 -10.23 41.97 49.58
CA LEU L 18 -10.67 40.62 49.89
C LEU L 18 -9.64 39.65 49.35
N SER L 19 -9.02 38.86 50.23
CA SER L 19 -7.94 37.96 49.86
C SER L 19 -8.19 36.59 50.45
N LEU L 20 -8.10 35.56 49.61
CA LEU L 20 -8.15 34.17 50.05
C LEU L 20 -6.91 33.45 49.52
N THR L 21 -6.42 32.49 50.31
CA THR L 21 -5.22 31.73 49.97
C THR L 21 -5.59 30.26 49.83
N CYS L 22 -5.24 29.66 48.70
CA CYS L 22 -5.50 28.27 48.42
C CYS L 22 -4.19 27.51 48.38
N ALA L 23 -4.10 26.42 49.13
CA ALA L 23 -2.89 25.62 49.23
C ALA L 23 -3.13 24.24 48.62
N VAL L 24 -2.09 23.69 48.00
CA VAL L 24 -2.17 22.39 47.36
C VAL L 24 -1.11 21.47 47.97
N SER L 25 -1.48 20.22 48.21
CA SER L 25 -0.58 19.20 48.74
C SER L 25 -0.47 18.06 47.75
N GLY L 26 0.75 17.56 47.58
CA GLY L 26 1.00 16.49 46.63
C GLY L 26 1.21 16.95 45.21
N GLY L 27 1.28 18.25 44.95
CA GLY L 27 1.47 18.75 43.61
C GLY L 27 2.31 20.02 43.63
N SER L 28 2.78 20.39 42.44
CA SER L 28 3.62 21.57 42.27
C SER L 28 3.04 22.45 41.18
N PHE L 29 3.62 23.63 41.01
CA PHE L 29 3.16 24.61 40.03
C PHE L 29 3.90 24.42 38.71
N SER L 30 3.85 23.19 38.19
CA SER L 30 4.59 22.81 37.00
C SER L 30 3.64 22.20 35.98
N SER L 31 3.59 22.79 34.79
CA SER L 31 2.89 22.29 33.61
C SER L 31 1.38 22.14 33.82
N TYR L 32 0.81 22.83 34.81
CA TYR L 32 -0.62 22.78 35.08
C TYR L 32 -1.09 24.16 35.47
N CYS L 33 -2.16 24.63 34.84
CA CYS L 33 -2.71 25.93 35.19
C CYS L 33 -3.61 25.82 36.41
N TRP L 34 -3.86 26.96 37.04
CA TRP L 34 -4.67 27.02 38.26
C TRP L 34 -5.66 28.17 38.14
N GLY L 35 -6.91 27.93 38.49
CA GLY L 35 -7.96 28.91 38.30
C GLY L 35 -8.89 28.99 39.49
N TRP L 36 -9.70 30.06 39.49
CA TRP L 36 -10.67 30.33 40.52
C TRP L 36 -12.08 30.28 39.93
N ILE L 37 -12.99 29.59 40.61
CA ILE L 37 -14.39 29.48 40.22
C ILE L 37 -15.24 29.89 41.41
N ARG L 38 -16.23 30.74 41.18
CA ARG L 38 -17.16 31.15 42.23
C ARG L 38 -18.58 30.92 41.75
N GLN L 39 -19.47 30.60 42.68
CA GLN L 39 -20.89 30.49 42.40
C GLN L 39 -21.66 31.38 43.37
N PRO L 40 -22.60 32.18 42.91
CA PRO L 40 -23.49 32.88 43.82
C PRO L 40 -24.50 31.90 44.42
N PRO L 41 -25.15 32.25 45.53
CA PRO L 41 -26.11 31.32 46.14
C PRO L 41 -27.28 31.01 45.22
N GLY L 42 -27.36 29.75 44.81
CA GLY L 42 -28.45 29.27 43.97
C GLY L 42 -28.32 29.63 42.50
N LYS L 43 -27.16 30.11 42.08
CA LYS L 43 -26.94 30.47 40.69
C LYS L 43 -25.81 29.62 40.12
N GLY L 44 -25.58 29.76 38.82
CA GLY L 44 -24.61 28.93 38.14
C GLY L 44 -23.18 29.38 38.35
N LEU L 45 -22.25 28.54 37.89
CA LEU L 45 -20.83 28.81 38.03
C LEU L 45 -20.37 29.86 37.02
N GLU L 46 -19.25 30.51 37.36
CA GLU L 46 -18.57 31.43 36.45
C GLU L 46 -17.10 31.47 36.81
N TRP L 47 -16.27 31.92 35.87
CA TRP L 47 -14.82 31.84 35.99
C TRP L 47 -14.25 33.24 36.21
N ILE L 48 -13.48 33.39 37.30
CA ILE L 48 -12.92 34.71 37.62
C ILE L 48 -11.63 34.93 36.86
N GLY L 49 -10.68 34.02 36.98
CA GLY L 49 -9.39 34.18 36.36
C GLY L 49 -8.50 33.00 36.64
N SER L 50 -7.46 32.87 35.82
CA SER L 50 -6.60 31.69 35.88
C SER L 50 -5.14 32.09 35.75
N ILE L 51 -4.30 31.41 36.52
CA ILE L 51 -2.86 31.55 36.42
C ILE L 51 -2.31 30.22 35.91
N CYS L 52 -1.20 30.28 35.16
CA CYS L 52 -0.61 29.06 34.64
C CYS L 52 0.91 29.17 34.71
N GLY L 53 1.57 28.01 34.80
CA GLY L 53 3.00 27.97 35.02
C GLY L 53 3.37 28.57 36.36
N SER L 54 4.34 29.48 36.37
CA SER L 54 4.69 30.26 37.56
C SER L 54 4.71 31.74 37.17
N GLY L 55 3.53 32.36 37.19
CA GLY L 55 3.39 33.75 36.83
C GLY L 55 3.54 34.06 35.35
N GLY L 56 3.72 33.04 34.50
CA GLY L 56 3.97 33.32 33.10
C GLY L 56 2.72 33.68 32.32
N SER L 57 1.65 32.91 32.49
CA SER L 57 0.41 33.11 31.76
C SER L 57 -0.68 33.53 32.72
N ASN L 58 -1.24 34.72 32.50
CA ASN L 58 -2.30 35.27 33.34
C ASN L 58 -3.52 35.53 32.48
N TYR L 59 -4.65 34.94 32.85
CA TYR L 59 -5.92 35.14 32.16
C TYR L 59 -6.95 35.66 33.15
N LEU L 60 -7.67 36.70 32.75
CA LEU L 60 -8.66 37.33 33.60
C LEU L 60 -9.99 37.42 32.87
N ASN L 61 -11.07 37.46 33.63
CA ASN L 61 -12.38 37.71 33.06
C ASN L 61 -12.46 39.17 32.61
N PRO L 62 -13.08 39.44 31.45
CA PRO L 62 -13.21 40.83 31.00
C PRO L 62 -14.01 41.72 31.93
N SER L 63 -15.02 41.17 32.60
CA SER L 63 -15.85 41.97 33.50
C SER L 63 -15.10 42.31 34.79
N LEU L 64 -14.26 41.40 35.26
CA LEU L 64 -13.54 41.57 36.52
C LEU L 64 -12.06 41.87 36.32
N LYS L 65 -11.66 42.36 35.16
CA LYS L 65 -10.25 42.50 34.81
C LYS L 65 -9.52 43.49 35.71
N SER L 66 -10.15 44.62 36.02
CA SER L 66 -9.52 45.61 36.88
C SER L 66 -9.58 45.20 38.35
N ARG L 67 -10.50 44.31 38.69
CA ARG L 67 -10.79 44.07 40.10
C ARG L 67 -9.92 42.96 40.69
N VAL L 68 -9.61 41.92 39.91
CA VAL L 68 -8.90 40.74 40.40
C VAL L 68 -7.47 40.77 39.88
N THR L 69 -6.52 40.44 40.76
CA THR L 69 -5.12 40.22 40.40
C THR L 69 -4.66 38.91 41.03
N LEU L 70 -4.08 38.04 40.22
CA LEU L 70 -3.64 36.73 40.67
C LEU L 70 -2.14 36.74 40.91
N SER L 71 -1.73 36.22 42.06
CA SER L 71 -0.32 36.18 42.44
C SER L 71 0.04 34.76 42.87
N VAL L 72 1.26 34.33 42.52
CA VAL L 72 1.74 33.00 42.84
C VAL L 72 3.13 33.12 43.45
N ASP L 73 3.50 32.12 44.26
CA ASP L 73 4.85 31.98 44.80
C ASP L 73 5.09 30.50 45.07
N THR L 74 5.96 29.89 44.26
CA THR L 74 6.16 28.44 44.30
C THR L 74 6.87 28.01 45.58
N SER L 75 7.73 28.88 46.13
CA SER L 75 8.50 28.53 47.32
C SER L 75 7.60 28.29 48.53
N LYS L 76 6.58 29.12 48.71
CA LYS L 76 5.58 28.88 49.74
C LYS L 76 4.48 27.95 49.25
N ASN L 77 4.34 27.77 47.93
CA ASN L 77 3.44 26.82 47.29
C ASN L 77 1.98 27.13 47.64
N GLN L 78 1.57 28.37 47.38
CA GLN L 78 0.16 28.75 47.36
C GLN L 78 -0.09 29.69 46.20
N PHE L 79 -1.33 29.77 45.76
CA PHE L 79 -1.80 30.80 44.83
C PHE L 79 -2.98 31.51 45.47
N SER L 80 -3.02 32.83 45.33
CA SER L 80 -3.97 33.65 46.08
C SER L 80 -4.74 34.57 45.14
N LEU L 81 -5.92 34.97 45.57
CA LEU L 81 -6.78 35.92 44.86
C LEU L 81 -6.77 37.24 45.61
N ILE L 82 -6.57 38.33 44.89
CA ILE L 82 -6.62 39.67 45.44
C ILE L 82 -7.76 40.41 44.77
N LEU L 83 -8.71 40.88 45.56
CA LEU L 83 -9.90 41.55 45.06
C LEU L 83 -10.09 42.87 45.79
N ASN L 84 -10.23 43.95 45.03
CA ASN L 84 -10.46 45.27 45.59
C ASN L 84 -11.83 45.80 45.17
N SER L 85 -12.36 46.72 45.99
CA SER L 85 -13.69 47.30 45.83
C SER L 85 -14.77 46.21 45.77
N VAL L 86 -14.81 45.40 46.83
CA VAL L 86 -15.75 44.29 46.90
C VAL L 86 -17.17 44.84 47.08
N THR L 87 -18.14 44.16 46.44
CA THR L 87 -19.53 44.57 46.48
C THR L 87 -20.38 43.46 47.07
N ALA L 88 -21.68 43.74 47.20
CA ALA L 88 -22.60 42.76 47.76
C ALA L 88 -22.84 41.61 46.80
N ALA L 89 -22.65 41.84 45.50
CA ALA L 89 -22.83 40.78 44.51
C ALA L 89 -21.69 39.77 44.54
N ASP L 90 -20.60 40.09 45.25
CA ASP L 90 -19.45 39.20 45.29
C ASP L 90 -19.60 38.10 46.33
N THR L 91 -20.71 38.07 47.06
CA THR L 91 -20.97 36.99 48.01
C THR L 91 -21.11 35.67 47.26
N ALA L 92 -20.19 34.76 47.53
CA ALA L 92 -20.07 33.54 46.72
C ALA L 92 -19.30 32.50 47.51
N VAL L 93 -19.33 31.27 46.99
CA VAL L 93 -18.53 30.17 47.53
C VAL L 93 -17.30 29.99 46.64
N TYR L 94 -16.15 30.47 47.11
CA TYR L 94 -14.95 30.46 46.29
C TYR L 94 -14.37 29.05 46.19
N TYR L 95 -14.14 28.62 44.95
CA TYR L 95 -13.53 27.33 44.64
C TYR L 95 -12.20 27.59 43.94
N CYS L 96 -11.16 26.89 44.37
CA CYS L 96 -9.87 26.86 43.68
C CYS L 96 -9.66 25.45 43.14
N ALA L 97 -9.24 25.36 41.88
CA ALA L 97 -9.15 24.07 41.20
C ALA L 97 -7.97 24.07 40.26
N ARG L 98 -7.57 22.86 39.86
CA ARG L 98 -6.39 22.64 39.03
C ARG L 98 -6.82 22.28 37.62
N GLU L 99 -6.14 22.86 36.63
CA GLU L 99 -6.37 22.53 35.23
C GLU L 99 -5.55 21.28 34.87
N GLY L 100 -5.96 20.15 35.46
CA GLY L 100 -5.11 18.98 35.44
C GLY L 100 -5.20 18.17 34.17
N ILE L 101 -6.29 18.34 33.40
CA ILE L 101 -6.52 17.48 32.19
C ILE L 101 -5.74 17.97 30.97
N THR L 102 -5.23 17.05 30.15
CA THR L 102 -4.40 17.42 28.97
C THR L 102 -4.62 16.47 27.79
N ILE L 103 -4.53 16.98 26.56
CA ILE L 103 -4.61 16.10 25.34
C ILE L 103 -3.43 16.42 24.43
N PHE L 104 -2.71 15.42 23.94
CA PHE L 104 -1.61 15.65 22.97
C PHE L 104 -0.61 16.68 23.50
N GLY L 105 -0.37 16.68 24.82
CA GLY L 105 0.66 17.57 25.38
C GLY L 105 0.20 19.00 25.60
N VAL L 106 -1.06 19.33 25.33
CA VAL L 106 -1.51 20.71 25.67
C VAL L 106 -2.43 20.62 26.86
N VAL L 107 -2.47 21.67 27.68
CA VAL L 107 -3.45 21.65 28.80
C VAL L 107 -4.74 22.27 28.25
N ILE L 108 -5.81 21.46 28.14
CA ILE L 108 -7.10 21.95 27.57
C ILE L 108 -7.46 23.24 28.32
N PRO L 109 -7.99 24.32 27.71
CA PRO L 109 -8.25 25.52 28.49
C PRO L 109 -9.53 25.44 29.34
N ARG L 110 -9.44 25.78 30.63
CA ARG L 110 -10.64 25.88 31.51
C ARG L 110 -11.50 24.61 31.57
N VAL L 111 -10.90 23.42 31.61
CA VAL L 111 -11.66 22.15 31.85
C VAL L 111 -11.12 21.65 33.17
N LEU L 112 -11.91 21.70 34.24
CA LEU L 112 -11.41 21.41 35.58
C LEU L 112 -11.85 20.03 36.03
N ASP L 113 -10.99 19.35 36.80
CA ASP L 113 -11.29 18.01 37.29
C ASP L 113 -11.39 17.93 38.81
N SER L 114 -10.37 18.39 39.54
CA SER L 114 -10.33 18.27 40.99
C SER L 114 -10.39 19.66 41.60
N TRP L 115 -11.36 19.88 42.50
CA TRP L 115 -11.56 21.18 43.11
C TRP L 115 -11.33 21.07 44.62
N GLY L 116 -11.48 22.21 45.30
CA GLY L 116 -11.48 22.22 46.75
C GLY L 116 -12.88 22.05 47.31
N GLN L 117 -12.95 21.86 48.63
CA GLN L 117 -14.25 21.65 49.27
C GLN L 117 -15.05 22.94 49.41
N GLY L 118 -14.43 24.09 49.22
CA GLY L 118 -15.17 25.33 49.21
C GLY L 118 -14.97 26.14 50.48
N ALA L 119 -14.85 27.45 50.31
CA ALA L 119 -14.76 28.39 51.42
C ALA L 119 -15.82 29.46 51.23
N VAL L 120 -16.77 29.51 52.15
CA VAL L 120 -17.90 30.43 52.05
C VAL L 120 -17.46 31.81 52.52
N VAL L 121 -18.00 32.84 51.89
CA VAL L 121 -17.74 34.22 52.28
C VAL L 121 -18.97 35.05 51.92
N THR L 122 -19.35 35.95 52.82
CA THR L 122 -20.52 36.80 52.63
C THR L 122 -20.11 38.25 52.82
N VAL L 123 -20.72 39.12 52.02
CA VAL L 123 -20.51 40.56 52.10
C VAL L 123 -21.76 41.16 52.73
N SER L 124 -21.62 41.69 53.94
CA SER L 124 -22.76 42.21 54.69
C SER L 124 -22.26 43.22 55.71
N SER L 125 -23.20 43.79 56.45
CA SER L 125 -22.89 44.75 57.50
C SER L 125 -22.68 44.05 58.83
#